data_6BB0
#
_entry.id   6BB0
#
_cell.length_a   78.125
_cell.length_b   80.968
_cell.length_c   103.214
_cell.angle_alpha   90.00
_cell.angle_beta   98.33
_cell.angle_gamma   90.00
#
_symmetry.space_group_name_H-M   'P 1 21 1'
#
loop_
_entity.id
_entity.type
_entity.pdbx_description
1 polymer 'L-lactate dehydrogenase A chain'
2 non-polymer NICOTINAMIDE-ADENINE-DINUCLEOTIDE
3 non-polymer '4-(2-HYDROXYETHYL)-1-PIPERAZINE ETHANESULFONIC ACID'
4 non-polymer 'SULFATE ION'
5 non-polymer (6S)-3-[(2-chlorophenyl)sulfanyl]-4-hydroxy-6-(2-hydroxyphenyl)-6-phenyl-5,6-dihydro-2H-pyran-2-one
6 non-polymer 'LACTIC ACID'
7 water water
#
_entity_poly.entity_id   1
_entity_poly.type   'polypeptide(L)'
_entity_poly.pdbx_seq_one_letter_code
;ATLKDQLIYNLLKEEQTPQNKITVVGVGAVGMACAISILMKDLADELALVDVIEDKLKGEMMDLQHGSLFLRTPKIVSGK
DYNVTANSKLVIITAGARQQEGESRLNLVQRNVNIFKFIIPNVVKYSPNCKLLIVSNPVDILTYVAWKISGFPKNRVIGS
GCNLDSARFRYLMGERLGVHPLSCHGWVLGEHGDSSVPVWSGMNVAGVSLKTLHPDLGTDKDKEQWKEVHKQVVESAYEV
IKLKGYTSWAIGLSVADLAESIMKNLRRVHPVSTMIKGLYGIKDDVFLSVPCILGQNGISDLVKVTLTSEEEARLKKSAD
TLWGIQKELQF
;
_entity_poly.pdbx_strand_id   A,B,C,D
#
loop_
_chem_comp.id
_chem_comp.type
_chem_comp.name
_chem_comp.formula
D3S non-polymer (6S)-3-[(2-chlorophenyl)sulfanyl]-4-hydroxy-6-(2-hydroxyphenyl)-6-phenyl-5,6-dihydro-2H-pyran-2-one 'C23 H17 Cl O4 S'
EPE non-polymer '4-(2-HYDROXYETHYL)-1-PIPERAZINE ETHANESULFONIC ACID' 'C8 H18 N2 O4 S'
LAC non-polymer 'LACTIC ACID' 'C3 H6 O3'
NAD non-polymer NICOTINAMIDE-ADENINE-DINUCLEOTIDE 'C21 H27 N7 O14 P2'
SO4 non-polymer 'SULFATE ION' 'O4 S -2'
#
# COMPACT_ATOMS: atom_id res chain seq x y z
N ALA A 1 -38.99 7.40 -16.02
CA ALA A 1 -37.83 6.56 -15.57
C ALA A 1 -36.95 7.35 -14.61
N THR A 2 -36.28 6.65 -13.71
CA THR A 2 -35.41 7.29 -12.73
C THR A 2 -34.12 7.78 -13.35
N LEU A 3 -33.46 8.69 -12.66
CA LEU A 3 -32.19 9.20 -13.11
C LEU A 3 -31.23 8.02 -13.20
N LYS A 4 -31.23 7.14 -12.20
CA LYS A 4 -30.37 5.97 -12.20
C LYS A 4 -30.58 5.13 -13.45
N ASP A 5 -31.82 4.87 -13.82
CA ASP A 5 -32.11 4.00 -14.95
C ASP A 5 -31.78 4.68 -16.29
N GLN A 6 -31.91 6.00 -16.33
CA GLN A 6 -31.51 6.75 -17.51
C GLN A 6 -30.01 6.74 -17.72
N LEU A 7 -29.25 6.69 -16.62
CA LEU A 7 -27.78 6.77 -16.64
C LEU A 7 -27.16 5.39 -16.82
N ILE A 8 -27.76 4.40 -16.18
CA ILE A 8 -27.16 3.09 -16.03
C ILE A 8 -28.07 1.98 -16.57
N TYR A 9 -27.52 1.16 -17.45
CA TYR A 9 -28.17 -0.07 -17.89
C TYR A 9 -27.61 -1.23 -17.09
N ASN A 10 -28.50 -1.94 -16.43
CA ASN A 10 -28.16 -3.07 -15.59
C ASN A 10 -28.12 -4.40 -16.36
N LEU A 11 -27.03 -5.14 -16.19
CA LEU A 11 -26.85 -6.46 -16.86
C LEU A 11 -27.38 -7.58 -15.99
N LEU A 12 -27.24 -7.45 -14.68
CA LEU A 12 -27.76 -8.42 -13.71
C LEU A 12 -27.80 -7.79 -12.34
N LYS A 13 -28.78 -8.20 -11.53
CA LYS A 13 -28.94 -7.62 -10.19
C LYS A 13 -28.36 -8.52 -9.13
N GLU A 14 -28.21 -9.79 -9.48
CA GLU A 14 -27.76 -10.85 -8.58
C GLU A 14 -26.59 -10.42 -7.70
N GLU A 15 -26.70 -10.71 -6.41
CA GLU A 15 -25.66 -10.39 -5.44
C GLU A 15 -25.02 -11.67 -4.86
N GLN A 16 -23.69 -11.73 -4.87
CA GLN A 16 -22.97 -12.87 -4.33
C GLN A 16 -22.93 -12.81 -2.81
N THR A 17 -22.68 -13.97 -2.23
CA THR A 17 -22.41 -14.03 -0.81
C THR A 17 -21.03 -13.36 -0.64
N PRO A 18 -20.80 -12.66 0.49
CA PRO A 18 -19.53 -11.93 0.60
C PRO A 18 -18.34 -12.88 0.57
N GLN A 19 -17.27 -12.46 -0.07
CA GLN A 19 -16.14 -13.32 -0.33
C GLN A 19 -15.00 -13.16 0.68
N ASN A 20 -14.82 -11.96 1.21
CA ASN A 20 -13.66 -11.66 2.09
C ASN A 20 -14.12 -10.80 3.25
N LYS A 21 -15.08 -11.31 4.00
CA LYS A 21 -15.79 -10.51 4.96
C LYS A 21 -15.15 -10.62 6.34
N ILE A 22 -15.05 -9.50 7.04
CA ILE A 22 -14.61 -9.48 8.44
C ILE A 22 -15.72 -8.87 9.29
N THR A 23 -15.96 -9.47 10.45
CA THR A 23 -16.78 -8.87 11.50
C THR A 23 -15.93 -8.48 12.74
N VAL A 24 -16.18 -7.30 13.27
CA VAL A 24 -15.66 -6.87 14.58
C VAL A 24 -16.84 -6.75 15.53
N VAL A 25 -16.80 -7.46 16.65
CA VAL A 25 -17.82 -7.37 17.69
C VAL A 25 -17.24 -6.56 18.84
N GLY A 26 -17.93 -5.46 19.16
CA GLY A 26 -17.54 -4.51 20.16
C GLY A 26 -16.94 -3.33 19.44
N VAL A 27 -17.62 -2.18 19.51
CA VAL A 27 -17.09 -0.95 18.87
C VAL A 27 -16.57 0.08 19.88
N GLY A 28 -15.89 -0.42 20.90
CA GLY A 28 -15.15 0.45 21.82
C GLY A 28 -13.83 0.87 21.17
N ALA A 29 -12.93 1.40 21.98
CA ALA A 29 -11.64 1.92 21.52
C ALA A 29 -10.83 0.85 20.76
N VAL A 30 -10.89 -0.38 21.27
CA VAL A 30 -10.14 -1.50 20.70
C VAL A 30 -10.80 -1.92 19.38
N GLY A 31 -12.10 -2.13 19.43
CA GLY A 31 -12.85 -2.56 18.25
C GLY A 31 -12.71 -1.60 17.08
N MET A 32 -12.83 -0.31 17.36
CA MET A 32 -12.75 0.67 16.29
C MET A 32 -11.31 0.83 15.75
N ALA A 33 -10.29 0.72 16.60
CA ALA A 33 -8.91 0.75 16.13
C ALA A 33 -8.58 -0.45 15.25
N CYS A 34 -9.09 -1.64 15.59
CA CYS A 34 -9.02 -2.83 14.74
C CYS A 34 -9.71 -2.53 13.39
N ALA A 35 -10.87 -1.90 13.45
CA ALA A 35 -11.66 -1.59 12.26
C ALA A 35 -10.93 -0.63 11.31
N ILE A 36 -10.45 0.49 11.82
CA ILE A 36 -9.75 1.44 10.98
C ILE A 36 -8.45 0.84 10.41
N SER A 37 -7.74 0.07 11.21
CA SER A 37 -6.52 -0.59 10.76
C SER A 37 -6.81 -1.62 9.67
N ILE A 38 -7.85 -2.41 9.88
CA ILE A 38 -8.27 -3.36 8.86
C ILE A 38 -8.68 -2.66 7.54
N LEU A 39 -9.39 -1.55 7.65
CA LEU A 39 -9.84 -0.81 6.49
C LEU A 39 -8.67 -0.19 5.73
N MET A 40 -7.68 0.34 6.43
CA MET A 40 -6.52 0.99 5.80
CA MET A 40 -6.60 0.98 5.71
C MET A 40 -5.61 -0.02 5.12
N LYS A 41 -5.73 -1.29 5.52
CA LYS A 41 -4.91 -2.39 4.94
C LYS A 41 -5.62 -3.21 3.86
N ASP A 42 -6.84 -2.82 3.48
CA ASP A 42 -7.56 -3.45 2.37
C ASP A 42 -7.67 -4.97 2.53
N LEU A 43 -7.99 -5.43 3.73
CA LEU A 43 -8.08 -6.87 4.02
C LEU A 43 -9.46 -7.50 3.74
N ALA A 44 -10.50 -6.68 3.66
CA ALA A 44 -11.87 -7.17 3.59
C ALA A 44 -12.60 -6.46 2.48
N ASP A 45 -13.51 -7.17 1.84
CA ASP A 45 -14.48 -6.56 0.89
C ASP A 45 -15.81 -6.19 1.55
N GLU A 46 -15.98 -6.60 2.80
CA GLU A 46 -17.17 -6.29 3.60
C GLU A 46 -16.77 -6.30 5.05
N LEU A 47 -17.14 -5.25 5.77
CA LEU A 47 -16.90 -5.14 7.20
C LEU A 47 -18.23 -4.96 7.92
N ALA A 48 -18.48 -5.81 8.92
CA ALA A 48 -19.66 -5.75 9.77
C ALA A 48 -19.25 -5.40 11.17
N LEU A 49 -20.00 -4.49 11.79
CA LEU A 49 -19.77 -4.10 13.17
C LEU A 49 -20.98 -4.50 14.01
N VAL A 50 -20.72 -5.08 15.18
CA VAL A 50 -21.77 -5.47 16.14
C VAL A 50 -21.45 -4.92 17.52
N ASP A 51 -22.46 -4.41 18.21
CA ASP A 51 -22.37 -3.99 19.60
C ASP A 51 -23.79 -4.01 20.19
N VAL A 52 -23.91 -3.83 21.51
CA VAL A 52 -25.27 -3.76 22.14
C VAL A 52 -25.74 -2.35 22.29
N ILE A 53 -24.83 -1.38 22.19
CA ILE A 53 -25.18 0.01 22.31
C ILE A 53 -25.44 0.54 20.92
N GLU A 54 -26.71 0.74 20.62
CA GLU A 54 -27.14 0.88 19.23
C GLU A 54 -26.78 2.22 18.62
N ASP A 55 -26.92 3.30 19.37
CA ASP A 55 -26.62 4.64 18.85
CA ASP A 55 -26.61 4.63 18.84
C ASP A 55 -25.12 4.76 18.50
N LYS A 56 -24.27 4.34 19.43
CA LYS A 56 -22.81 4.34 19.27
C LYS A 56 -22.44 3.55 18.03
N LEU A 57 -23.05 2.37 17.90
CA LEU A 57 -22.76 1.48 16.81
C LEU A 57 -23.10 2.13 15.47
N LYS A 58 -24.31 2.68 15.37
CA LYS A 58 -24.72 3.38 14.17
C LYS A 58 -23.80 4.56 13.84
N GLY A 59 -23.44 5.34 14.85
CA GLY A 59 -22.61 6.52 14.67
C GLY A 59 -21.23 6.16 14.17
N GLU A 60 -20.68 5.04 14.68
CA GLU A 60 -19.35 4.58 14.25
C GLU A 60 -19.36 4.10 12.80
N MET A 61 -20.39 3.36 12.45
CA MET A 61 -20.59 2.87 11.08
C MET A 61 -20.64 4.03 10.09
N MET A 62 -21.44 5.04 10.41
CA MET A 62 -21.62 6.18 9.51
C MET A 62 -20.33 6.98 9.34
N ASP A 63 -19.59 7.16 10.43
CA ASP A 63 -18.34 7.90 10.39
C ASP A 63 -17.39 7.15 9.45
N LEU A 64 -17.31 5.82 9.56
CA LEU A 64 -16.47 5.06 8.63
C LEU A 64 -16.98 5.16 7.19
N GLN A 65 -18.28 4.96 7.02
CA GLN A 65 -18.93 5.10 5.71
C GLN A 65 -18.65 6.43 5.04
N HIS A 66 -18.61 7.51 5.82
CA HIS A 66 -18.32 8.82 5.28
C HIS A 66 -16.90 8.94 4.77
N GLY A 67 -16.04 8.01 5.18
CA GLY A 67 -14.68 7.93 4.66
C GLY A 67 -14.48 7.04 3.46
N SER A 68 -15.57 6.44 2.95
CA SER A 68 -15.54 5.47 1.84
C SER A 68 -14.73 5.88 0.61
N LEU A 69 -14.82 7.14 0.22
CA LEU A 69 -14.03 7.68 -0.88
C LEU A 69 -12.53 7.36 -0.76
N PHE A 70 -12.02 7.30 0.48
CA PHE A 70 -10.59 7.12 0.78
C PHE A 70 -10.19 5.68 1.08
N LEU A 71 -11.15 4.77 0.92
CA LEU A 71 -11.03 3.36 1.22
C LEU A 71 -11.33 2.50 0.01
N ARG A 72 -11.04 1.20 0.13
CA ARG A 72 -11.31 0.19 -0.90
C ARG A 72 -12.03 -0.98 -0.27
N THR A 73 -12.95 -0.67 0.65
CA THR A 73 -13.80 -1.66 1.30
C THR A 73 -15.23 -1.21 1.06
N PRO A 74 -15.91 -1.79 0.04
CA PRO A 74 -17.08 -1.12 -0.51
C PRO A 74 -18.37 -1.29 0.28
N LYS A 75 -18.43 -2.24 1.20
CA LYS A 75 -19.63 -2.45 2.04
C LYS A 75 -19.26 -2.52 3.49
N ILE A 76 -19.82 -1.59 4.25
CA ILE A 76 -19.63 -1.45 5.67
C ILE A 76 -21.06 -1.43 6.26
N VAL A 77 -21.31 -2.39 7.16
CA VAL A 77 -22.64 -2.59 7.75
C VAL A 77 -22.50 -2.74 9.24
N SER A 78 -23.63 -2.58 9.93
CA SER A 78 -23.66 -2.78 11.37
C SER A 78 -25.06 -3.12 11.87
N GLY A 79 -25.12 -3.73 13.04
CA GLY A 79 -26.41 -4.02 13.69
C GLY A 79 -26.19 -4.72 15.01
N LYS A 80 -27.18 -4.62 15.90
CA LYS A 80 -27.24 -5.46 17.10
C LYS A 80 -27.49 -6.92 16.71
N ASP A 81 -28.26 -7.12 15.65
CA ASP A 81 -28.61 -8.45 15.19
C ASP A 81 -27.44 -9.07 14.40
N TYR A 82 -27.13 -10.32 14.67
CA TYR A 82 -25.98 -10.99 14.05
C TYR A 82 -26.21 -11.42 12.59
N ASN A 83 -27.42 -11.18 12.06
CA ASN A 83 -27.67 -11.38 10.61
C ASN A 83 -26.76 -10.51 9.74
N VAL A 84 -26.34 -9.34 10.24
CA VAL A 84 -25.36 -8.49 9.54
C VAL A 84 -23.96 -9.12 9.40
N THR A 85 -23.70 -10.20 10.16
CA THR A 85 -22.39 -10.86 10.21
C THR A 85 -22.32 -12.12 9.36
N ALA A 86 -23.43 -12.51 8.75
CA ALA A 86 -23.51 -13.73 7.96
C ALA A 86 -22.33 -13.90 7.01
N ASN A 87 -21.78 -15.11 6.94
CA ASN A 87 -20.68 -15.45 6.00
C ASN A 87 -19.36 -14.66 6.19
N SER A 88 -19.00 -14.37 7.43
CA SER A 88 -17.72 -13.78 7.73
C SER A 88 -16.65 -14.86 7.67
N LYS A 89 -15.51 -14.56 7.06
CA LYS A 89 -14.35 -15.49 7.10
C LYS A 89 -13.67 -15.36 8.46
N LEU A 90 -13.71 -14.16 9.03
CA LEU A 90 -13.01 -13.88 10.29
C LEU A 90 -13.87 -13.01 11.18
N VAL A 91 -14.10 -13.47 12.41
CA VAL A 91 -14.87 -12.71 13.40
C VAL A 91 -13.96 -12.36 14.61
N ILE A 92 -13.79 -11.07 14.84
CA ILE A 92 -12.89 -10.51 15.84
C ILE A 92 -13.72 -10.04 17.02
N ILE A 93 -13.48 -10.63 18.19
CA ILE A 93 -14.24 -10.31 19.39
C ILE A 93 -13.43 -9.43 20.32
N THR A 94 -13.88 -8.18 20.48
CA THR A 94 -13.26 -7.21 21.34
C THR A 94 -14.23 -6.76 22.48
N ALA A 95 -15.43 -7.34 22.56
CA ALA A 95 -16.43 -6.92 23.57
C ALA A 95 -16.04 -7.39 24.97
N GLY A 96 -16.35 -6.59 25.98
CA GLY A 96 -16.09 -6.99 27.36
C GLY A 96 -16.49 -5.95 28.37
N ALA A 97 -16.49 -6.36 29.65
CA ALA A 97 -16.82 -5.48 30.78
C ALA A 97 -15.68 -4.54 31.18
N LEU A 106 -12.04 -13.18 40.42
CA LEU A 106 -12.83 -14.07 39.54
C LEU A 106 -14.10 -13.44 38.95
N ASN A 107 -14.52 -12.30 39.49
CA ASN A 107 -15.79 -11.67 39.08
C ASN A 107 -15.75 -11.30 37.60
N LEU A 108 -14.67 -10.62 37.22
CA LEU A 108 -14.53 -10.04 35.87
C LEU A 108 -14.52 -11.11 34.78
N VAL A 109 -13.83 -12.22 35.02
CA VAL A 109 -13.81 -13.31 34.06
C VAL A 109 -15.23 -13.80 33.84
N GLN A 110 -15.93 -14.11 34.92
CA GLN A 110 -17.29 -14.67 34.79
C GLN A 110 -18.21 -13.66 34.08
N ARG A 111 -18.03 -12.37 34.31
CA ARG A 111 -18.82 -11.36 33.60
C ARG A 111 -18.57 -11.39 32.08
N ASN A 112 -17.33 -11.65 31.69
CA ASN A 112 -17.04 -11.78 30.28
C ASN A 112 -17.53 -13.09 29.72
N VAL A 113 -17.50 -14.14 30.54
CA VAL A 113 -18.05 -15.41 30.13
C VAL A 113 -19.53 -15.28 29.77
N ASN A 114 -20.24 -14.51 30.60
CA ASN A 114 -21.67 -14.26 30.38
C ASN A 114 -21.94 -13.50 29.08
N ILE A 115 -21.10 -12.51 28.78
CA ILE A 115 -21.16 -11.83 27.49
C ILE A 115 -20.98 -12.87 26.38
N PHE A 116 -19.94 -13.69 26.50
CA PHE A 116 -19.58 -14.67 25.47
C PHE A 116 -20.65 -15.76 25.27
N LYS A 117 -21.41 -16.05 26.33
CA LYS A 117 -22.56 -16.96 26.20
C LYS A 117 -23.62 -16.42 25.22
N PHE A 118 -23.78 -15.11 25.13
CA PHE A 118 -24.67 -14.54 24.14
C PHE A 118 -23.98 -14.46 22.76
N ILE A 119 -22.80 -13.85 22.73
CA ILE A 119 -22.09 -13.56 21.47
C ILE A 119 -21.76 -14.81 20.65
N ILE A 120 -21.12 -15.79 21.27
CA ILE A 120 -20.46 -16.86 20.49
C ILE A 120 -21.43 -17.72 19.69
N PRO A 121 -22.53 -18.23 20.30
CA PRO A 121 -23.53 -18.96 19.51
C PRO A 121 -24.16 -18.14 18.38
N ASN A 122 -24.32 -16.83 18.60
CA ASN A 122 -24.80 -15.94 17.53
C ASN A 122 -23.80 -15.86 16.35
N VAL A 123 -22.51 -15.72 16.68
CA VAL A 123 -21.47 -15.74 15.65
C VAL A 123 -21.54 -17.04 14.84
N VAL A 124 -21.66 -18.16 15.56
CA VAL A 124 -21.60 -19.51 14.97
C VAL A 124 -22.79 -19.76 14.05
N LYS A 125 -23.95 -19.28 14.47
CA LYS A 125 -25.18 -19.43 13.72
C LYS A 125 -25.08 -18.82 12.33
N TYR A 126 -24.43 -17.66 12.23
CA TYR A 126 -24.35 -16.94 10.94
C TYR A 126 -23.02 -17.10 10.19
N SER A 127 -21.94 -17.52 10.86
CA SER A 127 -20.70 -17.87 10.16
C SER A 127 -20.11 -19.13 10.78
N PRO A 128 -20.74 -20.29 10.51
CA PRO A 128 -20.30 -21.56 11.13
C PRO A 128 -18.91 -22.04 10.72
N ASN A 129 -18.34 -21.49 9.64
CA ASN A 129 -17.00 -21.90 9.17
C ASN A 129 -15.94 -20.81 9.34
N CYS A 130 -16.26 -19.77 10.10
CA CYS A 130 -15.33 -18.68 10.34
C CYS A 130 -14.19 -19.05 11.29
N LYS A 131 -13.14 -18.26 11.23
CA LYS A 131 -12.12 -18.20 12.25
C LYS A 131 -12.51 -17.13 13.26
N LEU A 132 -12.33 -17.45 14.54
CA LEU A 132 -12.57 -16.53 15.64
C LEU A 132 -11.25 -16.05 16.14
N LEU A 133 -11.09 -14.73 16.28
CA LEU A 133 -9.92 -14.13 16.86
C LEU A 133 -10.38 -13.38 18.11
N ILE A 134 -9.91 -13.82 19.26
CA ILE A 134 -10.37 -13.26 20.54
C ILE A 134 -9.38 -12.22 21.06
N VAL A 135 -9.88 -11.01 21.30
CA VAL A 135 -9.08 -9.94 21.83
C VAL A 135 -9.45 -9.62 23.30
N SER A 136 -10.72 -9.80 23.63
CA SER A 136 -11.26 -9.45 24.96
C SER A 136 -10.46 -10.06 26.11
N ASN A 137 -10.23 -9.28 27.16
CA ASN A 137 -9.46 -9.81 28.32
C ASN A 137 -10.28 -10.50 29.42
N PRO A 138 -9.68 -11.44 30.17
CA PRO A 138 -8.31 -11.92 29.97
C PRO A 138 -8.24 -12.91 28.80
N VAL A 139 -7.42 -12.57 27.80
CA VAL A 139 -7.54 -13.15 26.47
C VAL A 139 -7.33 -14.65 26.43
N ASP A 140 -6.36 -15.14 27.19
CA ASP A 140 -6.07 -16.58 27.16
C ASP A 140 -7.27 -17.38 27.69
N ILE A 141 -7.91 -16.89 28.74
CA ILE A 141 -9.06 -17.60 29.31
C ILE A 141 -10.26 -17.53 28.36
N LEU A 142 -10.52 -16.33 27.87
CA LEU A 142 -11.68 -16.10 27.02
C LEU A 142 -11.56 -16.74 25.64
N THR A 143 -10.33 -16.96 25.17
CA THR A 143 -10.11 -17.80 23.97
C THR A 143 -10.52 -19.24 24.25
N TYR A 144 -10.13 -19.76 25.41
CA TYR A 144 -10.63 -21.07 25.88
C TYR A 144 -12.17 -21.10 25.96
N VAL A 145 -12.78 -20.05 26.49
CA VAL A 145 -14.24 -19.97 26.62
C VAL A 145 -14.94 -19.96 25.24
N ALA A 146 -14.41 -19.16 24.31
CA ALA A 146 -14.92 -19.14 22.95
C ALA A 146 -14.79 -20.50 22.27
N TRP A 147 -13.66 -21.18 22.52
CA TRP A 147 -13.43 -22.53 21.99
C TRP A 147 -14.51 -23.50 22.45
N LYS A 148 -14.74 -23.52 23.78
CA LYS A 148 -15.73 -24.40 24.40
C LYS A 148 -17.15 -24.09 23.93
N ILE A 149 -17.55 -22.83 24.00
CA ILE A 149 -18.90 -22.45 23.56
C ILE A 149 -19.10 -22.73 22.07
N SER A 150 -18.15 -22.35 21.22
CA SER A 150 -18.32 -22.49 19.79
C SER A 150 -18.42 -23.94 19.33
N GLY A 151 -17.64 -24.81 19.97
CA GLY A 151 -17.49 -26.17 19.49
C GLY A 151 -16.55 -26.30 18.30
N PHE A 152 -15.86 -25.21 17.93
CA PHE A 152 -14.93 -25.21 16.80
C PHE A 152 -13.69 -26.03 17.08
N PRO A 153 -13.08 -26.54 16.00
CA PRO A 153 -11.79 -27.17 16.18
C PRO A 153 -10.76 -26.12 16.60
N LYS A 154 -9.74 -26.54 17.31
CA LYS A 154 -8.79 -25.57 17.91
C LYS A 154 -8.07 -24.67 16.90
N ASN A 155 -7.93 -25.14 15.66
CA ASN A 155 -7.26 -24.33 14.63
C ASN A 155 -8.01 -23.03 14.30
N ARG A 156 -9.34 -23.01 14.52
CA ARG A 156 -10.17 -21.85 14.19
C ARG A 156 -10.50 -20.93 15.36
N VAL A 157 -9.85 -21.11 16.50
CA VAL A 157 -10.05 -20.25 17.63
C VAL A 157 -8.70 -19.77 18.06
N ILE A 158 -8.45 -18.49 17.81
CA ILE A 158 -7.13 -17.88 18.02
C ILE A 158 -7.27 -16.71 18.98
N GLY A 159 -6.35 -16.60 19.93
CA GLY A 159 -6.33 -15.49 20.86
C GLY A 159 -5.23 -14.50 20.49
N SER A 160 -5.54 -13.21 20.57
CA SER A 160 -4.54 -12.18 20.23
C SER A 160 -3.28 -12.41 21.05
N GLY A 161 -3.46 -12.87 22.27
CA GLY A 161 -2.35 -13.41 23.05
C GLY A 161 -1.19 -12.47 23.23
N CYS A 162 0.02 -12.95 22.98
CA CYS A 162 1.22 -12.14 23.16
C CYS A 162 1.73 -11.43 21.90
N ASN A 163 0.88 -11.28 20.89
CA ASN A 163 1.30 -10.56 19.68
C ASN A 163 1.66 -9.11 19.99
N LEU A 164 0.81 -8.46 20.77
CA LEU A 164 1.07 -7.10 21.22
C LEU A 164 2.26 -7.03 22.15
N ASP A 165 2.37 -8.01 23.06
CA ASP A 165 3.47 -8.01 24.03
C ASP A 165 4.80 -8.10 23.30
N SER A 166 4.84 -8.93 22.26
CA SER A 166 6.06 -9.12 21.50
C SER A 166 6.36 -7.85 20.68
N ALA A 167 5.31 -7.20 20.15
CA ALA A 167 5.50 -5.94 19.40
C ALA A 167 6.07 -4.86 20.28
N ARG A 168 5.59 -4.78 21.51
CA ARG A 168 6.13 -3.78 22.45
C ARG A 168 7.59 -4.02 22.76
N PHE A 169 7.89 -5.29 23.00
CA PHE A 169 9.24 -5.75 23.29
C PHE A 169 10.17 -5.37 22.18
N ARG A 170 9.74 -5.64 20.94
CA ARG A 170 10.56 -5.30 19.76
C ARG A 170 10.70 -3.80 19.55
N TYR A 171 9.69 -3.03 19.97
CA TYR A 171 9.82 -1.59 19.92
C TYR A 171 10.91 -1.11 20.92
N LEU A 172 10.84 -1.60 22.14
CA LEU A 172 11.80 -1.25 23.20
C LEU A 172 13.24 -1.74 22.85
N MET A 173 13.34 -2.95 22.33
CA MET A 173 14.65 -3.47 21.86
C MET A 173 15.24 -2.58 20.78
N GLY A 174 14.40 -2.23 19.78
CA GLY A 174 14.80 -1.35 18.71
C GLY A 174 15.28 0.01 19.19
N GLU A 175 14.55 0.61 20.12
CA GLU A 175 14.98 1.88 20.75
C GLU A 175 16.35 1.79 21.39
N ARG A 176 16.60 0.70 22.11
CA ARG A 176 17.88 0.52 22.79
C ARG A 176 18.99 0.29 21.79
N LEU A 177 18.72 -0.40 20.67
CA LEU A 177 19.78 -0.75 19.72
C LEU A 177 19.99 0.22 18.58
N GLY A 178 19.04 1.14 18.37
CA GLY A 178 19.09 2.04 17.24
C GLY A 178 18.79 1.31 15.94
N VAL A 179 17.82 0.41 15.99
CA VAL A 179 17.44 -0.43 14.84
C VAL A 179 15.93 -0.51 14.77
N HIS A 180 15.38 -0.51 13.56
CA HIS A 180 13.93 -0.63 13.37
C HIS A 180 13.44 -1.92 14.04
N PRO A 181 12.24 -1.89 14.66
CA PRO A 181 11.77 -3.12 15.30
C PRO A 181 11.62 -4.36 14.37
N LEU A 182 11.39 -4.11 13.09
CA LEU A 182 11.29 -5.18 12.11
C LEU A 182 12.53 -6.02 12.06
N SER A 183 13.71 -5.44 12.29
CA SER A 183 14.99 -6.18 12.31
C SER A 183 15.44 -6.63 13.70
N CYS A 184 14.65 -6.29 14.73
CA CYS A 184 14.90 -6.68 16.11
C CYS A 184 13.96 -7.82 16.48
N HIS A 185 14.49 -9.04 16.55
CA HIS A 185 13.68 -10.25 16.78
C HIS A 185 13.72 -10.69 18.23
N GLY A 186 12.57 -11.10 18.72
CA GLY A 186 12.44 -11.50 20.09
C GLY A 186 11.01 -11.83 20.37
N TRP A 187 10.81 -12.82 21.25
CA TRP A 187 9.53 -13.44 21.46
C TRP A 187 9.15 -13.41 22.95
N VAL A 188 7.92 -12.98 23.19
CA VAL A 188 7.33 -12.98 24.48
C VAL A 188 6.18 -13.95 24.39
N LEU A 189 6.27 -15.04 25.17
CA LEU A 189 5.29 -16.12 25.11
C LEU A 189 4.53 -16.33 26.42
N GLY A 190 3.66 -17.32 26.40
CA GLY A 190 2.92 -17.70 27.59
C GLY A 190 1.70 -16.86 27.77
N GLU A 191 1.45 -16.42 28.99
CA GLU A 191 0.20 -15.77 29.33
C GLU A 191 0.28 -14.32 28.96
N HIS A 192 -0.76 -13.78 28.32
CA HIS A 192 -0.73 -12.36 27.96
C HIS A 192 -0.73 -11.47 29.20
N GLY A 193 0.11 -10.43 29.19
CA GLY A 193 0.05 -9.41 30.20
C GLY A 193 1.13 -9.56 31.26
N ASP A 194 0.71 -9.60 32.51
CA ASP A 194 1.64 -9.53 33.64
C ASP A 194 2.62 -10.69 33.72
N SER A 195 2.12 -11.90 33.49
CA SER A 195 2.89 -13.13 33.65
C SER A 195 3.58 -13.66 32.38
N SER A 196 3.76 -12.80 31.37
CA SER A 196 4.34 -13.26 30.10
C SER A 196 5.81 -13.63 30.27
N VAL A 197 6.35 -14.38 29.31
CA VAL A 197 7.71 -14.89 29.40
C VAL A 197 8.55 -14.38 28.24
N PRO A 198 9.55 -13.51 28.51
CA PRO A 198 10.52 -13.16 27.47
C PRO A 198 11.51 -14.30 27.22
N VAL A 199 11.56 -14.82 25.99
CA VAL A 199 12.47 -15.92 25.66
C VAL A 199 13.82 -15.33 25.27
N TRP A 200 14.71 -15.19 26.24
CA TRP A 200 15.99 -14.52 26.00
C TRP A 200 16.85 -15.20 24.94
N SER A 201 16.75 -16.52 24.85
CA SER A 201 17.56 -17.28 23.87
C SER A 201 17.29 -16.95 22.40
N GLY A 202 16.08 -16.48 22.09
CA GLY A 202 15.71 -16.13 20.71
C GLY A 202 15.93 -14.69 20.29
N MET A 203 16.41 -13.87 21.21
CA MET A 203 16.52 -12.46 20.96
C MET A 203 17.75 -12.22 20.09
N ASN A 204 17.56 -11.58 18.93
CA ASN A 204 18.63 -11.49 17.95
C ASN A 204 18.45 -10.35 16.92
N VAL A 205 19.57 -9.91 16.36
CA VAL A 205 19.60 -9.07 15.18
C VAL A 205 20.45 -9.87 14.19
N ALA A 206 19.93 -9.98 12.96
CA ALA A 206 20.62 -10.69 11.87
C ALA A 206 21.10 -12.10 12.22
N GLY A 207 20.34 -12.82 13.04
CA GLY A 207 20.74 -14.15 13.47
C GLY A 207 21.84 -14.22 14.52
N VAL A 208 22.30 -13.05 15.00
CA VAL A 208 23.28 -12.99 16.10
C VAL A 208 22.57 -12.95 17.46
N SER A 209 22.79 -14.00 18.24
CA SER A 209 22.12 -14.19 19.53
C SER A 209 22.67 -13.25 20.60
N LEU A 210 21.79 -12.45 21.20
CA LEU A 210 22.22 -11.50 22.25
C LEU A 210 22.66 -12.28 23.51
N LYS A 211 21.96 -13.36 23.83
CA LYS A 211 22.26 -14.20 24.98
C LYS A 211 23.64 -14.84 24.88
N THR A 212 24.05 -15.17 23.67
CA THR A 212 25.37 -15.78 23.42
C THR A 212 26.48 -14.76 23.57
N LEU A 213 26.25 -13.54 23.09
CA LEU A 213 27.14 -12.41 23.33
C LEU A 213 27.20 -11.98 24.80
N HIS A 214 26.06 -12.04 25.48
CA HIS A 214 25.89 -11.42 26.79
C HIS A 214 25.14 -12.42 27.69
N PRO A 215 25.85 -13.39 28.29
CA PRO A 215 25.19 -14.46 29.07
C PRO A 215 24.32 -13.98 30.23
N ASP A 216 24.62 -12.81 30.80
CA ASP A 216 23.75 -12.18 31.82
C ASP A 216 22.41 -11.68 31.27
N LEU A 217 22.23 -11.73 29.94
CA LEU A 217 20.98 -11.29 29.35
C LEU A 217 19.80 -12.01 30.01
N GLY A 218 18.86 -11.21 30.49
CA GLY A 218 17.66 -11.74 31.13
C GLY A 218 17.78 -12.11 32.61
N THR A 219 18.96 -11.91 33.21
CA THR A 219 19.16 -12.15 34.63
C THR A 219 19.12 -10.83 35.42
N ASP A 220 18.78 -10.96 36.70
CA ASP A 220 18.78 -9.82 37.64
C ASP A 220 20.16 -9.15 37.79
N LYS A 221 21.23 -9.94 37.74
CA LYS A 221 22.60 -9.42 37.92
C LYS A 221 23.19 -8.74 36.67
N ASP A 222 22.38 -8.56 35.64
CA ASP A 222 22.82 -7.95 34.39
C ASP A 222 23.13 -6.46 34.58
N LYS A 223 24.35 -6.09 34.26
CA LYS A 223 24.76 -4.69 34.42
C LYS A 223 24.02 -3.72 33.52
N GLU A 224 23.63 -4.16 32.34
CA GLU A 224 22.79 -3.34 31.47
C GLU A 224 21.28 -3.45 31.71
N GLN A 225 20.86 -4.35 32.61
CA GLN A 225 19.48 -4.47 33.03
C GLN A 225 18.54 -4.76 31.85
N TRP A 226 18.94 -5.69 30.98
CA TRP A 226 18.11 -6.01 29.80
C TRP A 226 16.77 -6.63 30.17
N LYS A 227 16.69 -7.24 31.34
CA LYS A 227 15.42 -7.67 31.94
C LYS A 227 14.36 -6.58 32.02
N GLU A 228 14.81 -5.33 32.22
CA GLU A 228 13.89 -4.18 32.27
C GLU A 228 13.14 -3.93 30.96
N VAL A 229 13.72 -4.37 29.84
CA VAL A 229 13.03 -4.31 28.55
C VAL A 229 11.74 -5.12 28.61
N HIS A 230 11.74 -6.28 29.28
CA HIS A 230 10.50 -7.05 29.45
C HIS A 230 9.61 -6.47 30.55
N LYS A 231 10.24 -5.94 31.60
CA LYS A 231 9.48 -5.32 32.68
C LYS A 231 8.74 -4.08 32.16
N GLN A 232 9.39 -3.34 31.27
CA GLN A 232 8.80 -2.18 30.63
C GLN A 232 7.74 -2.54 29.64
N VAL A 233 7.78 -3.75 29.09
CA VAL A 233 6.61 -4.27 28.34
C VAL A 233 5.37 -4.34 29.22
N VAL A 234 5.49 -4.86 30.44
CA VAL A 234 4.35 -4.81 31.40
C VAL A 234 4.08 -3.38 31.92
N GLU A 235 5.14 -2.65 32.30
CA GLU A 235 4.98 -1.30 32.85
C GLU A 235 4.41 -0.31 31.82
N SER A 236 4.76 -0.50 30.54
CA SER A 236 4.20 0.27 29.41
C SER A 236 2.69 0.23 29.42
N ALA A 237 2.11 -0.95 29.58
CA ALA A 237 0.67 -1.06 29.42
C ALA A 237 -0.07 -0.34 30.55
N TYR A 238 0.46 -0.45 31.78
CA TYR A 238 -0.14 0.27 32.93
C TYR A 238 0.04 1.77 32.77
N GLU A 239 1.20 2.19 32.29
CA GLU A 239 1.45 3.60 32.08
C GLU A 239 0.45 4.17 31.04
N VAL A 240 0.24 3.48 29.93
CA VAL A 240 -0.70 3.96 28.91
C VAL A 240 -2.10 4.09 29.50
N ILE A 241 -2.56 3.09 30.27
CA ILE A 241 -3.87 3.20 30.94
C ILE A 241 -3.92 4.39 31.89
N LYS A 242 -2.87 4.56 32.69
CA LYS A 242 -2.77 5.71 33.59
C LYS A 242 -2.90 7.03 32.83
N LEU A 243 -2.14 7.18 31.76
CA LEU A 243 -2.01 8.45 31.05
C LEU A 243 -3.19 8.78 30.14
N LYS A 244 -3.75 7.80 29.43
CA LYS A 244 -4.84 8.09 28.48
C LYS A 244 -6.13 7.35 28.78
N GLY A 245 -6.10 6.35 29.69
CA GLY A 245 -7.32 5.65 30.10
C GLY A 245 -7.62 4.29 29.47
N TYR A 246 -6.91 3.93 28.40
CA TYR A 246 -7.16 2.72 27.62
C TYR A 246 -6.03 2.62 26.58
N THR A 247 -5.84 1.44 26.01
CA THR A 247 -4.92 1.28 24.86
C THR A 247 -5.81 0.96 23.65
N SER A 248 -5.42 1.46 22.49
CA SER A 248 -6.21 1.24 21.30
C SER A 248 -5.34 1.12 20.05
N TRP A 249 -4.46 2.07 19.80
CA TRP A 249 -3.80 2.09 18.48
C TRP A 249 -2.92 0.86 18.27
N ALA A 250 -2.10 0.53 19.26
CA ALA A 250 -1.14 -0.56 19.15
C ALA A 250 -1.84 -1.90 19.03
N ILE A 251 -2.92 -2.04 19.78
CA ILE A 251 -3.67 -3.28 19.72
C ILE A 251 -4.39 -3.42 18.38
N GLY A 252 -4.93 -2.31 17.88
CA GLY A 252 -5.59 -2.29 16.60
C GLY A 252 -4.67 -2.74 15.48
N LEU A 253 -3.47 -2.15 15.46
CA LEU A 253 -2.44 -2.47 14.46
C LEU A 253 -1.98 -3.92 14.57
N SER A 254 -1.82 -4.41 15.80
CA SER A 254 -1.40 -5.79 16.01
CA SER A 254 -1.43 -5.82 16.04
C SER A 254 -2.46 -6.80 15.49
N VAL A 255 -3.73 -6.49 15.72
CA VAL A 255 -4.83 -7.36 15.31
C VAL A 255 -4.94 -7.39 13.77
N ALA A 256 -4.71 -6.24 13.14
CA ALA A 256 -4.74 -6.14 11.70
C ALA A 256 -3.61 -6.95 11.09
N ASP A 257 -2.48 -7.04 11.78
CA ASP A 257 -1.34 -7.85 11.31
C ASP A 257 -1.72 -9.33 11.31
N LEU A 258 -2.40 -9.78 12.36
CA LEU A 258 -2.94 -11.15 12.43
C LEU A 258 -4.01 -11.41 11.34
N ALA A 259 -4.92 -10.47 11.18
CA ALA A 259 -5.96 -10.57 10.15
C ALA A 259 -5.36 -10.70 8.76
N GLU A 260 -4.27 -9.96 8.51
CA GLU A 260 -3.62 -9.99 7.20
C GLU A 260 -3.14 -11.40 6.90
N SER A 261 -2.47 -12.02 7.86
CA SER A 261 -1.95 -13.36 7.66
C SER A 261 -3.07 -14.38 7.40
N ILE A 262 -4.18 -14.25 8.11
CA ILE A 262 -5.30 -15.16 7.97
C ILE A 262 -6.03 -14.95 6.62
N MET A 263 -6.39 -13.70 6.32
CA MET A 263 -7.15 -13.40 5.14
C MET A 263 -6.34 -13.64 3.85
N LYS A 264 -5.02 -13.47 3.93
CA LYS A 264 -4.15 -13.66 2.74
C LYS A 264 -3.41 -15.00 2.71
N ASN A 265 -3.71 -15.86 3.67
CA ASN A 265 -3.12 -17.16 3.78
C ASN A 265 -1.58 -17.12 3.76
N LEU A 266 -0.99 -16.17 4.47
CA LEU A 266 0.45 -15.95 4.41
C LEU A 266 1.31 -17.05 5.02
N ARG A 267 0.79 -17.75 6.02
CA ARG A 267 1.59 -18.72 6.80
C ARG A 267 2.80 -18.04 7.42
N ARG A 268 2.62 -16.81 7.94
CA ARG A 268 3.66 -16.20 8.75
C ARG A 268 3.49 -16.70 10.16
N VAL A 269 4.54 -16.52 10.95
CA VAL A 269 4.56 -16.96 12.33
C VAL A 269 4.33 -15.79 13.30
N HIS A 270 3.35 -15.97 14.17
CA HIS A 270 2.95 -14.97 15.13
C HIS A 270 2.83 -15.59 16.51
N PRO A 271 3.15 -14.83 17.59
CA PRO A 271 2.92 -15.32 18.94
C PRO A 271 1.47 -15.03 19.29
N VAL A 272 0.66 -16.07 19.26
CA VAL A 272 -0.73 -15.98 19.52
C VAL A 272 -1.08 -17.11 20.44
N SER A 273 -2.25 -16.99 21.07
CA SER A 273 -2.71 -17.97 22.04
C SER A 273 -3.48 -19.11 21.40
N THR A 274 -2.98 -20.31 21.67
CA THR A 274 -3.51 -21.54 21.14
C THR A 274 -3.58 -22.60 22.23
N MET A 275 -4.38 -23.62 21.99
CA MET A 275 -4.63 -24.69 22.97
C MET A 275 -3.36 -25.51 23.09
N ILE A 276 -2.74 -25.45 24.26
CA ILE A 276 -1.36 -25.91 24.44
C ILE A 276 -1.18 -27.25 25.20
N LYS A 277 -2.29 -27.89 25.60
CA LYS A 277 -2.22 -29.21 26.26
C LYS A 277 -1.33 -30.14 25.44
N GLY A 278 -0.46 -30.86 26.13
CA GLY A 278 0.48 -31.77 25.45
C GLY A 278 1.89 -31.22 25.28
N LEU A 279 2.13 -29.96 25.69
CA LEU A 279 3.48 -29.37 25.68
C LEU A 279 3.91 -28.86 27.03
N TYR A 280 5.22 -28.82 27.24
CA TYR A 280 5.83 -28.18 28.39
C TYR A 280 5.30 -28.70 29.72
N GLY A 281 4.96 -29.99 29.75
CA GLY A 281 4.38 -30.61 30.93
C GLY A 281 3.00 -30.08 31.28
N ILE A 282 2.39 -29.35 30.35
CA ILE A 282 1.03 -28.85 30.57
C ILE A 282 0.08 -29.95 30.15
N LYS A 283 -0.87 -30.25 31.04
CA LYS A 283 -1.79 -31.34 30.84
C LYS A 283 -3.25 -30.90 30.93
N ASP A 284 -3.51 -29.60 31.04
CA ASP A 284 -4.88 -29.07 31.01
C ASP A 284 -5.23 -28.31 29.74
N ASP A 285 -6.53 -28.20 29.47
CA ASP A 285 -7.04 -27.47 28.30
C ASP A 285 -6.88 -25.96 28.53
N VAL A 286 -5.65 -25.47 28.36
CA VAL A 286 -5.42 -24.04 28.47
C VAL A 286 -4.81 -23.51 27.19
N PHE A 287 -5.08 -22.23 26.95
CA PHE A 287 -4.52 -21.50 25.82
C PHE A 287 -3.41 -20.61 26.34
N LEU A 288 -2.26 -20.63 25.66
CA LEU A 288 -1.13 -19.76 25.95
C LEU A 288 -0.46 -19.44 24.63
N SER A 289 0.35 -18.38 24.61
CA SER A 289 0.98 -17.97 23.36
C SER A 289 2.25 -18.75 23.09
N VAL A 290 2.32 -19.32 21.89
CA VAL A 290 3.57 -19.85 21.31
C VAL A 290 3.60 -19.36 19.86
N PRO A 291 4.75 -19.49 19.16
CA PRO A 291 4.74 -19.03 17.78
C PRO A 291 3.91 -19.98 16.89
N CYS A 292 2.94 -19.44 16.18
CA CYS A 292 1.99 -20.24 15.38
C CYS A 292 1.98 -19.78 13.93
N ILE A 293 1.86 -20.72 13.01
CA ILE A 293 1.78 -20.44 11.59
C ILE A 293 0.33 -20.11 11.33
N LEU A 294 0.06 -18.88 10.86
CA LEU A 294 -1.32 -18.41 10.63
C LEU A 294 -1.67 -18.31 9.14
N GLY A 295 -2.85 -18.82 8.79
CA GLY A 295 -3.30 -18.84 7.40
C GLY A 295 -4.78 -19.00 7.29
N GLN A 296 -5.24 -19.44 6.11
CA GLN A 296 -6.67 -19.45 5.80
C GLN A 296 -7.51 -20.36 6.71
N ASN A 297 -6.83 -21.35 7.30
CA ASN A 297 -7.49 -22.24 8.25
C ASN A 297 -7.15 -21.89 9.69
N GLY A 298 -6.68 -20.67 9.92
CA GLY A 298 -6.31 -20.25 11.26
C GLY A 298 -4.94 -20.80 11.58
N ILE A 299 -4.81 -21.45 12.73
CA ILE A 299 -3.55 -21.99 13.19
C ILE A 299 -3.37 -23.43 12.66
N SER A 300 -2.47 -23.63 11.70
CA SER A 300 -2.26 -24.95 11.10
C SER A 300 -1.13 -25.71 11.77
N ASP A 301 -0.22 -24.97 12.38
CA ASP A 301 1.02 -25.52 12.93
C ASP A 301 1.52 -24.58 14.01
N LEU A 302 2.32 -25.10 14.93
CA LEU A 302 3.05 -24.24 15.88
C LEU A 302 4.53 -24.57 15.94
N VAL A 303 5.33 -23.59 16.32
CA VAL A 303 6.76 -23.80 16.46
C VAL A 303 7.00 -24.33 17.87
N LYS A 304 7.83 -25.37 17.99
CA LYS A 304 8.20 -25.93 19.28
C LYS A 304 9.46 -25.22 19.77
N VAL A 305 9.25 -24.17 20.54
CA VAL A 305 10.34 -23.38 21.08
C VAL A 305 11.04 -24.17 22.19
N THR A 306 12.35 -24.30 22.08
CA THR A 306 13.13 -24.91 23.17
C THR A 306 13.22 -23.88 24.31
N LEU A 307 12.60 -24.19 25.44
CA LEU A 307 12.59 -23.33 26.61
C LEU A 307 13.59 -23.81 27.70
N THR A 308 14.19 -22.88 28.43
CA THR A 308 14.95 -23.21 29.63
C THR A 308 14.03 -23.76 30.70
N SER A 309 14.59 -24.41 31.72
CA SER A 309 13.79 -24.91 32.85
C SER A 309 12.93 -23.83 33.51
N GLU A 310 13.51 -22.66 33.71
CA GLU A 310 12.79 -21.52 34.32
C GLU A 310 11.64 -21.03 33.40
N GLU A 311 11.91 -20.94 32.10
CA GLU A 311 10.87 -20.60 31.12
C GLU A 311 9.72 -21.61 31.17
N GLU A 312 10.05 -22.90 31.15
CA GLU A 312 9.04 -23.96 31.23
CA GLU A 312 9.04 -23.96 31.23
C GLU A 312 8.19 -23.83 32.48
N ALA A 313 8.85 -23.65 33.62
CA ALA A 313 8.15 -23.51 34.89
C ALA A 313 7.20 -22.30 34.92
N ARG A 314 7.59 -21.20 34.28
CA ARG A 314 6.69 -20.03 34.20
C ARG A 314 5.44 -20.34 33.36
N LEU A 315 5.62 -21.06 32.26
CA LEU A 315 4.43 -21.46 31.45
C LEU A 315 3.51 -22.41 32.21
N LYS A 316 4.09 -23.36 32.93
CA LYS A 316 3.32 -24.34 33.72
C LYS A 316 2.53 -23.66 34.84
N LYS A 317 3.14 -22.67 35.49
CA LYS A 317 2.46 -21.94 36.56
C LYS A 317 1.28 -21.13 36.03
N SER A 318 1.49 -20.48 34.88
CA SER A 318 0.37 -19.83 34.18
C SER A 318 -0.75 -20.81 33.85
N ALA A 319 -0.38 -21.94 33.25
CA ALA A 319 -1.33 -23.01 32.94
C ALA A 319 -2.17 -23.42 34.17
N ASP A 320 -1.49 -23.67 35.30
CA ASP A 320 -2.17 -24.02 36.56
C ASP A 320 -3.09 -22.90 37.02
N THR A 321 -2.59 -21.67 36.97
CA THR A 321 -3.41 -20.50 37.36
C THR A 321 -4.64 -20.36 36.46
N LEU A 322 -4.43 -20.37 35.15
CA LEU A 322 -5.54 -20.24 34.20
C LEU A 322 -6.55 -21.36 34.44
N TRP A 323 -6.05 -22.59 34.57
CA TRP A 323 -6.94 -23.74 34.70
C TRP A 323 -7.70 -23.68 36.00
N GLY A 324 -7.03 -23.26 37.07
CA GLY A 324 -7.66 -23.00 38.36
C GLY A 324 -8.87 -22.09 38.27
N ILE A 325 -8.78 -21.09 37.39
CA ILE A 325 -9.91 -20.19 37.12
C ILE A 325 -10.95 -20.85 36.25
N GLN A 326 -10.50 -21.48 35.16
CA GLN A 326 -11.41 -22.04 34.13
C GLN A 326 -12.32 -23.15 34.63
N LYS A 327 -11.78 -24.02 35.50
CA LYS A 327 -12.55 -25.13 36.07
C LYS A 327 -13.74 -24.65 36.93
N GLU A 328 -13.66 -23.41 37.43
CA GLU A 328 -14.71 -22.82 38.26
C GLU A 328 -15.82 -22.11 37.46
N LEU A 329 -15.72 -22.05 36.13
CA LEU A 329 -16.64 -21.22 35.34
C LEU A 329 -17.90 -21.98 34.97
N GLN A 330 -19.02 -21.27 34.96
CA GLN A 330 -20.33 -21.85 34.60
C GLN A 330 -20.69 -21.35 33.21
N PHE A 331 -21.07 -22.28 32.34
CA PHE A 331 -21.36 -22.02 30.92
C PHE A 331 -22.87 -22.07 30.63
N ALA B 1 32.68 -1.69 26.90
CA ALA B 1 31.78 -1.87 25.73
C ALA B 1 30.46 -2.52 26.14
N THR B 2 29.38 -1.82 25.84
CA THR B 2 28.03 -2.35 25.98
C THR B 2 27.72 -3.45 24.96
N LEU B 3 26.61 -4.16 25.18
CA LEU B 3 26.04 -5.12 24.21
C LEU B 3 25.77 -4.50 22.85
N LYS B 4 25.25 -3.27 22.86
CA LYS B 4 25.05 -2.53 21.63
C LYS B 4 26.36 -2.44 20.81
N ASP B 5 27.45 -2.06 21.47
CA ASP B 5 28.77 -1.95 20.84
C ASP B 5 29.35 -3.31 20.42
N GLN B 6 29.04 -4.33 21.19
CA GLN B 6 29.49 -5.70 20.92
C GLN B 6 28.78 -6.20 19.67
N LEU B 7 27.49 -5.84 19.55
CA LEU B 7 26.65 -6.27 18.43
C LEU B 7 26.88 -5.43 17.16
N ILE B 8 27.03 -4.12 17.33
CA ILE B 8 26.96 -3.16 16.23
C ILE B 8 28.19 -2.28 16.16
N TYR B 9 28.85 -2.31 15.02
CA TYR B 9 29.98 -1.41 14.75
C TYR B 9 29.44 -0.19 14.09
N ASN B 10 29.67 0.97 14.69
CA ASN B 10 29.18 2.21 14.14
C ASN B 10 30.14 2.81 13.14
N LEU B 11 29.66 3.06 11.92
CA LEU B 11 30.50 3.71 10.90
C LEU B 11 30.58 5.21 11.13
N LEU B 12 29.45 5.83 11.42
CA LEU B 12 29.40 7.28 11.62
C LEU B 12 28.30 7.64 12.59
N LYS B 13 28.48 8.75 13.29
CA LYS B 13 27.49 9.23 14.25
C LYS B 13 26.85 10.52 13.76
N GLU B 14 27.21 10.96 12.55
CA GLU B 14 26.57 12.12 11.89
C GLU B 14 25.04 12.05 12.07
N GLU B 15 24.51 12.81 13.02
CA GLU B 15 23.08 12.80 13.32
C GLU B 15 22.29 13.55 12.26
N GLN B 16 21.07 13.09 12.04
CA GLN B 16 20.27 13.68 10.98
C GLN B 16 18.98 14.30 11.46
N THR B 17 18.36 14.98 10.52
CA THR B 17 17.10 15.62 10.71
C THR B 17 16.15 14.91 9.75
N PRO B 18 14.86 14.88 10.12
CA PRO B 18 13.91 14.23 9.22
C PRO B 18 13.72 15.01 7.92
N GLN B 19 13.49 14.26 6.84
CA GLN B 19 13.18 14.80 5.53
C GLN B 19 11.69 15.02 5.26
N ASN B 20 10.82 14.38 6.03
CA ASN B 20 9.37 14.43 5.75
C ASN B 20 8.58 14.45 7.04
N LYS B 21 8.85 15.46 7.85
CA LYS B 21 8.22 15.52 9.17
C LYS B 21 6.85 16.17 9.07
N ILE B 22 5.90 15.59 9.82
CA ILE B 22 4.56 16.12 9.97
C ILE B 22 4.27 16.28 11.47
N THR B 23 3.65 17.42 11.83
CA THR B 23 3.17 17.69 13.16
C THR B 23 1.65 17.73 13.17
N VAL B 24 1.07 17.03 14.13
CA VAL B 24 -0.31 17.18 14.53
C VAL B 24 -0.38 17.92 15.89
N VAL B 25 -1.07 19.06 15.89
CA VAL B 25 -1.36 19.85 17.10
C VAL B 25 -2.78 19.56 17.59
N GLY B 26 -2.85 18.96 18.76
CA GLY B 26 -4.11 18.55 19.36
C GLY B 26 -4.27 17.07 19.14
N VAL B 27 -4.30 16.32 20.24
CA VAL B 27 -4.40 14.86 20.19
C VAL B 27 -5.73 14.34 20.69
N GLY B 28 -6.79 15.08 20.41
CA GLY B 28 -8.12 14.58 20.63
C GLY B 28 -8.57 13.57 19.58
N ALA B 29 -9.88 13.41 19.45
CA ALA B 29 -10.44 12.40 18.56
C ALA B 29 -10.01 12.64 17.12
N VAL B 30 -9.99 13.90 16.70
CA VAL B 30 -9.68 14.29 15.32
C VAL B 30 -8.19 14.15 15.08
N GLY B 31 -7.41 14.67 16.01
CA GLY B 31 -5.98 14.69 15.84
C GLY B 31 -5.41 13.29 15.71
N MET B 32 -5.91 12.37 16.53
CA MET B 32 -5.38 11.02 16.57
C MET B 32 -5.88 10.23 15.35
N ALA B 33 -7.07 10.58 14.86
CA ALA B 33 -7.57 10.00 13.60
C ALA B 33 -6.73 10.44 12.39
N CYS B 34 -6.36 11.71 12.36
CA CYS B 34 -5.40 12.19 11.39
C CYS B 34 -4.06 11.44 11.51
N ALA B 35 -3.59 11.24 12.73
CA ALA B 35 -2.27 10.64 12.99
C ALA B 35 -2.19 9.19 12.51
N ILE B 36 -3.15 8.38 12.92
CA ILE B 36 -3.15 6.98 12.56
C ILE B 36 -3.29 6.80 11.05
N SER B 37 -4.11 7.64 10.42
CA SER B 37 -4.35 7.58 8.97
C SER B 37 -3.07 7.98 8.21
N ILE B 38 -2.42 9.04 8.67
CA ILE B 38 -1.14 9.47 8.15
C ILE B 38 -0.07 8.40 8.33
N LEU B 39 -0.04 7.75 9.49
CA LEU B 39 0.90 6.68 9.76
C LEU B 39 0.66 5.46 8.88
N MET B 40 -0.59 5.03 8.73
CA MET B 40 -0.88 3.90 7.85
C MET B 40 -0.71 4.16 6.36
N LYS B 41 -0.52 5.43 6.00
CA LYS B 41 -0.28 5.80 4.59
C LYS B 41 1.20 6.09 4.29
N ASP B 42 2.10 5.90 5.26
CA ASP B 42 3.55 6.13 5.04
C ASP B 42 3.89 7.50 4.45
N LEU B 43 3.29 8.55 4.99
CA LEU B 43 3.56 9.91 4.51
C LEU B 43 4.72 10.61 5.21
N ALA B 44 5.07 10.15 6.41
CA ALA B 44 6.07 10.86 7.24
C ALA B 44 7.22 9.95 7.69
N ASP B 45 8.44 10.51 7.76
CA ASP B 45 9.54 9.81 8.46
C ASP B 45 9.62 10.19 9.93
N GLU B 46 8.95 11.27 10.31
CA GLU B 46 8.83 11.65 11.71
C GLU B 46 7.47 12.26 11.92
N LEU B 47 6.81 11.83 12.99
CA LEU B 47 5.55 12.38 13.41
C LEU B 47 5.72 13.03 14.78
N ALA B 48 5.35 14.30 14.88
CA ALA B 48 5.36 15.03 16.16
C ALA B 48 3.93 15.37 16.58
N LEU B 49 3.65 15.19 17.86
CA LEU B 49 2.37 15.50 18.45
C LEU B 49 2.52 16.59 19.52
N VAL B 50 1.60 17.54 19.54
CA VAL B 50 1.58 18.62 20.52
C VAL B 50 0.18 18.72 21.10
N ASP B 51 0.12 18.90 22.40
CA ASP B 51 -1.12 19.21 23.11
C ASP B 51 -0.79 19.89 24.44
N VAL B 52 -1.78 20.55 25.05
CA VAL B 52 -1.64 21.15 26.40
C VAL B 52 -1.92 20.16 27.53
N ILE B 53 -2.62 19.06 27.23
CA ILE B 53 -2.93 18.04 28.25
C ILE B 53 -1.77 17.03 28.23
N GLU B 54 -0.91 17.10 29.23
CA GLU B 54 0.39 16.42 29.20
C GLU B 54 0.32 14.90 29.31
N ASP B 55 -0.55 14.40 30.18
N ASP B 55 -0.55 14.40 30.18
CA ASP B 55 -0.67 12.94 30.35
CA ASP B 55 -0.68 12.96 30.37
C ASP B 55 -1.29 12.33 29.09
C ASP B 55 -1.29 12.33 29.10
N LYS B 56 -2.35 12.93 28.57
CA LYS B 56 -3.01 12.44 27.36
C LYS B 56 -2.04 12.38 26.17
N LEU B 57 -1.24 13.42 26.02
CA LEU B 57 -0.25 13.52 24.96
C LEU B 57 0.78 12.40 25.06
N LYS B 58 1.33 12.21 26.27
CA LYS B 58 2.35 11.16 26.48
C LYS B 58 1.78 9.79 26.17
N GLY B 59 0.57 9.52 26.67
CA GLY B 59 -0.09 8.24 26.52
C GLY B 59 -0.48 7.89 25.09
N GLU B 60 -0.93 8.88 24.33
CA GLU B 60 -1.23 8.71 22.89
C GLU B 60 0.08 8.49 22.08
N MET B 61 1.12 9.26 22.39
CA MET B 61 2.42 9.02 21.80
C MET B 61 2.84 7.59 22.00
N MET B 62 2.77 7.12 23.24
CA MET B 62 3.22 5.78 23.58
C MET B 62 2.44 4.72 22.84
N ASP B 63 1.12 4.89 22.82
CA ASP B 63 0.26 3.97 22.16
C ASP B 63 0.64 3.85 20.66
N LEU B 64 0.88 4.95 19.96
CA LEU B 64 1.35 4.85 18.57
C LEU B 64 2.72 4.19 18.49
N GLN B 65 3.60 4.55 19.40
CA GLN B 65 4.95 4.02 19.39
C GLN B 65 4.95 2.50 19.51
N HIS B 66 4.02 1.99 20.31
CA HIS B 66 3.93 0.58 20.56
C HIS B 66 3.49 -0.23 19.35
N GLY B 67 2.97 0.44 18.32
CA GLY B 67 2.62 -0.23 17.07
C GLY B 67 3.66 -0.01 15.99
N SER B 68 4.84 0.43 16.39
CA SER B 68 5.93 0.73 15.44
C SER B 68 6.31 -0.47 14.56
N LEU B 69 6.26 -1.67 15.13
CA LEU B 69 6.61 -2.86 14.38
C LEU B 69 5.77 -2.96 13.09
N PHE B 70 4.53 -2.51 13.16
CA PHE B 70 3.59 -2.56 12.03
C PHE B 70 3.53 -1.29 11.17
N LEU B 71 4.47 -0.36 11.40
CA LEU B 71 4.52 0.92 10.66
C LEU B 71 5.87 1.14 9.98
N ARG B 72 5.95 2.20 9.18
CA ARG B 72 7.16 2.59 8.47
CA ARG B 72 7.21 2.60 8.49
C ARG B 72 7.48 4.08 8.77
N THR B 73 7.16 4.50 9.99
CA THR B 73 7.49 5.83 10.49
C THR B 73 8.41 5.63 11.70
N PRO B 74 9.70 5.86 11.52
CA PRO B 74 10.67 5.36 12.50
C PRO B 74 10.75 6.16 13.82
N LYS B 75 10.18 7.36 13.86
CA LYS B 75 10.22 8.23 15.05
C LYS B 75 8.91 9.00 15.24
N ILE B 76 8.31 8.78 16.41
CA ILE B 76 7.16 9.49 16.90
C ILE B 76 7.61 10.20 18.19
N VAL B 77 7.44 11.51 18.22
CA VAL B 77 7.78 12.36 19.37
C VAL B 77 6.56 13.16 19.78
N SER B 78 6.59 13.61 21.03
CA SER B 78 5.57 14.53 21.54
C SER B 78 6.12 15.48 22.57
N GLY B 79 5.43 16.61 22.73
CA GLY B 79 5.85 17.66 23.65
C GLY B 79 4.89 18.82 23.75
N LYS B 80 4.99 19.56 24.85
CA LYS B 80 4.24 20.79 25.10
C LYS B 80 4.96 21.95 24.42
N ASP B 81 6.28 21.81 24.26
CA ASP B 81 7.12 22.85 23.66
C ASP B 81 7.21 22.60 22.17
N TYR B 82 7.05 23.65 21.38
CA TYR B 82 7.03 23.52 19.91
C TYR B 82 8.42 23.28 19.29
N ASN B 83 9.45 23.08 20.12
CA ASN B 83 10.78 22.63 19.63
C ASN B 83 10.76 21.20 19.06
N VAL B 84 9.82 20.39 19.54
CA VAL B 84 9.59 19.05 19.01
C VAL B 84 9.03 19.06 17.56
N THR B 85 8.58 20.21 17.07
CA THR B 85 7.91 20.31 15.78
C THR B 85 8.81 20.96 14.75
N ALA B 86 10.05 21.24 15.14
CA ALA B 86 10.92 22.01 14.25
C ALA B 86 11.14 21.32 12.89
N ASN B 87 11.16 22.15 11.86
CA ASN B 87 11.42 21.73 10.49
C ASN B 87 10.34 20.77 9.97
N SER B 88 9.10 20.97 10.42
CA SER B 88 7.95 20.22 9.90
C SER B 88 7.66 20.68 8.48
N LYS B 89 7.43 19.74 7.58
CA LYS B 89 6.92 20.09 6.24
C LYS B 89 5.45 20.50 6.28
N LEU B 90 4.71 19.89 7.19
CA LEU B 90 3.27 19.99 7.26
C LEU B 90 2.87 19.96 8.70
N VAL B 91 2.04 20.93 9.10
CA VAL B 91 1.58 21.01 10.49
C VAL B 91 0.09 21.10 10.45
N ILE B 92 -0.57 20.17 11.13
CA ILE B 92 -2.02 20.03 11.05
C ILE B 92 -2.54 20.50 12.38
N ILE B 93 -3.44 21.47 12.35
CA ILE B 93 -3.98 22.05 13.58
C ILE B 93 -5.39 21.55 13.77
N THR B 94 -5.56 20.71 14.78
CA THR B 94 -6.85 20.16 15.15
C THR B 94 -7.25 20.52 16.60
N ALA B 95 -6.58 21.49 17.21
CA ALA B 95 -6.86 21.82 18.61
C ALA B 95 -8.01 22.78 18.69
N GLY B 96 -8.80 22.62 19.73
CA GLY B 96 -9.78 23.62 20.12
C GLY B 96 -11.06 22.97 20.54
N ALA B 97 -11.98 23.82 20.99
CA ALA B 97 -13.33 23.39 21.33
C ALA B 97 -14.08 22.81 20.11
N ARG B 98 -14.86 21.76 20.36
CA ARG B 98 -15.80 21.20 19.37
C ARG B 98 -17.01 22.12 19.23
N LEU B 106 -20.44 32.63 18.16
CA LEU B 106 -19.75 33.86 18.61
C LEU B 106 -18.67 33.55 19.65
N ASN B 107 -19.04 32.72 20.63
CA ASN B 107 -18.11 32.23 21.67
C ASN B 107 -17.17 31.15 21.11
N LEU B 108 -17.71 30.22 20.32
CA LEU B 108 -16.92 29.14 19.70
C LEU B 108 -15.72 29.70 18.96
N VAL B 109 -15.94 30.78 18.20
CA VAL B 109 -14.90 31.41 17.40
C VAL B 109 -13.84 32.11 18.27
N GLN B 110 -14.27 32.99 19.18
CA GLN B 110 -13.28 33.81 19.91
C GLN B 110 -12.33 32.96 20.76
N ARG B 111 -12.83 31.84 21.30
CA ARG B 111 -12.00 30.94 22.11
C ARG B 111 -10.96 30.14 21.30
N ASN B 112 -11.31 29.73 20.08
CA ASN B 112 -10.32 29.07 19.23
C ASN B 112 -9.35 30.10 18.66
N VAL B 113 -9.83 31.31 18.45
CA VAL B 113 -8.94 32.43 18.12
C VAL B 113 -7.88 32.58 19.21
N ASN B 114 -8.29 32.50 20.47
CA ASN B 114 -7.35 32.73 21.57
C ASN B 114 -6.30 31.63 21.63
N ILE B 115 -6.76 30.40 21.43
CA ILE B 115 -5.85 29.24 21.27
C ILE B 115 -4.85 29.47 20.13
N PHE B 116 -5.36 29.93 19.00
CA PHE B 116 -4.52 30.17 17.83
C PHE B 116 -3.48 31.27 18.04
N LYS B 117 -3.78 32.27 18.86
CA LYS B 117 -2.77 33.31 19.24
C LYS B 117 -1.55 32.73 19.93
N PHE B 118 -1.74 31.62 20.65
CA PHE B 118 -0.60 30.88 21.21
C PHE B 118 0.05 29.92 20.20
N ILE B 119 -0.77 29.12 19.52
CA ILE B 119 -0.31 28.05 18.65
C ILE B 119 0.45 28.58 17.45
N ILE B 120 -0.18 29.47 16.69
CA ILE B 120 0.36 29.82 15.39
C ILE B 120 1.75 30.46 15.44
N PRO B 121 1.98 31.43 16.36
CA PRO B 121 3.34 31.98 16.40
C PRO B 121 4.41 30.93 16.72
N ASN B 122 4.07 30.02 17.62
CA ASN B 122 4.93 28.92 17.99
C ASN B 122 5.23 27.96 16.83
N VAL B 123 4.23 27.70 15.98
CA VAL B 123 4.48 26.88 14.79
C VAL B 123 5.42 27.59 13.82
N VAL B 124 5.13 28.87 13.52
CA VAL B 124 5.88 29.66 12.52
C VAL B 124 7.36 29.82 12.91
N LYS B 125 7.56 29.95 14.22
CA LYS B 125 8.88 30.08 14.87
C LYS B 125 9.79 28.90 14.52
N TYR B 126 9.28 27.68 14.73
CA TYR B 126 10.04 26.44 14.50
C TYR B 126 9.96 25.82 13.09
N SER B 127 8.94 26.17 12.31
CA SER B 127 8.80 25.65 10.95
C SER B 127 8.29 26.75 10.04
N PRO B 128 9.15 27.74 9.71
CA PRO B 128 8.72 28.89 8.92
C PRO B 128 8.38 28.58 7.48
N ASN B 129 8.78 27.41 6.97
CA ASN B 129 8.50 27.06 5.58
C ASN B 129 7.43 25.98 5.44
N CYS B 130 6.80 25.60 6.56
CA CYS B 130 5.76 24.57 6.52
C CYS B 130 4.48 24.99 5.80
N LYS B 131 3.73 23.98 5.38
CA LYS B 131 2.34 24.15 5.01
C LYS B 131 1.49 23.98 6.29
N LEU B 132 0.58 24.93 6.52
CA LEU B 132 -0.36 24.86 7.63
C LEU B 132 -1.67 24.30 7.11
N LEU B 133 -2.19 23.27 7.77
CA LEU B 133 -3.47 22.71 7.39
C LEU B 133 -4.35 22.83 8.60
N ILE B 134 -5.42 23.62 8.47
CA ILE B 134 -6.32 23.90 9.58
C ILE B 134 -7.58 23.00 9.48
N VAL B 135 -7.89 22.34 10.58
CA VAL B 135 -9.02 21.45 10.69
C VAL B 135 -9.99 22.01 11.72
N SER B 136 -9.47 22.60 12.80
CA SER B 136 -10.28 23.21 13.86
C SER B 136 -11.39 24.09 13.34
N ASN B 137 -12.54 23.99 13.98
CA ASN B 137 -13.73 24.72 13.57
C ASN B 137 -13.92 26.05 14.33
N PRO B 138 -14.54 27.06 13.70
CA PRO B 138 -15.06 26.97 12.31
C PRO B 138 -13.91 27.12 11.31
N VAL B 139 -13.70 26.07 10.51
CA VAL B 139 -12.46 25.91 9.75
C VAL B 139 -12.16 27.07 8.80
N ASP B 140 -13.18 27.64 8.17
CA ASP B 140 -12.94 28.74 7.22
C ASP B 140 -12.44 30.00 7.93
N ILE B 141 -13.01 30.29 9.08
CA ILE B 141 -12.60 31.44 9.89
C ILE B 141 -11.20 31.21 10.45
N LEU B 142 -10.96 30.04 11.02
CA LEU B 142 -9.66 29.76 11.64
C LEU B 142 -8.54 29.64 10.65
N THR B 143 -8.88 29.34 9.39
CA THR B 143 -7.87 29.38 8.32
C THR B 143 -7.44 30.85 8.06
N TYR B 144 -8.40 31.77 8.01
CA TYR B 144 -8.11 33.21 7.89
C TYR B 144 -7.24 33.67 9.08
N VAL B 145 -7.67 33.32 10.27
CA VAL B 145 -6.94 33.64 11.49
C VAL B 145 -5.49 33.12 11.45
N ALA B 146 -5.30 31.86 11.05
CA ALA B 146 -3.95 31.32 10.94
C ALA B 146 -3.11 32.10 9.93
N TRP B 147 -3.74 32.48 8.84
CA TRP B 147 -3.06 33.22 7.78
C TRP B 147 -2.66 34.64 8.26
N LYS B 148 -3.57 35.29 8.97
CA LYS B 148 -3.33 36.65 9.52
C LYS B 148 -2.17 36.67 10.54
N ILE B 149 -2.24 35.75 11.49
CA ILE B 149 -1.25 35.63 12.54
C ILE B 149 0.10 35.15 12.02
N SER B 150 0.10 34.15 11.14
CA SER B 150 1.37 33.58 10.64
C SER B 150 2.17 34.56 9.80
N GLY B 151 1.47 35.38 9.04
CA GLY B 151 2.13 36.12 7.96
C GLY B 151 2.52 35.26 6.76
N PHE B 152 2.09 34.00 6.72
CA PHE B 152 2.43 33.12 5.60
C PHE B 152 1.79 33.61 4.30
N PRO B 153 2.44 33.34 3.14
CA PRO B 153 1.74 33.54 1.87
C PRO B 153 0.53 32.57 1.82
N LYS B 154 -0.53 32.99 1.15
CA LYS B 154 -1.80 32.24 1.17
C LYS B 154 -1.70 30.80 0.68
N ASN B 155 -0.75 30.52 -0.20
CA ASN B 155 -0.55 29.15 -0.70
C ASN B 155 -0.19 28.16 0.41
N ARG B 156 0.41 28.64 1.51
CA ARG B 156 0.86 27.74 2.58
C ARG B 156 -0.07 27.71 3.79
N VAL B 157 -1.27 28.25 3.65
CA VAL B 157 -2.31 28.17 4.67
C VAL B 157 -3.61 27.60 4.06
N ILE B 158 -3.94 26.39 4.47
CA ILE B 158 -4.99 25.62 3.80
C ILE B 158 -5.97 25.14 4.86
N GLY B 159 -7.26 25.31 4.63
CA GLY B 159 -8.26 24.75 5.51
C GLY B 159 -8.78 23.47 4.93
N SER B 160 -9.03 22.45 5.77
CA SER B 160 -9.63 21.20 5.28
C SER B 160 -10.98 21.43 4.58
N GLY B 161 -11.70 22.45 5.02
CA GLY B 161 -12.81 23.01 4.26
C GLY B 161 -13.86 21.99 3.86
N CYS B 162 -14.19 21.95 2.57
CA CYS B 162 -15.22 21.03 2.06
C CYS B 162 -14.70 19.73 1.47
N ASN B 163 -13.45 19.34 1.75
CA ASN B 163 -12.97 18.03 1.32
C ASN B 163 -13.84 16.91 1.90
N LEU B 164 -14.14 17.01 3.18
CA LEU B 164 -15.02 16.04 3.85
C LEU B 164 -16.50 16.12 3.40
N ASP B 165 -17.01 17.34 3.23
CA ASP B 165 -18.37 17.53 2.73
C ASP B 165 -18.55 16.86 1.37
N SER B 166 -17.57 17.06 0.48
CA SER B 166 -17.61 16.50 -0.85
C SER B 166 -17.46 14.98 -0.79
N ALA B 167 -16.62 14.51 0.11
CA ALA B 167 -16.50 13.07 0.34
C ALA B 167 -17.82 12.43 0.80
N ARG B 168 -18.51 13.11 1.71
CA ARG B 168 -19.84 12.65 2.15
C ARG B 168 -20.86 12.68 1.00
N PHE B 169 -20.80 13.72 0.20
CA PHE B 169 -21.74 13.86 -0.90
C PHE B 169 -21.55 12.68 -1.86
N ARG B 170 -20.29 12.36 -2.12
CA ARG B 170 -19.97 11.33 -3.09
C ARG B 170 -20.34 9.95 -2.56
N TYR B 171 -20.21 9.77 -1.25
CA TYR B 171 -20.71 8.55 -0.60
C TYR B 171 -22.22 8.38 -0.83
N LEU B 172 -22.98 9.46 -0.66
CA LEU B 172 -24.44 9.38 -0.71
C LEU B 172 -24.90 9.22 -2.14
N MET B 173 -24.22 9.93 -3.04
CA MET B 173 -24.45 9.80 -4.45
C MET B 173 -24.21 8.37 -4.87
N GLY B 174 -23.10 7.80 -4.42
CA GLY B 174 -22.76 6.43 -4.73
C GLY B 174 -23.77 5.39 -4.27
N GLU B 175 -24.28 5.55 -3.06
CA GLU B 175 -25.33 4.68 -2.57
C GLU B 175 -26.60 4.76 -3.43
N ARG B 176 -26.96 5.96 -3.86
CA ARG B 176 -28.12 6.15 -4.72
C ARG B 176 -27.96 5.56 -6.12
N LEU B 177 -26.75 5.62 -6.67
CA LEU B 177 -26.51 5.13 -8.00
C LEU B 177 -25.98 3.71 -8.06
N GLY B 178 -25.53 3.17 -6.95
CA GLY B 178 -24.91 1.85 -6.95
C GLY B 178 -23.53 1.87 -7.60
N VAL B 179 -22.79 2.95 -7.36
CA VAL B 179 -21.46 3.12 -7.94
C VAL B 179 -20.50 3.54 -6.81
N HIS B 180 -19.24 3.11 -6.89
CA HIS B 180 -18.25 3.48 -5.85
C HIS B 180 -18.11 5.01 -5.82
N PRO B 181 -17.91 5.61 -4.64
CA PRO B 181 -17.76 7.04 -4.56
C PRO B 181 -16.62 7.62 -5.39
N LEU B 182 -15.54 6.86 -5.51
CA LEU B 182 -14.44 7.25 -6.42
C LEU B 182 -14.89 7.60 -7.84
N SER B 183 -15.91 6.89 -8.34
CA SER B 183 -16.45 7.08 -9.71
C SER B 183 -17.65 8.00 -9.77
N CYS B 184 -18.07 8.52 -8.62
CA CYS B 184 -19.17 9.51 -8.56
C CYS B 184 -18.58 10.88 -8.28
N HIS B 185 -18.69 11.79 -9.25
CA HIS B 185 -18.06 13.10 -9.17
C HIS B 185 -19.07 14.19 -8.82
N GLY B 186 -18.71 15.02 -7.88
CA GLY B 186 -19.62 16.05 -7.37
C GLY B 186 -18.87 16.90 -6.38
N TRP B 187 -19.06 18.21 -6.44
CA TRP B 187 -18.33 19.18 -5.65
C TRP B 187 -19.27 19.93 -4.73
N VAL B 188 -18.87 20.04 -3.47
CA VAL B 188 -19.60 20.86 -2.50
C VAL B 188 -18.60 21.91 -2.12
N LEU B 189 -18.95 23.17 -2.36
CA LEU B 189 -18.03 24.29 -2.21
C LEU B 189 -18.54 25.32 -1.22
N GLY B 190 -17.72 26.34 -0.99
CA GLY B 190 -18.06 27.45 -0.14
C GLY B 190 -17.72 27.17 1.30
N GLU B 191 -18.64 27.52 2.17
CA GLU B 191 -18.42 27.41 3.60
C GLU B 191 -18.58 25.95 4.03
N HIS B 192 -17.62 25.45 4.81
CA HIS B 192 -17.79 24.17 5.47
C HIS B 192 -19.06 24.31 6.34
N GLY B 193 -19.91 23.30 6.32
CA GLY B 193 -21.09 23.27 7.21
C GLY B 193 -22.37 23.77 6.58
N ASP B 194 -23.15 24.50 7.36
CA ASP B 194 -24.56 24.72 7.03
C ASP B 194 -24.79 25.35 5.67
N SER B 195 -23.93 26.30 5.29
CA SER B 195 -24.12 27.12 4.09
C SER B 195 -23.33 26.65 2.85
N SER B 196 -22.83 25.43 2.87
CA SER B 196 -22.06 24.89 1.73
C SER B 196 -22.93 24.81 0.50
N VAL B 197 -22.30 24.80 -0.68
CA VAL B 197 -23.04 24.86 -1.93
C VAL B 197 -22.77 23.62 -2.80
N PRO B 198 -23.81 22.85 -3.13
CA PRO B 198 -23.67 21.74 -4.05
C PRO B 198 -23.65 22.23 -5.48
N VAL B 199 -22.58 21.96 -6.23
CA VAL B 199 -22.51 22.44 -7.61
C VAL B 199 -23.15 21.37 -8.54
N TRP B 200 -24.46 21.50 -8.76
CA TRP B 200 -25.22 20.50 -9.53
C TRP B 200 -24.70 20.25 -10.94
N SER B 201 -24.27 21.32 -11.59
CA SER B 201 -23.77 21.30 -12.96
C SER B 201 -22.53 20.47 -13.13
N GLY B 202 -21.78 20.28 -12.06
CA GLY B 202 -20.60 19.44 -12.15
C GLY B 202 -20.79 17.97 -11.85
N MET B 203 -21.96 17.62 -11.35
CA MET B 203 -22.19 16.25 -10.92
C MET B 203 -22.31 15.29 -12.09
N ASN B 204 -21.53 14.20 -12.06
CA ASN B 204 -21.41 13.32 -13.20
C ASN B 204 -20.83 11.97 -12.85
N VAL B 205 -21.17 10.97 -13.67
CA VAL B 205 -20.49 9.68 -13.69
C VAL B 205 -19.98 9.53 -15.09
N ALA B 206 -18.70 9.16 -15.22
CA ALA B 206 -18.08 8.94 -16.51
C ALA B 206 -18.23 10.12 -17.46
N GLY B 207 -18.28 11.31 -16.88
CA GLY B 207 -18.40 12.56 -17.64
C GLY B 207 -19.80 12.80 -18.16
N VAL B 208 -20.77 12.00 -17.73
CA VAL B 208 -22.15 12.22 -18.10
C VAL B 208 -22.80 13.09 -17.06
N SER B 209 -23.25 14.27 -17.47
CA SER B 209 -23.82 15.28 -16.60
C SER B 209 -25.19 14.86 -16.14
N LEU B 210 -25.39 14.74 -14.82
CA LEU B 210 -26.69 14.34 -14.28
C LEU B 210 -27.70 15.46 -14.43
N LYS B 211 -27.23 16.70 -14.36
CA LYS B 211 -28.13 17.86 -14.52
C LYS B 211 -28.70 17.90 -15.96
N THR B 212 -27.89 17.55 -16.95
CA THR B 212 -28.37 17.54 -18.34
C THR B 212 -29.41 16.44 -18.53
N LEU B 213 -29.16 15.28 -17.92
CA LEU B 213 -30.11 14.14 -17.99
C LEU B 213 -31.36 14.40 -17.18
N HIS B 214 -31.23 15.20 -16.13
CA HIS B 214 -32.29 15.38 -15.17
C HIS B 214 -32.31 16.87 -14.80
N PRO B 215 -32.97 17.70 -15.64
CA PRO B 215 -32.98 19.17 -15.45
C PRO B 215 -33.47 19.65 -14.10
N ASP B 216 -34.33 18.88 -13.44
CA ASP B 216 -34.87 19.26 -12.13
C ASP B 216 -33.92 18.97 -10.98
N LEU B 217 -32.79 18.32 -11.29
CA LEU B 217 -31.73 18.05 -10.28
C LEU B 217 -31.37 19.27 -9.45
N GLY B 218 -31.52 19.14 -8.12
CA GLY B 218 -31.17 20.23 -7.21
C GLY B 218 -32.25 21.27 -6.98
N THR B 219 -33.43 21.11 -7.59
CA THR B 219 -34.54 22.04 -7.38
C THR B 219 -35.60 21.35 -6.53
N ASP B 220 -36.53 22.13 -5.98
CA ASP B 220 -37.67 21.62 -5.22
C ASP B 220 -38.65 20.75 -6.05
N LYS B 221 -38.74 21.03 -7.36
CA LYS B 221 -39.57 20.28 -8.31
C LYS B 221 -39.11 18.84 -8.53
N ASP B 222 -37.88 18.53 -8.12
CA ASP B 222 -37.28 17.20 -8.32
C ASP B 222 -38.07 16.13 -7.58
N LYS B 223 -38.64 15.20 -8.35
CA LYS B 223 -39.38 14.07 -7.78
C LYS B 223 -38.47 13.12 -7.01
N GLU B 224 -37.18 13.12 -7.28
CA GLU B 224 -36.24 12.27 -6.53
C GLU B 224 -35.51 13.02 -5.42
N GLN B 225 -35.76 14.33 -5.31
CA GLN B 225 -35.32 15.11 -4.16
C GLN B 225 -33.80 15.00 -3.97
N TRP B 226 -33.04 15.18 -5.04
CA TRP B 226 -31.58 15.18 -4.91
C TRP B 226 -31.06 16.26 -4.00
N LYS B 227 -31.77 17.38 -3.92
CA LYS B 227 -31.44 18.44 -2.98
C LYS B 227 -31.24 17.94 -1.54
N GLU B 228 -31.94 16.85 -1.19
CA GLU B 228 -31.86 16.23 0.13
C GLU B 228 -30.55 15.50 0.36
N VAL B 229 -29.87 15.10 -0.72
CA VAL B 229 -28.54 14.53 -0.60
C VAL B 229 -27.60 15.58 -0.01
N HIS B 230 -27.66 16.80 -0.55
CA HIS B 230 -26.87 17.89 0.05
C HIS B 230 -27.34 18.21 1.47
N LYS B 231 -28.64 18.14 1.72
CA LYS B 231 -29.15 18.34 3.08
C LYS B 231 -28.58 17.29 4.04
N GLN B 232 -28.56 16.05 3.59
CA GLN B 232 -27.94 14.94 4.35
C GLN B 232 -26.45 15.16 4.64
N VAL B 233 -25.72 15.77 3.71
CA VAL B 233 -24.30 16.10 3.93
C VAL B 233 -24.18 17.08 5.09
N VAL B 234 -24.96 18.16 5.02
CA VAL B 234 -25.00 19.19 6.07
C VAL B 234 -25.38 18.54 7.42
N GLU B 235 -26.38 17.67 7.40
CA GLU B 235 -26.97 17.08 8.61
C GLU B 235 -26.12 15.95 9.19
N SER B 236 -25.71 15.01 8.35
CA SER B 236 -25.14 13.74 8.85
C SER B 236 -24.00 13.94 9.89
N ALA B 237 -23.32 15.06 9.81
CA ALA B 237 -22.41 15.54 10.83
C ALA B 237 -23.06 15.70 12.22
N TYR B 238 -24.21 16.38 12.25
CA TYR B 238 -25.01 16.51 13.48
C TYR B 238 -25.48 15.13 13.92
N GLU B 239 -25.95 14.35 12.96
CA GLU B 239 -26.39 12.98 13.19
C GLU B 239 -25.30 12.14 13.85
N VAL B 240 -24.09 12.20 13.32
CA VAL B 240 -22.97 11.43 13.88
C VAL B 240 -22.58 11.92 15.27
N ILE B 241 -22.59 13.23 15.48
CA ILE B 241 -22.30 13.80 16.80
C ILE B 241 -23.37 13.33 17.80
N LYS B 242 -24.62 13.29 17.37
CA LYS B 242 -25.71 12.83 18.26
C LYS B 242 -25.55 11.36 18.65
N LEU B 243 -25.05 10.54 17.73
CA LEU B 243 -25.00 9.10 17.92
C LEU B 243 -23.77 8.66 18.69
N LYS B 244 -22.60 9.20 18.34
CA LYS B 244 -21.32 8.79 18.99
C LYS B 244 -20.59 9.91 19.78
N GLY B 245 -21.05 11.16 19.67
CA GLY B 245 -20.51 12.30 20.46
C GLY B 245 -19.58 13.23 19.69
N TYR B 246 -19.03 12.75 18.56
CA TYR B 246 -18.05 13.50 17.79
C TYR B 246 -17.92 12.80 16.44
N THR B 247 -17.21 13.43 15.50
CA THR B 247 -16.79 12.76 14.26
C THR B 247 -15.26 12.68 14.31
N SER B 248 -14.71 11.59 13.78
CA SER B 248 -13.26 11.44 13.78
C SER B 248 -12.70 10.72 12.56
N TRP B 249 -13.29 9.57 12.21
CA TRP B 249 -12.66 8.71 11.20
C TRP B 249 -12.68 9.34 9.82
N ALA B 250 -13.84 9.85 9.42
CA ALA B 250 -13.98 10.44 8.09
C ALA B 250 -13.08 11.64 7.92
N ILE B 251 -13.02 12.48 8.94
CA ILE B 251 -12.14 13.65 8.86
C ILE B 251 -10.67 13.24 8.86
N GLY B 252 -10.33 12.24 9.65
CA GLY B 252 -8.95 11.73 9.67
C GLY B 252 -8.51 11.21 8.30
N LEU B 253 -9.40 10.45 7.66
CA LEU B 253 -9.17 9.93 6.31
C LEU B 253 -9.04 11.05 5.27
N SER B 254 -9.90 12.05 5.36
CA SER B 254 -9.83 13.17 4.45
C SER B 254 -8.58 14.04 4.60
N VAL B 255 -8.14 14.23 5.83
CA VAL B 255 -6.94 15.00 6.11
C VAL B 255 -5.73 14.24 5.57
N ALA B 256 -5.70 12.92 5.76
CA ALA B 256 -4.60 12.12 5.24
C ALA B 256 -4.53 12.12 3.70
N ASP B 257 -5.69 12.24 3.05
CA ASP B 257 -5.75 12.38 1.59
C ASP B 257 -5.15 13.70 1.13
N LEU B 258 -5.44 14.77 1.85
CA LEU B 258 -4.81 16.06 1.57
C LEU B 258 -3.31 16.01 1.83
N ALA B 259 -2.94 15.40 2.95
CA ALA B 259 -1.53 15.28 3.32
C ALA B 259 -0.77 14.49 2.28
N GLU B 260 -1.45 13.51 1.68
CA GLU B 260 -0.79 12.71 0.63
C GLU B 260 -0.41 13.57 -0.55
N SER B 261 -1.33 14.43 -0.99
CA SER B 261 -1.12 15.27 -2.14
C SER B 261 -0.03 16.31 -1.87
N ILE B 262 -0.03 16.87 -0.67
CA ILE B 262 1.02 17.82 -0.23
C ILE B 262 2.41 17.18 -0.16
N MET B 263 2.53 16.12 0.64
CA MET B 263 3.80 15.47 0.91
C MET B 263 4.39 14.84 -0.34
N LYS B 264 3.55 14.32 -1.24
CA LYS B 264 4.06 13.68 -2.47
C LYS B 264 4.01 14.59 -3.71
N ASN B 265 3.68 15.87 -3.53
CA ASN B 265 3.61 16.85 -4.61
C ASN B 265 2.73 16.34 -5.75
N LEU B 266 1.56 15.81 -5.43
CA LEU B 266 0.75 15.12 -6.47
C LEU B 266 0.09 16.07 -7.44
N ARG B 267 -0.23 17.28 -7.00
CA ARG B 267 -1.03 18.25 -7.79
C ARG B 267 -2.38 17.63 -8.18
N ARG B 268 -2.98 16.91 -7.24
CA ARG B 268 -4.39 16.56 -7.34
C ARG B 268 -5.23 17.76 -6.92
N VAL B 269 -6.49 17.79 -7.37
CA VAL B 269 -7.44 18.88 -7.08
C VAL B 269 -8.37 18.43 -5.93
N HIS B 270 -8.46 19.25 -4.89
CA HIS B 270 -9.30 19.01 -3.72
C HIS B 270 -10.05 20.29 -3.38
N PRO B 271 -11.29 20.16 -2.84
CA PRO B 271 -11.97 21.36 -2.38
C PRO B 271 -11.55 21.65 -0.94
N VAL B 272 -10.73 22.69 -0.79
CA VAL B 272 -10.19 23.10 0.50
C VAL B 272 -10.38 24.59 0.60
N SER B 273 -10.23 25.12 1.80
CA SER B 273 -10.50 26.53 2.04
C SER B 273 -9.27 27.37 1.72
N THR B 274 -9.47 28.35 0.86
CA THR B 274 -8.42 29.23 0.43
C THR B 274 -8.96 30.67 0.34
N MET B 275 -8.06 31.61 0.20
CA MET B 275 -8.46 33.03 0.06
C MET B 275 -9.20 33.19 -1.28
N ILE B 276 -10.49 33.53 -1.23
CA ILE B 276 -11.27 33.70 -2.48
C ILE B 276 -11.57 35.14 -2.89
N LYS B 277 -11.06 36.10 -2.13
CA LYS B 277 -11.08 37.50 -2.55
C LYS B 277 -10.63 37.58 -3.99
N GLY B 278 -11.32 38.40 -4.77
CA GLY B 278 -11.05 38.51 -6.20
C GLY B 278 -11.94 37.62 -7.05
N LEU B 279 -12.68 36.69 -6.44
CA LEU B 279 -13.59 35.79 -7.19
C LEU B 279 -15.02 36.00 -6.75
N TYR B 280 -15.95 35.80 -7.68
CA TYR B 280 -17.40 35.88 -7.41
C TYR B 280 -17.86 37.19 -6.77
N GLY B 281 -17.25 38.29 -7.15
CA GLY B 281 -17.52 39.61 -6.59
C GLY B 281 -17.10 39.81 -5.14
N ILE B 282 -16.36 38.86 -4.57
CA ILE B 282 -16.00 38.95 -3.15
C ILE B 282 -14.76 39.81 -3.04
N LYS B 283 -14.80 40.75 -2.10
CA LYS B 283 -13.76 41.77 -1.85
C LYS B 283 -13.07 41.61 -0.49
N ASP B 284 -13.72 40.92 0.43
CA ASP B 284 -13.17 40.73 1.76
C ASP B 284 -12.16 39.58 1.87
N ASP B 285 -11.23 39.71 2.82
CA ASP B 285 -10.22 38.67 3.08
C ASP B 285 -10.88 37.46 3.75
N VAL B 286 -11.62 36.70 2.96
CA VAL B 286 -12.33 35.53 3.47
C VAL B 286 -11.85 34.26 2.81
N PHE B 287 -11.87 33.17 3.58
CA PHE B 287 -11.51 31.87 3.07
C PHE B 287 -12.75 31.03 2.85
N LEU B 288 -12.84 30.44 1.67
CA LEU B 288 -13.94 29.52 1.33
C LEU B 288 -13.36 28.42 0.47
N SER B 289 -14.11 27.32 0.34
CA SER B 289 -13.63 26.18 -0.43
C SER B 289 -13.94 26.32 -1.90
N VAL B 290 -12.89 26.24 -2.71
CA VAL B 290 -13.00 26.01 -4.14
C VAL B 290 -12.03 24.87 -4.47
N PRO B 291 -12.13 24.28 -5.66
CA PRO B 291 -11.17 23.24 -5.98
C PRO B 291 -9.75 23.83 -6.17
N CYS B 292 -8.76 23.27 -5.47
CA CYS B 292 -7.38 23.74 -5.46
C CYS B 292 -6.42 22.60 -5.85
N ILE B 293 -5.38 22.96 -6.59
CA ILE B 293 -4.31 22.05 -6.91
C ILE B 293 -3.34 22.05 -5.71
N LEU B 294 -3.13 20.88 -5.11
CA LEU B 294 -2.36 20.74 -3.87
C LEU B 294 -1.07 19.98 -4.15
N GLY B 295 0.04 20.50 -3.66
CA GLY B 295 1.37 19.93 -3.91
C GLY B 295 2.35 20.39 -2.85
N GLN B 296 3.65 20.34 -3.16
CA GLN B 296 4.68 20.55 -2.14
C GLN B 296 4.80 22.02 -1.68
N ASN B 297 4.21 22.94 -2.44
CA ASN B 297 4.10 24.35 -2.06
C ASN B 297 2.70 24.70 -1.58
N GLY B 298 1.91 23.71 -1.21
CA GLY B 298 0.56 23.96 -0.73
C GLY B 298 -0.38 24.19 -1.88
N ILE B 299 -1.22 25.24 -1.80
CA ILE B 299 -2.12 25.59 -2.93
C ILE B 299 -1.38 26.45 -3.96
N SER B 300 -0.95 25.83 -5.05
CA SER B 300 -0.26 26.53 -6.12
C SER B 300 -1.20 27.22 -7.11
N ASP B 301 -2.43 26.72 -7.20
CA ASP B 301 -3.37 27.14 -8.23
C ASP B 301 -4.79 26.85 -7.77
N LEU B 302 -5.78 27.55 -8.30
CA LEU B 302 -7.16 27.11 -8.09
C LEU B 302 -7.98 27.00 -9.37
N VAL B 303 -8.99 26.13 -9.34
CA VAL B 303 -9.85 25.93 -10.50
C VAL B 303 -10.98 26.95 -10.38
N LYS B 304 -11.22 27.69 -11.46
CA LYS B 304 -12.28 28.69 -11.52
C LYS B 304 -13.53 27.98 -11.99
N VAL B 305 -14.31 27.47 -11.03
CA VAL B 305 -15.55 26.78 -11.34
C VAL B 305 -16.55 27.79 -11.90
N THR B 306 -17.27 27.43 -12.94
CA THR B 306 -18.28 28.32 -13.49
C THR B 306 -19.59 28.06 -12.73
N LEU B 307 -20.00 29.07 -11.99
CA LEU B 307 -21.13 29.00 -11.11
C LEU B 307 -22.32 29.74 -11.72
N THR B 308 -23.52 29.26 -11.45
CA THR B 308 -24.74 30.00 -11.82
C THR B 308 -24.85 31.22 -10.91
N SER B 309 -25.74 32.15 -11.27
CA SER B 309 -25.89 33.39 -10.51
C SER B 309 -26.30 33.10 -9.08
N GLU B 310 -27.16 32.10 -8.90
CA GLU B 310 -27.60 31.67 -7.59
C GLU B 310 -26.42 31.16 -6.76
N GLU B 311 -25.56 30.37 -7.40
CA GLU B 311 -24.38 29.85 -6.74
C GLU B 311 -23.41 30.94 -6.33
N GLU B 312 -23.14 31.90 -7.22
CA GLU B 312 -22.27 33.02 -6.86
C GLU B 312 -22.86 33.82 -5.71
N ALA B 313 -24.18 34.07 -5.77
CA ALA B 313 -24.88 34.80 -4.71
C ALA B 313 -24.70 34.10 -3.35
N ARG B 314 -24.80 32.77 -3.36
CA ARG B 314 -24.60 31.98 -2.13
C ARG B 314 -23.20 32.10 -1.52
N LEU B 315 -22.17 31.96 -2.36
CA LEU B 315 -20.76 32.18 -1.91
C LEU B 315 -20.56 33.58 -1.39
N LYS B 316 -21.05 34.57 -2.13
CA LYS B 316 -20.94 35.97 -1.71
C LYS B 316 -21.57 36.21 -0.35
N LYS B 317 -22.71 35.57 -0.13
CA LYS B 317 -23.43 35.76 1.14
C LYS B 317 -22.61 35.22 2.31
N SER B 318 -22.07 34.01 2.12
CA SER B 318 -21.07 33.43 3.01
C SER B 318 -19.87 34.36 3.28
N ALA B 319 -19.28 34.89 2.23
CA ALA B 319 -18.16 35.81 2.40
C ALA B 319 -18.53 37.01 3.27
N ASP B 320 -19.68 37.63 3.02
CA ASP B 320 -20.16 38.74 3.84
C ASP B 320 -20.39 38.32 5.31
N THR B 321 -20.97 37.14 5.51
CA THR B 321 -21.21 36.63 6.87
C THR B 321 -19.89 36.44 7.61
N LEU B 322 -18.98 35.72 6.96
CA LEU B 322 -17.70 35.38 7.60
C LEU B 322 -16.96 36.65 7.92
N TRP B 323 -16.96 37.60 6.99
CA TRP B 323 -16.24 38.85 7.21
C TRP B 323 -16.84 39.61 8.39
N GLY B 324 -18.17 39.53 8.49
CA GLY B 324 -18.92 40.15 9.61
C GLY B 324 -18.49 39.65 10.97
N ILE B 325 -18.13 38.37 11.05
CA ILE B 325 -17.57 37.80 12.27
C ILE B 325 -16.11 38.19 12.42
N GLN B 326 -15.37 38.10 11.32
CA GLN B 326 -13.94 38.36 11.33
C GLN B 326 -13.54 39.77 11.66
N LYS B 327 -14.37 40.75 11.25
CA LYS B 327 -14.03 42.17 11.48
C LYS B 327 -14.04 42.55 12.94
N GLU B 328 -14.78 41.77 13.74
CA GLU B 328 -14.94 41.96 15.18
C GLU B 328 -13.97 41.14 16.04
N LEU B 329 -13.30 40.17 15.45
CA LEU B 329 -12.30 39.38 16.16
C LEU B 329 -11.16 40.29 16.57
N GLN B 330 -10.60 40.02 17.75
CA GLN B 330 -9.43 40.77 18.24
C GLN B 330 -8.22 39.83 18.37
N PHE B 331 -7.15 40.17 17.64
CA PHE B 331 -5.91 39.41 17.63
C PHE B 331 -4.94 39.88 18.71
N ALA C 1 -6.69 34.84 -23.45
CA ALA C 1 -6.85 33.75 -22.44
C ALA C 1 -7.02 32.37 -23.10
N THR C 2 -6.01 31.52 -22.90
CA THR C 2 -6.06 30.10 -23.23
C THR C 2 -7.09 29.38 -22.37
N LEU C 3 -7.39 28.13 -22.71
CA LEU C 3 -8.30 27.30 -21.91
C LEU C 3 -7.72 27.10 -20.49
N LYS C 4 -6.42 26.79 -20.43
CA LYS C 4 -5.70 26.61 -19.16
C LYS C 4 -5.81 27.83 -18.26
N ASP C 5 -5.62 29.01 -18.83
CA ASP C 5 -5.76 30.26 -18.08
C ASP C 5 -7.21 30.52 -17.70
N GLN C 6 -8.16 30.12 -18.55
CA GLN C 6 -9.59 30.27 -18.22
C GLN C 6 -10.02 29.30 -17.09
N LEU C 7 -9.43 28.11 -17.05
CA LEU C 7 -9.78 27.06 -16.10
C LEU C 7 -9.05 27.22 -14.76
N ILE C 8 -7.80 27.63 -14.82
CA ILE C 8 -6.90 27.60 -13.66
C ILE C 8 -6.27 28.98 -13.40
N TYR C 9 -6.50 29.51 -12.20
CA TYR C 9 -5.79 30.71 -11.69
C TYR C 9 -4.52 30.33 -10.91
N ASN C 10 -3.37 30.83 -11.35
CA ASN C 10 -2.09 30.54 -10.72
C ASN C 10 -1.79 31.50 -9.56
N LEU C 11 -1.44 30.93 -8.40
CA LEU C 11 -1.01 31.69 -7.21
C LEU C 11 0.50 31.89 -7.16
N LEU C 12 1.26 30.87 -7.58
CA LEU C 12 2.71 31.00 -7.72
C LEU C 12 3.31 30.04 -8.74
N LYS C 13 4.33 30.51 -9.42
CA LYS C 13 5.08 29.72 -10.42
C LYS C 13 6.29 29.02 -9.76
N GLU C 14 6.69 29.53 -8.60
CA GLU C 14 7.89 29.08 -7.87
C GLU C 14 7.98 27.56 -7.68
N GLU C 15 8.56 26.89 -8.67
CA GLU C 15 8.78 25.46 -8.60
C GLU C 15 10.00 25.20 -7.71
N GLN C 16 9.98 24.08 -6.99
CA GLN C 16 11.00 23.73 -5.99
C GLN C 16 11.93 22.61 -6.52
N THR C 17 13.03 22.36 -5.82
CA THR C 17 13.86 21.17 -6.03
C THR C 17 12.99 19.93 -5.72
N PRO C 18 13.12 18.84 -6.51
CA PRO C 18 12.43 17.61 -6.07
C PRO C 18 13.04 17.09 -4.75
N GLN C 19 12.19 16.62 -3.85
CA GLN C 19 12.60 16.31 -2.49
C GLN C 19 12.96 14.85 -2.26
N ASN C 20 12.47 13.96 -3.13
CA ASN C 20 12.60 12.52 -2.92
C ASN C 20 12.89 11.84 -4.24
N LYS C 21 13.90 12.37 -4.93
CA LYS C 21 14.24 11.96 -6.28
C LYS C 21 15.15 10.73 -6.33
N ILE C 22 14.81 9.78 -7.22
CA ILE C 22 15.63 8.57 -7.48
C ILE C 22 15.98 8.51 -8.94
N THR C 23 17.23 8.14 -9.24
CA THR C 23 17.68 7.91 -10.62
C THR C 23 18.05 6.45 -10.78
N VAL C 24 17.69 5.87 -11.91
CA VAL C 24 18.15 4.54 -12.29
C VAL C 24 19.03 4.71 -13.51
N VAL C 25 20.25 4.19 -13.43
CA VAL C 25 21.17 4.25 -14.57
C VAL C 25 21.22 2.86 -15.16
N GLY C 26 20.83 2.78 -16.43
CA GLY C 26 20.72 1.52 -17.15
C GLY C 26 19.27 1.08 -17.21
N VAL C 27 18.67 1.10 -18.40
CA VAL C 27 17.28 0.66 -18.58
C VAL C 27 17.14 -0.71 -19.24
N GLY C 28 18.08 -1.63 -18.96
CA GLY C 28 17.91 -3.03 -19.33
C GLY C 28 16.87 -3.65 -18.42
N ALA C 29 16.75 -4.97 -18.49
CA ALA C 29 15.78 -5.71 -17.71
C ALA C 29 15.89 -5.41 -16.21
N VAL C 30 17.10 -5.29 -15.69
CA VAL C 30 17.27 -5.08 -14.24
C VAL C 30 16.80 -3.69 -13.84
N GLY C 31 17.33 -2.70 -14.54
CA GLY C 31 17.00 -1.34 -14.28
C GLY C 31 15.49 -1.06 -14.32
N MET C 32 14.80 -1.58 -15.33
CA MET C 32 13.38 -1.35 -15.47
C MET C 32 12.58 -2.07 -14.39
N ALA C 33 13.01 -3.28 -14.01
CA ALA C 33 12.41 -3.99 -12.89
C ALA C 33 12.59 -3.18 -11.59
N CYS C 34 13.75 -2.53 -11.43
CA CYS C 34 13.96 -1.65 -10.29
C CYS C 34 13.00 -0.46 -10.38
N ALA C 35 12.94 0.14 -11.55
CA ALA C 35 12.02 1.26 -11.78
C ALA C 35 10.55 0.97 -11.43
N ILE C 36 9.99 -0.10 -11.98
CA ILE C 36 8.57 -0.41 -11.76
C ILE C 36 8.30 -0.68 -10.27
N SER C 37 9.21 -1.38 -9.61
CA SER C 37 9.04 -1.73 -8.22
C SER C 37 9.11 -0.49 -7.32
N ILE C 38 9.99 0.45 -7.67
CA ILE C 38 10.12 1.69 -6.95
C ILE C 38 8.88 2.55 -7.14
N LEU C 39 8.34 2.60 -8.37
CA LEU C 39 7.11 3.31 -8.66
C LEU C 39 5.90 2.74 -7.93
N MET C 40 5.77 1.42 -7.88
CA MET C 40 4.61 0.80 -7.20
C MET C 40 4.70 0.85 -5.70
N LYS C 41 5.89 1.15 -5.17
CA LYS C 41 6.07 1.34 -3.74
C LYS C 41 6.04 2.80 -3.28
N ASP C 42 5.79 3.75 -4.19
CA ASP C 42 5.64 5.19 -3.86
C ASP C 42 6.85 5.76 -3.09
N LEU C 43 8.05 5.40 -3.52
CA LEU C 43 9.28 5.83 -2.81
C LEU C 43 9.83 7.16 -3.26
N ALA C 44 9.49 7.56 -4.48
CA ALA C 44 10.02 8.78 -5.07
C ALA C 44 8.95 9.72 -5.52
N ASP C 45 9.28 11.02 -5.51
CA ASP C 45 8.42 12.05 -6.14
C ASP C 45 8.88 12.44 -7.54
N GLU C 46 10.01 11.90 -7.95
CA GLU C 46 10.52 12.09 -9.27
C GLU C 46 11.48 10.96 -9.55
N LEU C 47 11.32 10.35 -10.72
CA LEU C 47 12.20 9.27 -11.14
C LEU C 47 12.90 9.71 -12.44
N ALA C 48 14.21 9.48 -12.50
CA ALA C 48 15.01 9.75 -13.68
C ALA C 48 15.65 8.47 -14.17
N LEU C 49 15.60 8.24 -15.49
CA LEU C 49 16.27 7.13 -16.18
C LEU C 49 17.38 7.66 -17.08
N VAL C 50 18.52 6.96 -17.10
CA VAL C 50 19.62 7.28 -18.00
C VAL C 50 20.08 5.98 -18.64
N ASP C 51 20.45 6.07 -19.91
CA ASP C 51 21.09 5.00 -20.65
C ASP C 51 21.85 5.65 -21.83
N VAL C 52 22.67 4.86 -22.52
CA VAL C 52 23.38 5.29 -23.76
C VAL C 52 22.58 4.93 -25.02
N ILE C 53 21.67 3.96 -24.92
CA ILE C 53 20.76 3.61 -26.04
C ILE C 53 19.55 4.55 -25.98
N GLU C 54 19.54 5.54 -26.87
CA GLU C 54 18.58 6.66 -26.79
C GLU C 54 17.11 6.33 -27.12
N ASP C 55 16.86 5.50 -28.11
CA ASP C 55 15.49 5.18 -28.50
CA ASP C 55 15.49 5.15 -28.50
C ASP C 55 14.81 4.34 -27.40
N LYS C 56 15.48 3.28 -26.96
CA LYS C 56 15.04 2.42 -25.89
C LYS C 56 14.74 3.22 -24.62
N LEU C 57 15.57 4.21 -24.34
CA LEU C 57 15.43 5.05 -23.17
C LEU C 57 14.16 5.88 -23.23
N LYS C 58 13.92 6.54 -24.36
CA LYS C 58 12.71 7.33 -24.50
C LYS C 58 11.45 6.46 -24.40
N GLY C 59 11.51 5.30 -25.03
CA GLY C 59 10.37 4.37 -25.09
C GLY C 59 9.99 3.84 -23.72
N GLU C 60 11.01 3.45 -22.94
CA GLU C 60 10.78 2.98 -21.58
C GLU C 60 10.20 4.09 -20.71
N MET C 61 10.78 5.28 -20.82
CA MET C 61 10.26 6.48 -20.16
C MET C 61 8.78 6.72 -20.48
N MET C 62 8.45 6.77 -21.76
CA MET C 62 7.07 7.02 -22.17
C MET C 62 6.10 5.93 -21.69
N ASP C 63 6.54 4.68 -21.73
CA ASP C 63 5.73 3.57 -21.31
C ASP C 63 5.39 3.70 -19.79
N LEU C 64 6.37 4.06 -18.97
CA LEU C 64 6.09 4.36 -17.56
C LEU C 64 5.13 5.51 -17.42
N GLN C 65 5.39 6.59 -18.17
CA GLN C 65 4.58 7.81 -18.07
C GLN C 65 3.10 7.55 -18.37
N HIS C 66 2.86 6.66 -19.32
CA HIS C 66 1.49 6.33 -19.71
C HIS C 66 0.72 5.57 -18.64
N GLY C 67 1.43 4.99 -17.66
CA GLY C 67 0.80 4.43 -16.47
C GLY C 67 0.60 5.42 -15.32
N SER C 68 0.89 6.72 -15.53
CA SER C 68 0.86 7.74 -14.44
C SER C 68 -0.44 7.79 -13.65
N LEU C 69 -1.54 7.55 -14.34
CA LEU C 69 -2.86 7.51 -13.69
C LEU C 69 -2.92 6.52 -12.52
N PHE C 70 -2.12 5.47 -12.58
CA PHE C 70 -2.19 4.35 -11.60
C PHE C 70 -1.02 4.45 -10.57
N LEU C 71 -0.24 5.53 -10.64
CA LEU C 71 0.93 5.72 -9.79
C LEU C 71 0.83 6.99 -8.96
N ARG C 72 1.78 7.18 -8.05
CA ARG C 72 1.85 8.38 -7.23
C ARG C 72 3.22 9.03 -7.32
N THR C 73 3.80 8.99 -8.51
CA THR C 73 5.11 9.60 -8.74
C THR C 73 4.91 10.58 -9.89
N PRO C 74 4.81 11.88 -9.58
CA PRO C 74 4.26 12.84 -10.55
C PRO C 74 5.18 13.26 -11.69
N LYS C 75 6.44 12.82 -11.69
CA LYS C 75 7.38 13.27 -12.71
C LYS C 75 8.39 12.20 -13.01
N ILE C 76 8.36 11.75 -14.26
CA ILE C 76 9.26 10.75 -14.76
C ILE C 76 10.02 11.41 -15.92
N VAL C 77 11.35 11.42 -15.82
CA VAL C 77 12.20 12.06 -16.83
C VAL C 77 13.25 11.06 -17.26
N SER C 78 13.81 11.29 -18.43
CA SER C 78 14.98 10.54 -18.87
C SER C 78 15.85 11.36 -19.80
N GLY C 79 17.08 10.89 -19.98
CA GLY C 79 17.98 11.52 -20.94
C GLY C 79 19.32 10.86 -20.92
N LYS C 80 20.06 11.00 -22.01
CA LYS C 80 21.46 10.60 -22.09
C LYS C 80 22.35 11.52 -21.20
N ASP C 81 21.97 12.80 -21.12
CA ASP C 81 22.67 13.81 -20.31
C ASP C 81 22.30 13.68 -18.83
N TYR C 82 23.31 13.63 -17.97
CA TYR C 82 23.09 13.48 -16.52
C TYR C 82 22.43 14.69 -15.82
N ASN C 83 22.16 15.75 -16.56
CA ASN C 83 21.40 16.87 -15.99
C ASN C 83 19.98 16.47 -15.55
N VAL C 84 19.43 15.43 -16.18
CA VAL C 84 18.12 14.89 -15.79
C VAL C 84 18.15 14.22 -14.41
N THR C 85 19.35 13.91 -13.90
CA THR C 85 19.52 13.22 -12.64
C THR C 85 19.75 14.16 -11.45
N ALA C 86 19.78 15.48 -11.69
CA ALA C 86 20.19 16.44 -10.67
C ALA C 86 19.38 16.34 -9.38
N ASN C 87 20.07 16.44 -8.25
CA ASN C 87 19.45 16.39 -6.91
C ASN C 87 18.74 15.08 -6.53
N SER C 88 19.33 13.97 -6.94
CA SER C 88 18.79 12.66 -6.61
C SER C 88 19.24 12.35 -5.20
N LYS C 89 18.35 11.85 -4.36
CA LYS C 89 18.76 11.28 -3.07
C LYS C 89 19.54 9.99 -3.27
N LEU C 90 19.17 9.25 -4.30
CA LEU C 90 19.62 7.88 -4.46
C LEU C 90 19.81 7.62 -5.93
N VAL C 91 20.97 7.06 -6.27
CA VAL C 91 21.27 6.74 -7.65
C VAL C 91 21.64 5.26 -7.72
N ILE C 92 20.88 4.51 -8.52
CA ILE C 92 21.00 3.06 -8.66
C ILE C 92 21.66 2.78 -9.99
N ILE C 93 22.80 2.07 -9.95
CA ILE C 93 23.58 1.79 -11.14
C ILE C 93 23.43 0.31 -11.52
N THR C 94 22.80 0.09 -12.67
CA THR C 94 22.59 -1.27 -13.22
C THR C 94 23.29 -1.39 -14.57
N ALA C 95 23.99 -0.35 -14.99
CA ALA C 95 24.70 -0.34 -16.27
C ALA C 95 25.91 -1.28 -16.21
N GLY C 96 26.18 -1.96 -17.33
CA GLY C 96 27.29 -2.92 -17.40
C GLY C 96 27.28 -3.80 -18.63
N ALA C 97 28.45 -4.38 -18.92
CA ALA C 97 28.66 -5.16 -20.16
C ALA C 97 28.08 -6.58 -20.08
N SER C 104 37.24 -13.80 -22.36
CA SER C 104 37.62 -14.00 -20.96
C SER C 104 36.70 -13.20 -20.04
N ARG C 105 37.09 -13.04 -18.77
CA ARG C 105 36.24 -12.35 -17.79
C ARG C 105 37.00 -11.41 -16.82
N LEU C 106 38.31 -11.25 -16.98
CA LEU C 106 39.05 -10.17 -16.28
C LEU C 106 39.01 -8.86 -17.10
N ASN C 107 38.84 -9.02 -18.42
CA ASN C 107 38.50 -7.89 -19.27
C ASN C 107 37.20 -7.30 -18.82
N LEU C 108 36.20 -8.18 -18.64
CA LEU C 108 34.83 -7.80 -18.26
C LEU C 108 34.83 -6.79 -17.11
N VAL C 109 35.73 -7.01 -16.14
CA VAL C 109 35.84 -6.13 -14.99
C VAL C 109 36.33 -4.77 -15.44
N GLN C 110 37.48 -4.75 -16.11
CA GLN C 110 38.06 -3.52 -16.67
C GLN C 110 37.08 -2.79 -17.64
N ARG C 111 36.31 -3.53 -18.43
CA ARG C 111 35.29 -2.92 -19.29
C ARG C 111 34.15 -2.25 -18.51
N ASN C 112 33.80 -2.80 -17.34
CA ASN C 112 32.77 -2.18 -16.51
C ASN C 112 33.38 -1.05 -15.71
N VAL C 113 34.65 -1.18 -15.34
CA VAL C 113 35.41 -0.06 -14.76
C VAL C 113 35.39 1.12 -15.73
N ASN C 114 35.54 0.82 -17.03
CA ASN C 114 35.60 1.86 -18.06
C ASN C 114 34.26 2.56 -18.20
N ILE C 115 33.20 1.78 -18.10
CA ILE C 115 31.84 2.32 -18.06
C ILE C 115 31.67 3.23 -16.82
N PHE C 116 32.13 2.75 -15.67
CA PHE C 116 32.00 3.48 -14.41
C PHE C 116 32.81 4.77 -14.43
N LYS C 117 33.93 4.77 -15.16
CA LYS C 117 34.75 6.00 -15.27
C LYS C 117 33.97 7.16 -15.89
N PHE C 118 33.05 6.82 -16.79
CA PHE C 118 32.16 7.81 -17.42
C PHE C 118 30.92 8.14 -16.53
N ILE C 119 30.23 7.10 -16.07
CA ILE C 119 28.99 7.25 -15.29
C ILE C 119 29.21 7.99 -13.96
N ILE C 120 30.12 7.50 -13.14
CA ILE C 120 30.25 7.99 -11.76
C ILE C 120 30.53 9.49 -11.64
N PRO C 121 31.52 10.03 -12.39
CA PRO C 121 31.74 11.49 -12.27
C PRO C 121 30.55 12.33 -12.71
N ASN C 122 29.82 11.89 -13.73
CA ASN C 122 28.59 12.60 -14.11
C ASN C 122 27.52 12.58 -13.00
N VAL C 123 27.32 11.41 -12.40
CA VAL C 123 26.37 11.28 -11.26
C VAL C 123 26.76 12.22 -10.10
N VAL C 124 28.02 12.17 -9.70
CA VAL C 124 28.54 13.02 -8.61
C VAL C 124 28.39 14.52 -8.90
N LYS C 125 28.67 14.91 -10.14
CA LYS C 125 28.54 16.30 -10.57
C LYS C 125 27.15 16.85 -10.36
N TYR C 126 26.12 16.04 -10.64
CA TYR C 126 24.72 16.52 -10.56
C TYR C 126 24.04 16.18 -9.23
N SER C 127 24.54 15.17 -8.51
CA SER C 127 23.97 14.79 -7.21
C SER C 127 25.09 14.53 -6.22
N PRO C 128 25.85 15.59 -5.85
CA PRO C 128 27.01 15.42 -4.93
C PRO C 128 26.65 14.77 -3.59
N ASN C 129 25.43 14.96 -3.12
CA ASN C 129 25.00 14.41 -1.84
C ASN C 129 24.26 13.05 -1.91
N CYS C 130 24.18 12.44 -3.09
CA CYS C 130 23.43 11.21 -3.21
C CYS C 130 24.09 10.04 -2.51
N LYS C 131 23.28 9.01 -2.31
CA LYS C 131 23.78 7.70 -2.02
C LYS C 131 23.83 6.94 -3.32
N LEU C 132 24.84 6.10 -3.45
CA LEU C 132 25.05 5.24 -4.60
C LEU C 132 24.68 3.82 -4.24
N LEU C 133 23.86 3.20 -5.08
CA LEU C 133 23.48 1.82 -4.88
C LEU C 133 23.92 1.06 -6.11
N ILE C 134 24.91 0.19 -5.97
CA ILE C 134 25.52 -0.50 -7.10
C ILE C 134 24.90 -1.89 -7.23
N VAL C 135 24.34 -2.16 -8.40
CA VAL C 135 23.76 -3.47 -8.75
C VAL C 135 24.61 -4.23 -9.76
N SER C 136 25.24 -3.49 -10.66
CA SER C 136 26.09 -4.05 -11.71
C SER C 136 27.11 -5.04 -11.22
N ASN C 137 27.31 -6.09 -12.02
CA ASN C 137 28.25 -7.16 -11.64
C ASN C 137 29.64 -7.04 -12.27
N PRO C 138 30.68 -7.58 -11.60
CA PRO C 138 30.60 -8.20 -10.28
C PRO C 138 30.47 -7.15 -9.17
N VAL C 139 29.36 -7.23 -8.43
CA VAL C 139 28.88 -6.11 -7.60
C VAL C 139 29.90 -5.67 -6.54
N ASP C 140 30.58 -6.62 -5.91
CA ASP C 140 31.50 -6.27 -4.84
C ASP C 140 32.69 -5.45 -5.35
N ILE C 141 33.18 -5.80 -6.54
CA ILE C 141 34.31 -5.07 -7.15
C ILE C 141 33.83 -3.72 -7.63
N LEU C 142 32.66 -3.71 -8.24
CA LEU C 142 32.12 -2.49 -8.80
C LEU C 142 31.66 -1.47 -7.75
N THR C 143 31.33 -1.95 -6.55
CA THR C 143 31.06 -1.07 -5.44
C THR C 143 32.38 -0.37 -5.03
N TYR C 144 33.46 -1.13 -4.92
CA TYR C 144 34.80 -0.55 -4.67
C TYR C 144 35.15 0.51 -5.71
N VAL C 145 34.92 0.19 -7.00
CA VAL C 145 35.18 1.08 -8.12
C VAL C 145 34.38 2.38 -8.02
N ALA C 146 33.09 2.27 -7.73
CA ALA C 146 32.26 3.45 -7.54
C ALA C 146 32.76 4.29 -6.36
N TRP C 147 33.07 3.62 -5.25
CA TRP C 147 33.62 4.29 -4.09
C TRP C 147 34.90 5.04 -4.45
N LYS C 148 35.80 4.35 -5.13
CA LYS C 148 37.10 4.91 -5.51
C LYS C 148 36.94 6.11 -6.43
N ILE C 149 36.18 5.97 -7.52
CA ILE C 149 35.99 7.06 -8.49
C ILE C 149 35.17 8.24 -7.94
N SER C 150 34.17 7.95 -7.11
CA SER C 150 33.30 9.00 -6.60
C SER C 150 33.97 9.90 -5.55
N GLY C 151 34.83 9.32 -4.73
CA GLY C 151 35.37 10.03 -3.56
C GLY C 151 34.40 10.11 -2.38
N PHE C 152 33.29 9.38 -2.45
CA PHE C 152 32.31 9.41 -1.36
C PHE C 152 32.82 8.69 -0.11
N PRO C 153 32.33 9.13 1.07
CA PRO C 153 32.51 8.30 2.25
C PRO C 153 31.86 6.92 2.08
N LYS C 154 32.41 5.92 2.80
CA LYS C 154 31.99 4.55 2.63
CA LYS C 154 31.98 4.51 2.74
C LYS C 154 30.48 4.37 2.91
N ASN C 155 29.91 5.19 3.81
CA ASN C 155 28.48 5.08 4.13
C ASN C 155 27.55 5.34 2.93
N ARG C 156 28.01 6.13 1.96
CA ARG C 156 27.17 6.50 0.80
C ARG C 156 27.39 5.64 -0.46
N VAL C 157 28.17 4.56 -0.37
CA VAL C 157 28.34 3.64 -1.48
C VAL C 157 27.98 2.26 -1.01
N ILE C 158 26.86 1.79 -1.54
CA ILE C 158 26.24 0.54 -1.10
C ILE C 158 26.20 -0.40 -2.29
N GLY C 159 26.61 -1.64 -2.08
CA GLY C 159 26.48 -2.66 -3.12
C GLY C 159 25.30 -3.57 -2.81
N SER C 160 24.51 -3.88 -3.83
CA SER C 160 23.40 -4.81 -3.68
C SER C 160 23.86 -6.09 -2.97
N GLY C 161 25.06 -6.56 -3.30
CA GLY C 161 25.68 -7.66 -2.60
C GLY C 161 24.89 -8.95 -2.50
N CYS C 162 24.75 -9.45 -1.27
CA CYS C 162 23.99 -10.66 -0.99
C CYS C 162 22.53 -10.44 -0.62
N ASN C 163 21.96 -9.28 -0.96
CA ASN C 163 20.57 -9.02 -0.60
C ASN C 163 19.66 -10.02 -1.37
N LEU C 164 19.90 -10.16 -2.66
CA LEU C 164 19.16 -11.14 -3.45
C LEU C 164 19.48 -12.59 -3.04
N ASP C 165 20.76 -12.87 -2.80
CA ASP C 165 21.17 -14.21 -2.34
C ASP C 165 20.36 -14.65 -1.11
N SER C 166 20.22 -13.73 -0.17
CA SER C 166 19.56 -14.03 1.10
C SER C 166 18.07 -14.23 0.88
N ALA C 167 17.50 -13.43 -0.04
CA ALA C 167 16.09 -13.52 -0.38
C ALA C 167 15.76 -14.87 -0.99
N ARG C 168 16.62 -15.34 -1.90
CA ARG C 168 16.46 -16.68 -2.47
C ARG C 168 16.58 -17.74 -1.41
N PHE C 169 17.56 -17.56 -0.55
CA PHE C 169 17.78 -18.51 0.52
C PHE C 169 16.54 -18.65 1.40
N ARG C 170 15.94 -17.51 1.72
CA ARG C 170 14.75 -17.51 2.59
C ARG C 170 13.52 -18.07 1.90
N TYR C 171 13.38 -17.80 0.61
CA TYR C 171 12.37 -18.47 -0.23
C TYR C 171 12.49 -19.99 -0.13
N LEU C 172 13.70 -20.49 -0.39
CA LEU C 172 13.95 -21.95 -0.37
C LEU C 172 13.75 -22.57 0.99
N MET C 173 14.28 -21.93 2.02
CA MET C 173 14.07 -22.34 3.39
C MET C 173 12.57 -22.41 3.72
N GLY C 174 11.84 -21.36 3.33
CA GLY C 174 10.40 -21.30 3.48
C GLY C 174 9.64 -22.43 2.78
N GLU C 175 10.05 -22.77 1.56
CA GLU C 175 9.44 -23.92 0.85
C GLU C 175 9.68 -25.25 1.58
N ARG C 176 10.90 -25.44 2.07
CA ARG C 176 11.20 -26.64 2.86
C ARG C 176 10.40 -26.75 4.14
N LEU C 177 10.22 -25.65 4.86
CA LEU C 177 9.53 -25.69 6.15
C LEU C 177 8.04 -25.46 6.07
N GLY C 178 7.54 -24.99 4.92
CA GLY C 178 6.14 -24.64 4.80
C GLY C 178 5.77 -23.40 5.60
N VAL C 179 6.67 -22.42 5.62
CA VAL C 179 6.49 -21.15 6.34
C VAL C 179 6.78 -20.01 5.38
N HIS C 180 6.05 -18.90 5.51
CA HIS C 180 6.37 -17.70 4.68
C HIS C 180 7.81 -17.24 4.86
N PRO C 181 8.51 -16.89 3.76
CA PRO C 181 9.90 -16.43 3.85
C PRO C 181 10.15 -15.34 4.88
N LEU C 182 9.19 -14.42 5.03
CA LEU C 182 9.27 -13.40 6.07
C LEU C 182 9.60 -13.93 7.44
N SER C 183 9.06 -15.11 7.79
CA SER C 183 9.23 -15.71 9.11
C SER C 183 10.38 -16.75 9.14
N CYS C 184 11.08 -16.92 8.02
CA CYS C 184 12.27 -17.76 7.90
C CYS C 184 13.51 -16.88 7.85
N HIS C 185 14.31 -16.91 8.90
CA HIS C 185 15.47 -16.00 9.00
C HIS C 185 16.75 -16.78 8.74
N GLY C 186 17.63 -16.16 7.96
CA GLY C 186 18.87 -16.79 7.53
C GLY C 186 19.63 -15.80 6.67
N TRP C 187 20.95 -15.82 6.81
CA TRP C 187 21.85 -14.83 6.24
C TRP C 187 22.89 -15.49 5.35
N VAL C 188 23.01 -15.00 4.12
CA VAL C 188 24.03 -15.39 3.16
C VAL C 188 24.91 -14.15 3.05
N LEU C 189 26.19 -14.28 3.38
CA LEU C 189 27.09 -13.14 3.46
C LEU C 189 28.33 -13.35 2.61
N GLY C 190 29.22 -12.37 2.65
CA GLY C 190 30.47 -12.42 1.95
C GLY C 190 30.33 -11.94 0.52
N GLU C 191 30.96 -12.67 -0.40
CA GLU C 191 31.02 -12.29 -1.82
C GLU C 191 29.75 -12.72 -2.53
N HIS C 192 29.13 -11.79 -3.25
CA HIS C 192 27.90 -12.12 -3.96
C HIS C 192 28.18 -13.21 -4.98
N GLY C 193 27.26 -14.14 -5.12
CA GLY C 193 27.32 -15.11 -6.18
C GLY C 193 27.86 -16.45 -5.72
N ASP C 194 28.82 -16.99 -6.47
CA ASP C 194 29.21 -18.39 -6.31
C ASP C 194 29.96 -18.64 -4.99
N SER C 195 30.67 -17.63 -4.49
CA SER C 195 31.48 -17.77 -3.26
C SER C 195 30.78 -17.30 -1.95
N SER C 196 29.46 -17.06 -2.02
CA SER C 196 28.73 -16.57 -0.84
C SER C 196 28.75 -17.57 0.31
N VAL C 197 28.60 -17.08 1.54
CA VAL C 197 28.66 -17.90 2.74
C VAL C 197 27.30 -17.97 3.46
N PRO C 198 26.71 -19.18 3.58
CA PRO C 198 25.51 -19.30 4.40
C PRO C 198 25.85 -19.44 5.88
N VAL C 199 25.34 -18.55 6.71
CA VAL C 199 25.66 -18.55 8.13
C VAL C 199 24.65 -19.44 8.87
N TRP C 200 25.00 -20.72 9.01
CA TRP C 200 24.11 -21.71 9.56
C TRP C 200 23.73 -21.41 10.99
N SER C 201 24.65 -20.82 11.76
CA SER C 201 24.37 -20.48 13.16
C SER C 201 23.21 -19.52 13.33
N GLY C 202 22.94 -18.69 12.32
CA GLY C 202 21.92 -17.68 12.42
C GLY C 202 20.55 -18.09 11.91
N MET C 203 20.45 -19.29 11.33
CA MET C 203 19.20 -19.70 10.68
C MET C 203 18.17 -20.10 11.72
N ASN C 204 16.99 -19.49 11.64
CA ASN C 204 15.98 -19.66 12.69
C ASN C 204 14.57 -19.38 12.25
N VAL C 205 13.63 -19.96 12.98
CA VAL C 205 12.25 -19.56 12.89
C VAL C 205 11.88 -19.23 14.31
N ALA C 206 11.23 -18.09 14.52
CA ALA C 206 10.80 -17.69 15.84
C ALA C 206 11.90 -17.69 16.93
N GLY C 207 13.14 -17.44 16.52
CA GLY C 207 14.28 -17.40 17.42
C GLY C 207 14.76 -18.78 17.86
N VAL C 208 14.28 -19.81 17.17
CA VAL C 208 14.66 -21.18 17.49
C VAL C 208 15.72 -21.55 16.46
N SER C 209 16.97 -21.57 16.90
CA SER C 209 18.11 -21.92 16.05
C SER C 209 18.00 -23.33 15.47
N LEU C 210 18.11 -23.41 14.15
CA LEU C 210 18.07 -24.70 13.44
C LEU C 210 19.34 -25.53 13.76
N LYS C 211 20.47 -24.84 13.88
CA LYS C 211 21.76 -25.44 14.15
C LYS C 211 21.79 -26.04 15.55
N THR C 212 21.18 -25.36 16.51
CA THR C 212 21.09 -25.94 17.84
C THR C 212 20.23 -27.21 17.84
N LEU C 213 19.14 -27.21 17.09
CA LEU C 213 18.29 -28.40 17.02
C LEU C 213 18.98 -29.54 16.25
N HIS C 214 19.75 -29.16 15.24
CA HIS C 214 20.29 -30.10 14.28
C HIS C 214 21.75 -29.71 14.09
N PRO C 215 22.64 -30.16 15.01
CA PRO C 215 24.03 -29.70 15.02
C PRO C 215 24.82 -29.97 13.73
N ASP C 216 24.38 -30.98 12.98
CA ASP C 216 24.96 -31.32 11.68
C ASP C 216 24.54 -30.38 10.54
N LEU C 217 23.62 -29.44 10.81
CA LEU C 217 23.09 -28.50 9.80
C LEU C 217 24.22 -27.87 9.01
N GLY C 218 24.12 -27.95 7.69
CA GLY C 218 25.09 -27.33 6.79
C GLY C 218 26.44 -28.02 6.62
N THR C 219 26.66 -29.16 7.30
CA THR C 219 27.89 -29.98 7.11
C THR C 219 27.63 -31.13 6.12
N ASP C 220 28.68 -31.87 5.78
CA ASP C 220 28.56 -33.04 4.89
C ASP C 220 27.94 -34.27 5.57
N LYS C 221 28.03 -34.31 6.91
CA LYS C 221 27.38 -35.37 7.68
C LYS C 221 25.86 -35.18 7.82
N ASP C 222 25.37 -33.97 7.52
CA ASP C 222 23.95 -33.64 7.61
C ASP C 222 23.15 -34.63 6.80
N LYS C 223 22.37 -35.46 7.48
CA LYS C 223 21.40 -36.40 6.86
C LYS C 223 20.51 -35.76 5.80
N GLU C 224 20.02 -34.55 6.08
CA GLU C 224 19.06 -33.86 5.21
C GLU C 224 19.75 -32.92 4.21
N GLN C 225 21.06 -32.78 4.32
CA GLN C 225 21.83 -31.97 3.38
C GLN C 225 21.19 -30.59 3.18
N TRP C 226 21.15 -29.81 4.25
CA TRP C 226 20.68 -28.41 4.18
C TRP C 226 21.64 -27.56 3.36
N LYS C 227 22.90 -27.99 3.30
CA LYS C 227 23.85 -27.42 2.33
C LYS C 227 23.27 -27.24 0.93
N GLU C 228 22.36 -28.14 0.53
CA GLU C 228 21.71 -28.04 -0.78
C GLU C 228 20.95 -26.73 -0.98
N VAL C 229 20.31 -26.23 0.08
CA VAL C 229 19.61 -24.94 0.03
C VAL C 229 20.56 -23.87 -0.48
N HIS C 230 21.76 -23.75 0.10
CA HIS C 230 22.72 -22.76 -0.38
C HIS C 230 23.24 -23.05 -1.78
N LYS C 231 23.52 -24.32 -2.06
CA LYS C 231 23.88 -24.74 -3.41
C LYS C 231 22.74 -24.33 -4.36
N GLN C 232 21.51 -24.60 -3.95
CA GLN C 232 20.36 -24.22 -4.79
C GLN C 232 20.28 -22.72 -4.99
N VAL C 233 20.71 -21.93 -4.01
CA VAL C 233 20.76 -20.48 -4.20
C VAL C 233 21.58 -20.15 -5.45
N VAL C 234 22.77 -20.73 -5.60
CA VAL C 234 23.57 -20.52 -6.83
C VAL C 234 22.98 -21.22 -8.08
N GLU C 235 22.48 -22.45 -7.93
CA GLU C 235 21.91 -23.21 -9.08
C GLU C 235 20.67 -22.51 -9.64
N SER C 236 19.79 -22.04 -8.75
CA SER C 236 18.66 -21.18 -9.13
C SER C 236 19.03 -20.04 -10.08
N ALA C 237 20.02 -19.23 -9.71
CA ALA C 237 20.41 -18.09 -10.58
C ALA C 237 20.92 -18.54 -11.98
N TYR C 238 21.68 -19.63 -12.04
CA TYR C 238 22.12 -20.18 -13.34
C TYR C 238 20.93 -20.72 -14.11
N GLU C 239 19.99 -21.32 -13.38
CA GLU C 239 18.81 -21.93 -13.98
C GLU C 239 17.91 -20.87 -14.55
N VAL C 240 17.75 -19.75 -13.85
CA VAL C 240 16.85 -18.69 -14.37
C VAL C 240 17.42 -18.14 -15.68
N ILE C 241 18.73 -17.93 -15.70
CA ILE C 241 19.39 -17.46 -16.94
C ILE C 241 19.23 -18.45 -18.08
N LYS C 242 19.49 -19.72 -17.78
CA LYS C 242 19.29 -20.77 -18.77
C LYS C 242 17.86 -20.77 -19.31
N LEU C 243 16.87 -20.54 -18.46
CA LEU C 243 15.46 -20.64 -18.83
C LEU C 243 14.86 -19.40 -19.52
N LYS C 244 15.08 -18.20 -18.99
CA LYS C 244 14.49 -16.97 -19.56
C LYS C 244 15.51 -15.98 -20.14
N GLY C 245 16.80 -16.25 -19.97
CA GLY C 245 17.86 -15.40 -20.53
C GLY C 245 18.47 -14.36 -19.61
N TYR C 246 17.76 -14.02 -18.53
CA TYR C 246 18.20 -12.97 -17.60
C TYR C 246 17.38 -13.11 -16.31
N THR C 247 17.76 -12.39 -15.26
CA THR C 247 16.92 -12.24 -14.05
C THR C 247 16.57 -10.75 -13.95
N SER C 248 15.34 -10.48 -13.53
CA SER C 248 14.86 -9.13 -13.50
C SER C 248 13.97 -8.89 -12.28
N TRP C 249 12.86 -9.60 -12.22
CA TRP C 249 11.84 -9.33 -11.21
C TRP C 249 12.35 -9.39 -9.78
N ALA C 250 13.03 -10.49 -9.42
CA ALA C 250 13.53 -10.65 -8.06
C ALA C 250 14.57 -9.59 -7.65
N ILE C 251 15.51 -9.26 -8.55
CA ILE C 251 16.50 -8.20 -8.25
C ILE C 251 15.81 -6.83 -8.14
N GLY C 252 14.86 -6.56 -9.03
CA GLY C 252 14.07 -5.30 -8.95
C GLY C 252 13.37 -5.12 -7.61
N LEU C 253 12.68 -6.15 -7.17
CA LEU C 253 12.05 -6.16 -5.84
C LEU C 253 13.04 -6.03 -4.66
N SER C 254 14.17 -6.73 -4.71
CA SER C 254 15.12 -6.66 -3.61
C SER C 254 15.75 -5.25 -3.55
N VAL C 255 15.98 -4.66 -4.71
CA VAL C 255 16.52 -3.33 -4.79
C VAL C 255 15.48 -2.31 -4.28
N ALA C 256 14.22 -2.45 -4.66
CA ALA C 256 13.19 -1.53 -4.10
C ALA C 256 13.11 -1.59 -2.57
N ASP C 257 13.39 -2.75 -2.00
CA ASP C 257 13.35 -2.92 -0.56
C ASP C 257 14.51 -2.14 0.08
N LEU C 258 15.68 -2.17 -0.56
CA LEU C 258 16.83 -1.38 -0.07
C LEU C 258 16.52 0.11 -0.19
N ALA C 259 15.94 0.48 -1.31
CA ALA C 259 15.56 1.86 -1.57
C ALA C 259 14.56 2.36 -0.53
N GLU C 260 13.65 1.48 -0.10
CA GLU C 260 12.62 1.86 0.86
C GLU C 260 13.28 2.23 2.18
N SER C 261 14.25 1.43 2.60
CA SER C 261 14.92 1.67 3.88
C SER C 261 15.68 2.98 3.85
N ILE C 262 16.34 3.25 2.72
CA ILE C 262 17.14 4.49 2.59
C ILE C 262 16.25 5.71 2.51
N MET C 263 15.22 5.67 1.66
CA MET C 263 14.40 6.86 1.38
C MET C 263 13.52 7.24 2.56
N LYS C 264 13.13 6.25 3.35
CA LYS C 264 12.27 6.43 4.51
C LYS C 264 13.03 6.38 5.83
N ASN C 265 14.36 6.31 5.76
CA ASN C 265 15.25 6.26 6.93
C ASN C 265 14.83 5.24 7.97
N LEU C 266 14.58 4.01 7.52
CA LEU C 266 13.97 3.01 8.41
C LEU C 266 14.96 2.41 9.37
N ARG C 267 16.26 2.35 9.01
CA ARG C 267 17.27 1.67 9.82
C ARG C 267 16.93 0.20 10.01
N ARG C 268 16.41 -0.43 8.95
CA ARG C 268 16.33 -1.86 8.92
C ARG C 268 17.71 -2.40 8.56
N VAL C 269 17.90 -3.69 8.81
CA VAL C 269 19.15 -4.40 8.60
C VAL C 269 19.04 -5.28 7.35
N HIS C 270 19.96 -5.08 6.41
CA HIS C 270 19.98 -5.81 5.15
C HIS C 270 21.39 -6.33 4.86
N PRO C 271 21.50 -7.50 4.20
CA PRO C 271 22.83 -7.97 3.79
C PRO C 271 23.22 -7.28 2.50
N VAL C 272 24.04 -6.25 2.63
CA VAL C 272 24.53 -5.48 1.50
C VAL C 272 26.06 -5.38 1.57
N SER C 273 26.69 -4.97 0.47
CA SER C 273 28.15 -4.98 0.34
C SER C 273 28.70 -3.66 0.83
N THR C 274 29.58 -3.72 1.83
CA THR C 274 30.18 -2.54 2.43
C THR C 274 31.68 -2.78 2.63
N MET C 275 32.43 -1.72 2.90
CA MET C 275 33.85 -1.97 3.05
C MET C 275 34.14 -2.65 4.37
N ILE C 276 34.69 -3.85 4.28
CA ILE C 276 34.90 -4.67 5.46
C ILE C 276 36.35 -4.65 5.98
N LYS C 277 37.18 -3.74 5.45
CA LYS C 277 38.54 -3.54 5.99
C LYS C 277 38.52 -3.44 7.50
N GLY C 278 39.39 -4.21 8.15
CA GLY C 278 39.46 -4.24 9.60
C GLY C 278 38.62 -5.30 10.27
N LEU C 279 37.88 -6.09 9.48
CA LEU C 279 37.10 -7.21 10.00
C LEU C 279 37.57 -8.55 9.46
N TYR C 280 37.34 -9.59 10.24
CA TYR C 280 37.69 -10.96 9.88
C TYR C 280 39.15 -11.16 9.42
N GLY C 281 40.07 -10.39 10.02
CA GLY C 281 41.47 -10.35 9.58
C GLY C 281 41.77 -9.72 8.22
N ILE C 282 40.81 -9.00 7.64
CA ILE C 282 41.00 -8.41 6.32
C ILE C 282 41.57 -6.98 6.46
N LYS C 283 42.58 -6.64 5.67
CA LYS C 283 43.18 -5.30 5.72
C LYS C 283 43.32 -4.60 4.37
N ASP C 284 42.75 -5.21 3.32
CA ASP C 284 42.65 -4.58 2.00
C ASP C 284 41.35 -3.79 1.85
N ASP C 285 41.34 -2.83 0.92
CA ASP C 285 40.15 -2.03 0.62
C ASP C 285 39.21 -2.89 -0.25
N VAL C 286 38.41 -3.75 0.38
CA VAL C 286 37.44 -4.55 -0.38
C VAL C 286 36.05 -4.46 0.25
N PHE C 287 35.05 -4.77 -0.56
CA PHE C 287 33.63 -4.67 -0.20
C PHE C 287 33.04 -6.06 -0.22
N LEU C 288 32.40 -6.45 0.89
CA LEU C 288 31.75 -7.74 1.04
C LEU C 288 30.48 -7.52 1.82
N SER C 289 29.53 -8.45 1.70
CA SER C 289 28.25 -8.32 2.36
C SER C 289 28.31 -8.75 3.82
N VAL C 290 27.84 -7.85 4.67
CA VAL C 290 27.47 -8.16 6.06
C VAL C 290 26.12 -7.47 6.32
N PRO C 291 25.43 -7.84 7.41
CA PRO C 291 24.22 -7.10 7.71
C PRO C 291 24.52 -5.65 8.07
N CYS C 292 23.92 -4.74 7.33
CA CYS C 292 24.09 -3.32 7.55
C CYS C 292 22.78 -2.65 7.91
N ILE C 293 22.86 -1.63 8.75
CA ILE C 293 21.71 -0.72 9.04
C ILE C 293 21.65 0.33 7.93
N LEU C 294 20.51 0.43 7.25
CA LEU C 294 20.35 1.29 6.09
C LEU C 294 19.37 2.39 6.39
N GLY C 295 19.71 3.60 6.02
CA GLY C 295 18.87 4.76 6.35
C GLY C 295 19.23 5.93 5.47
N GLN C 296 18.82 7.14 5.85
CA GLN C 296 18.96 8.31 4.96
C GLN C 296 20.39 8.73 4.64
N ASN C 297 21.36 8.41 5.50
CA ASN C 297 22.75 8.59 5.15
C ASN C 297 23.44 7.30 4.72
N GLY C 298 22.64 6.30 4.36
CA GLY C 298 23.17 5.09 3.75
C GLY C 298 23.46 4.04 4.76
N ILE C 299 24.67 3.50 4.73
CA ILE C 299 25.09 2.51 5.72
C ILE C 299 25.68 3.27 6.89
N SER C 300 24.99 3.30 8.02
CA SER C 300 25.50 4.02 9.19
C SER C 300 26.22 3.07 10.14
N ASP C 301 25.83 1.79 10.11
CA ASP C 301 26.27 0.79 11.07
C ASP C 301 26.28 -0.59 10.44
N LEU C 302 27.09 -1.51 10.99
CA LEU C 302 27.01 -2.91 10.57
C LEU C 302 26.97 -3.83 11.77
N VAL C 303 26.41 -5.01 11.57
CA VAL C 303 26.29 -5.99 12.63
C VAL C 303 27.52 -6.90 12.57
N LYS C 304 28.14 -7.10 13.73
CA LYS C 304 29.31 -7.96 13.87
C LYS C 304 28.92 -9.41 14.12
N VAL C 305 28.65 -10.11 13.01
CA VAL C 305 28.22 -11.49 13.07
C VAL C 305 29.37 -12.35 13.61
N THR C 306 29.05 -13.19 14.60
CA THR C 306 30.00 -14.16 15.14
C THR C 306 30.13 -15.30 14.11
N LEU C 307 31.31 -15.42 13.52
CA LEU C 307 31.58 -16.42 12.48
C LEU C 307 32.48 -17.50 13.02
N THR C 308 32.33 -18.70 12.48
CA THR C 308 33.25 -19.80 12.80
C THR C 308 34.57 -19.53 12.08
N SER C 309 35.62 -20.26 12.44
CA SER C 309 36.92 -20.06 11.78
C SER C 309 36.81 -20.37 10.29
N GLU C 310 36.04 -21.40 9.96
CA GLU C 310 35.84 -21.76 8.57
C GLU C 310 35.15 -20.61 7.83
N GLU C 311 34.10 -20.07 8.43
CA GLU C 311 33.38 -18.94 7.81
C GLU C 311 34.28 -17.71 7.63
N GLU C 312 35.11 -17.39 8.62
CA GLU C 312 36.05 -16.24 8.48
C GLU C 312 37.06 -16.48 7.37
N ALA C 313 37.61 -17.69 7.34
CA ALA C 313 38.52 -18.13 6.28
C ALA C 313 37.92 -17.92 4.88
N ARG C 314 36.65 -18.30 4.68
CA ARG C 314 36.00 -18.13 3.35
C ARG C 314 35.93 -16.65 2.94
N LEU C 315 35.60 -15.78 3.90
CA LEU C 315 35.55 -14.34 3.63
C LEU C 315 36.94 -13.79 3.36
N LYS C 316 37.92 -14.29 4.12
CA LYS C 316 39.32 -13.87 3.92
C LYS C 316 39.77 -14.18 2.50
N LYS C 317 39.47 -15.40 2.05
CA LYS C 317 39.87 -15.83 0.70
C LYS C 317 39.23 -14.95 -0.35
N SER C 318 37.93 -14.67 -0.18
CA SER C 318 37.21 -13.71 -1.03
C SER C 318 37.90 -12.36 -1.05
N ALA C 319 38.21 -11.80 0.12
CA ALA C 319 38.91 -10.51 0.18
C ALA C 319 40.24 -10.55 -0.56
N ASP C 320 41.01 -11.61 -0.35
CA ASP C 320 42.29 -11.81 -1.06
C ASP C 320 42.10 -11.87 -2.58
N THR C 321 41.12 -12.65 -3.04
CA THR C 321 40.83 -12.75 -4.47
C THR C 321 40.35 -11.42 -5.06
N LEU C 322 39.47 -10.74 -4.32
CA LEU C 322 38.94 -9.46 -4.77
C LEU C 322 40.05 -8.42 -4.87
N TRP C 323 40.89 -8.34 -3.83
CA TRP C 323 41.99 -7.37 -3.86
C TRP C 323 42.99 -7.68 -5.00
N GLY C 324 43.27 -8.96 -5.22
CA GLY C 324 44.10 -9.39 -6.35
C GLY C 324 43.66 -8.80 -7.69
N ILE C 325 42.36 -8.86 -7.97
CA ILE C 325 41.79 -8.25 -9.18
C ILE C 325 41.87 -6.73 -9.13
N GLN C 326 41.52 -6.14 -7.98
CA GLN C 326 41.42 -4.68 -7.87
C GLN C 326 42.76 -3.97 -8.06
N LYS C 327 43.82 -4.51 -7.47
CA LYS C 327 45.16 -3.91 -7.58
C LYS C 327 45.67 -3.83 -9.03
N GLU C 328 45.18 -4.72 -9.90
CA GLU C 328 45.48 -4.72 -11.34
C GLU C 328 44.61 -3.80 -12.21
N LEU C 329 43.58 -3.17 -11.63
CA LEU C 329 42.66 -2.35 -12.41
C LEU C 329 43.25 -0.99 -12.71
N GLN C 330 42.86 -0.44 -13.85
CA GLN C 330 43.30 0.87 -14.32
C GLN C 330 42.18 1.91 -14.18
N PHE C 331 42.44 3.01 -13.47
CA PHE C 331 41.43 4.07 -13.23
C PHE C 331 41.58 5.30 -14.13
N ALA D 1 13.74 -38.09 13.95
CA ALA D 1 12.77 -37.13 13.34
C ALA D 1 13.48 -36.06 12.49
N THR D 2 12.81 -35.63 11.41
CA THR D 2 13.38 -34.58 10.56
C THR D 2 13.48 -33.24 11.30
N LEU D 3 14.30 -32.33 10.77
CA LEU D 3 14.45 -31.01 11.37
C LEU D 3 13.10 -30.30 11.40
N LYS D 4 12.35 -30.40 10.31
CA LYS D 4 11.03 -29.79 10.22
C LYS D 4 10.10 -30.26 11.33
N ASP D 5 10.09 -31.57 11.60
CA ASP D 5 9.20 -32.10 12.63
C ASP D 5 9.67 -31.76 14.04
N GLN D 6 10.97 -31.59 14.23
CA GLN D 6 11.49 -31.11 15.53
C GLN D 6 11.10 -29.67 15.79
N LEU D 7 11.10 -28.88 14.74
CA LEU D 7 10.81 -27.46 14.79
C LEU D 7 9.31 -27.20 14.85
N ILE D 8 8.56 -27.94 14.05
CA ILE D 8 7.14 -27.62 13.80
C ILE D 8 6.20 -28.77 14.12
N TYR D 9 5.18 -28.47 14.93
CA TYR D 9 4.11 -29.41 15.23
C TYR D 9 2.88 -29.08 14.40
N ASN D 10 2.43 -30.07 13.63
CA ASN D 10 1.28 -29.87 12.72
C ASN D 10 -0.06 -30.16 13.42
N LEU D 11 -0.96 -29.18 13.38
CA LEU D 11 -2.31 -29.35 13.88
C LEU D 11 -3.27 -30.03 12.89
N LEU D 12 -3.15 -29.69 11.60
CA LEU D 12 -3.93 -30.40 10.57
C LEU D 12 -3.32 -30.23 9.20
N LYS D 13 -3.66 -31.16 8.31
CA LYS D 13 -3.12 -31.12 6.94
C LYS D 13 -4.22 -31.03 5.91
N GLU D 14 -5.34 -30.40 6.29
CA GLU D 14 -6.40 -30.22 5.30
C GLU D 14 -5.85 -29.29 4.24
N GLU D 15 -5.90 -29.74 2.98
CA GLU D 15 -5.44 -28.93 1.87
C GLU D 15 -6.69 -28.30 1.30
N GLN D 16 -6.78 -26.98 1.42
CA GLN D 16 -7.94 -26.26 0.94
C GLN D 16 -7.64 -25.60 -0.40
N THR D 17 -8.50 -24.66 -0.79
CA THR D 17 -8.42 -24.08 -2.11
C THR D 17 -8.18 -22.57 -2.02
N PRO D 18 -7.53 -22.02 -3.05
CA PRO D 18 -7.22 -20.62 -3.02
C PRO D 18 -8.51 -19.80 -3.11
N GLN D 19 -8.52 -18.66 -2.42
CA GLN D 19 -9.69 -17.82 -2.26
C GLN D 19 -9.73 -16.66 -3.23
N ASN D 20 -8.58 -16.24 -3.73
CA ASN D 20 -8.45 -15.04 -4.56
C ASN D 20 -7.39 -15.27 -5.60
N LYS D 21 -7.58 -16.33 -6.36
CA LYS D 21 -6.58 -16.78 -7.35
C LYS D 21 -6.72 -16.07 -8.67
N ILE D 22 -5.59 -15.70 -9.26
CA ILE D 22 -5.56 -15.04 -10.56
C ILE D 22 -4.64 -15.85 -11.45
N THR D 23 -5.06 -16.06 -12.70
CA THR D 23 -4.23 -16.67 -13.74
C THR D 23 -3.92 -15.63 -14.81
N VAL D 24 -2.69 -15.66 -15.28
CA VAL D 24 -2.29 -14.89 -16.43
C VAL D 24 -1.87 -15.90 -17.50
N VAL D 25 -2.56 -15.91 -18.64
CA VAL D 25 -2.18 -16.75 -19.81
C VAL D 25 -1.37 -15.96 -20.84
N GLY D 26 -0.13 -16.40 -21.05
CA GLY D 26 0.80 -15.73 -21.96
C GLY D 26 1.73 -14.84 -21.16
N VAL D 27 2.96 -15.32 -20.93
CA VAL D 27 3.96 -14.63 -20.13
C VAL D 27 4.95 -13.85 -20.98
N GLY D 28 4.44 -13.14 -21.98
CA GLY D 28 5.25 -12.19 -22.70
C GLY D 28 5.36 -10.89 -21.91
N ALA D 29 5.73 -9.83 -22.60
CA ALA D 29 5.99 -8.55 -21.98
C ALA D 29 4.73 -8.04 -21.31
N VAL D 30 3.58 -8.15 -21.99
CA VAL D 30 2.30 -7.74 -21.44
C VAL D 30 1.91 -8.59 -20.23
N GLY D 31 1.90 -9.90 -20.42
CA GLY D 31 1.54 -10.81 -19.33
C GLY D 31 2.40 -10.65 -18.08
N MET D 32 3.71 -10.56 -18.25
CA MET D 32 4.58 -10.41 -17.07
C MET D 32 4.46 -9.06 -16.36
N ALA D 33 4.18 -7.99 -17.10
CA ALA D 33 3.91 -6.68 -16.51
C ALA D 33 2.61 -6.72 -15.73
N CYS D 34 1.60 -7.37 -16.31
CA CYS D 34 0.36 -7.64 -15.61
C CYS D 34 0.66 -8.34 -14.29
N ALA D 35 1.53 -9.34 -14.34
CA ALA D 35 1.82 -10.18 -13.19
C ALA D 35 2.50 -9.39 -12.07
N ILE D 36 3.52 -8.63 -12.42
CA ILE D 36 4.26 -7.89 -11.37
C ILE D 36 3.39 -6.81 -10.74
N SER D 37 2.58 -6.16 -11.56
CA SER D 37 1.70 -5.13 -11.04
C SER D 37 0.65 -5.74 -10.09
N ILE D 38 0.08 -6.89 -10.47
CA ILE D 38 -0.90 -7.58 -9.62
C ILE D 38 -0.23 -8.05 -8.33
N LEU D 39 0.99 -8.57 -8.44
CA LEU D 39 1.72 -8.98 -7.23
C LEU D 39 2.02 -7.83 -6.28
N MET D 40 2.47 -6.72 -6.83
CA MET D 40 2.78 -5.56 -5.99
C MET D 40 1.54 -4.81 -5.41
N LYS D 41 0.35 -5.12 -5.93
CA LYS D 41 -0.90 -4.59 -5.40
C LYS D 41 -1.62 -5.57 -4.47
N ASP D 42 -1.02 -6.74 -4.17
CA ASP D 42 -1.58 -7.70 -3.19
C ASP D 42 -3.02 -8.07 -3.50
N LEU D 43 -3.29 -8.38 -4.77
CA LEU D 43 -4.67 -8.65 -5.20
C LEU D 43 -5.03 -10.10 -5.11
N ALA D 44 -4.01 -10.98 -5.06
CA ALA D 44 -4.21 -12.42 -5.18
C ALA D 44 -3.54 -13.18 -4.04
N ASP D 45 -4.13 -14.30 -3.61
CA ASP D 45 -3.43 -15.28 -2.75
C ASP D 45 -2.71 -16.39 -3.52
N GLU D 46 -3.00 -16.51 -4.80
CA GLU D 46 -2.30 -17.45 -5.67
C GLU D 46 -2.27 -16.86 -7.05
N LEU D 47 -1.11 -16.92 -7.68
CA LEU D 47 -0.94 -16.52 -9.06
C LEU D 47 -0.50 -17.73 -9.87
N ALA D 48 -1.22 -18.00 -10.96
CA ALA D 48 -0.85 -19.05 -11.91
C ALA D 48 -0.46 -18.45 -13.23
N LEU D 49 0.60 -18.99 -13.84
CA LEU D 49 1.06 -18.55 -15.15
C LEU D 49 0.98 -19.72 -16.14
N VAL D 50 0.46 -19.45 -17.34
CA VAL D 50 0.43 -20.41 -18.43
C VAL D 50 1.04 -19.81 -19.69
N ASP D 51 1.75 -20.65 -20.43
CA ASP D 51 2.29 -20.29 -21.75
C ASP D 51 2.55 -21.61 -22.51
N VAL D 52 2.85 -21.53 -23.80
CA VAL D 52 3.29 -22.73 -24.55
C VAL D 52 4.79 -22.91 -24.58
N ILE D 53 5.56 -21.85 -24.34
CA ILE D 53 7.04 -21.95 -24.28
C ILE D 53 7.45 -22.34 -22.88
N GLU D 54 7.89 -23.58 -22.71
CA GLU D 54 8.00 -24.15 -21.37
C GLU D 54 9.18 -23.65 -20.51
N ASP D 55 10.32 -23.41 -21.14
N ASP D 55 10.32 -23.38 -21.14
CA ASP D 55 11.50 -22.90 -20.42
CA ASP D 55 11.50 -22.90 -20.41
C ASP D 55 11.28 -21.46 -19.95
C ASP D 55 11.29 -21.46 -19.94
N LYS D 56 10.85 -20.59 -20.85
CA LYS D 56 10.52 -19.19 -20.54
C LYS D 56 9.50 -19.11 -19.40
N LEU D 57 8.49 -19.97 -19.46
CA LEU D 57 7.45 -20.02 -18.44
C LEU D 57 8.04 -20.34 -17.07
N LYS D 58 8.92 -21.32 -17.02
CA LYS D 58 9.50 -21.74 -15.75
C LYS D 58 10.43 -20.69 -15.17
N GLY D 59 11.23 -20.06 -16.03
CA GLY D 59 12.16 -19.06 -15.62
C GLY D 59 11.46 -17.86 -15.04
N GLU D 60 10.40 -17.43 -15.71
CA GLU D 60 9.57 -16.33 -15.23
C GLU D 60 8.93 -16.66 -13.88
N MET D 61 8.37 -17.86 -13.77
CA MET D 61 7.81 -18.33 -12.51
C MET D 61 8.84 -18.24 -11.37
N MET D 62 10.01 -18.80 -11.63
CA MET D 62 11.09 -18.83 -10.65
C MET D 62 11.56 -17.44 -10.25
N ASP D 63 11.63 -16.55 -11.22
CA ASP D 63 12.13 -15.22 -11.00
C ASP D 63 11.17 -14.47 -10.05
N LEU D 64 9.86 -14.58 -10.27
CA LEU D 64 8.89 -14.04 -9.33
C LEU D 64 8.95 -14.70 -7.95
N GLN D 65 9.13 -16.03 -7.91
CA GLN D 65 9.18 -16.76 -6.63
C GLN D 65 10.34 -16.22 -5.79
N HIS D 66 11.45 -15.92 -6.46
CA HIS D 66 12.64 -15.43 -5.77
C HIS D 66 12.46 -14.06 -5.10
N GLY D 67 11.40 -13.35 -5.48
CA GLY D 67 11.02 -12.09 -4.83
C GLY D 67 9.96 -12.22 -3.78
N SER D 68 9.65 -13.47 -3.40
CA SER D 68 8.59 -13.78 -2.44
C SER D 68 8.72 -13.05 -1.10
N LEU D 69 9.97 -12.92 -0.63
CA LEU D 69 10.26 -12.22 0.61
C LEU D 69 9.62 -10.83 0.64
N PHE D 70 9.53 -10.19 -0.54
CA PHE D 70 9.08 -8.80 -0.70
C PHE D 70 7.59 -8.68 -1.09
N LEU D 71 6.87 -9.80 -1.13
CA LEU D 71 5.47 -9.84 -1.59
C LEU D 71 4.55 -10.49 -0.53
N ARG D 72 3.25 -10.44 -0.76
CA ARG D 72 2.25 -11.06 0.14
C ARG D 72 1.32 -11.94 -0.70
N THR D 73 1.91 -12.59 -1.68
CA THR D 73 1.22 -13.60 -2.50
C THR D 73 2.01 -14.90 -2.30
N PRO D 74 1.47 -15.80 -1.44
CA PRO D 74 2.27 -16.89 -0.93
C PRO D 74 2.54 -18.05 -1.87
N LYS D 75 1.80 -18.13 -2.98
CA LYS D 75 1.89 -19.22 -3.91
C LYS D 75 1.86 -18.73 -5.36
N ILE D 76 2.93 -19.02 -6.07
CA ILE D 76 3.03 -18.75 -7.47
C ILE D 76 3.34 -20.10 -8.14
N VAL D 77 2.53 -20.45 -9.14
CA VAL D 77 2.66 -21.70 -9.88
C VAL D 77 2.60 -21.46 -11.39
N SER D 78 3.10 -22.42 -12.13
CA SER D 78 3.09 -22.31 -13.58
C SER D 78 3.06 -23.67 -14.24
N GLY D 79 2.64 -23.69 -15.50
CA GLY D 79 2.66 -24.90 -16.31
C GLY D 79 1.94 -24.70 -17.62
N LYS D 80 2.26 -25.58 -18.57
CA LYS D 80 1.58 -25.66 -19.86
C LYS D 80 0.18 -26.24 -19.73
N ASP D 81 -0.02 -27.12 -18.75
CA ASP D 81 -1.31 -27.74 -18.46
C ASP D 81 -2.16 -26.77 -17.63
N TYR D 82 -3.44 -26.73 -17.95
CA TYR D 82 -4.38 -25.82 -17.32
C TYR D 82 -4.83 -26.22 -15.94
N ASN D 83 -4.42 -27.40 -15.50
CA ASN D 83 -4.69 -27.80 -14.13
C ASN D 83 -4.07 -26.88 -13.08
N VAL D 84 -3.02 -26.15 -13.46
CA VAL D 84 -2.44 -25.16 -12.52
C VAL D 84 -3.38 -23.95 -12.30
N THR D 85 -4.38 -23.75 -13.18
CA THR D 85 -5.23 -22.59 -13.18
C THR D 85 -6.53 -22.81 -12.44
N ALA D 86 -6.71 -23.99 -11.86
CA ALA D 86 -7.98 -24.37 -11.22
C ALA D 86 -8.44 -23.40 -10.15
N ASN D 87 -9.73 -23.09 -10.18
CA ASN D 87 -10.40 -22.22 -9.20
C ASN D 87 -9.94 -20.76 -9.22
N SER D 88 -9.57 -20.25 -10.40
CA SER D 88 -9.22 -18.84 -10.53
C SER D 88 -10.47 -17.99 -10.46
N LYS D 89 -10.41 -16.90 -9.73
CA LYS D 89 -11.47 -15.86 -9.76
C LYS D 89 -11.46 -15.04 -11.04
N LEU D 90 -10.26 -14.83 -11.58
CA LEU D 90 -10.01 -13.91 -12.69
C LEU D 90 -8.93 -14.54 -13.53
N VAL D 91 -9.20 -14.69 -14.82
CA VAL D 91 -8.22 -15.19 -15.77
C VAL D 91 -7.98 -14.13 -16.85
N ILE D 92 -6.72 -13.78 -17.02
CA ILE D 92 -6.29 -12.70 -17.87
C ILE D 92 -5.56 -13.30 -19.05
N ILE D 93 -6.06 -13.02 -20.26
CA ILE D 93 -5.49 -13.57 -21.45
C ILE D 93 -4.64 -12.49 -22.18
N THR D 94 -3.35 -12.76 -22.25
CA THR D 94 -2.38 -11.87 -22.87
C THR D 94 -1.56 -12.67 -23.85
N ALA D 95 -2.17 -13.74 -24.35
CA ALA D 95 -1.47 -14.71 -25.17
C ALA D 95 -1.54 -14.27 -26.63
N GLY D 96 -0.61 -14.78 -27.42
CA GLY D 96 -0.54 -14.50 -28.85
C GLY D 96 0.60 -13.54 -29.06
N ALA D 97 1.43 -13.85 -30.05
CA ALA D 97 2.49 -12.94 -30.48
C ALA D 97 1.91 -11.56 -30.79
N ARG D 98 2.60 -10.51 -30.39
CA ARG D 98 2.22 -9.17 -30.83
C ARG D 98 2.34 -8.99 -32.37
N GLN D 99 1.48 -8.12 -32.91
CA GLN D 99 1.30 -7.91 -34.36
C GLN D 99 2.62 -7.63 -35.08
N SER D 104 -1.28 -8.41 -41.49
CA SER D 104 -2.33 -7.44 -41.24
C SER D 104 -3.23 -7.80 -40.06
N ARG D 105 -4.18 -6.91 -39.79
CA ARG D 105 -5.14 -7.07 -38.70
C ARG D 105 -6.01 -8.34 -38.83
N LEU D 106 -6.55 -8.60 -40.03
CA LEU D 106 -7.30 -9.86 -40.28
C LEU D 106 -6.47 -11.14 -40.05
N ASN D 107 -5.19 -11.10 -40.40
CA ASN D 107 -4.30 -12.24 -40.16
C ASN D 107 -3.96 -12.36 -38.67
N LEU D 108 -3.86 -11.22 -37.97
CA LEU D 108 -3.76 -11.23 -36.52
C LEU D 108 -4.97 -11.92 -35.90
N VAL D 109 -6.16 -11.52 -36.35
CA VAL D 109 -7.43 -12.11 -35.90
C VAL D 109 -7.40 -13.61 -36.08
N GLN D 110 -7.11 -14.01 -37.31
CA GLN D 110 -7.08 -15.40 -37.71
C GLN D 110 -6.23 -16.23 -36.76
N ARG D 111 -4.99 -15.81 -36.53
CA ARG D 111 -4.10 -16.62 -35.67
C ARG D 111 -4.47 -16.58 -34.18
N ASN D 112 -4.97 -15.45 -33.70
CA ASN D 112 -5.36 -15.35 -32.29
C ASN D 112 -6.73 -16.06 -32.00
N VAL D 113 -7.64 -16.09 -32.98
CA VAL D 113 -8.82 -16.95 -32.88
C VAL D 113 -8.41 -18.42 -32.68
N ASN D 114 -7.43 -18.86 -33.46
CA ASN D 114 -6.99 -20.27 -33.41
C ASN D 114 -6.40 -20.62 -32.06
N ILE D 115 -5.59 -19.71 -31.52
CA ILE D 115 -5.06 -19.84 -30.15
C ILE D 115 -6.23 -19.88 -29.15
N PHE D 116 -7.21 -18.99 -29.32
CA PHE D 116 -8.32 -18.91 -28.37
C PHE D 116 -9.15 -20.18 -28.33
N LYS D 117 -9.28 -20.83 -29.49
CA LYS D 117 -10.02 -22.07 -29.61
C LYS D 117 -9.50 -23.16 -28.68
N PHE D 118 -8.20 -23.12 -28.41
CA PHE D 118 -7.52 -24.02 -27.46
C PHE D 118 -7.52 -23.49 -26.00
N ILE D 119 -7.15 -22.22 -25.84
CA ILE D 119 -7.06 -21.60 -24.50
C ILE D 119 -8.43 -21.56 -23.78
N ILE D 120 -9.43 -20.99 -24.42
CA ILE D 120 -10.65 -20.66 -23.70
C ILE D 120 -11.33 -21.94 -23.09
N PRO D 121 -11.54 -23.01 -23.89
CA PRO D 121 -12.17 -24.20 -23.27
C PRO D 121 -11.39 -24.80 -22.08
N ASN D 122 -10.06 -24.80 -22.15
CA ASN D 122 -9.24 -25.22 -21.01
C ASN D 122 -9.39 -24.32 -19.78
N VAL D 123 -9.55 -23.01 -20.00
CA VAL D 123 -9.77 -22.08 -18.88
C VAL D 123 -11.10 -22.38 -18.21
N VAL D 124 -12.13 -22.59 -19.04
CA VAL D 124 -13.50 -22.83 -18.59
C VAL D 124 -13.61 -24.15 -17.83
N LYS D 125 -12.87 -25.15 -18.31
CA LYS D 125 -12.85 -26.46 -17.68
C LYS D 125 -12.44 -26.35 -16.22
N TYR D 126 -11.39 -25.59 -15.95
CA TYR D 126 -10.82 -25.54 -14.59
C TYR D 126 -11.36 -24.42 -13.74
N SER D 127 -11.90 -23.38 -14.37
CA SER D 127 -12.41 -22.22 -13.66
C SER D 127 -13.73 -21.80 -14.28
N PRO D 128 -14.76 -22.66 -14.17
CA PRO D 128 -16.06 -22.36 -14.81
C PRO D 128 -16.70 -21.03 -14.40
N ASN D 129 -16.39 -20.59 -13.18
CA ASN D 129 -17.04 -19.41 -12.59
C ASN D 129 -16.16 -18.16 -12.59
N CYS D 130 -15.00 -18.24 -13.24
CA CYS D 130 -14.12 -17.07 -13.32
C CYS D 130 -14.70 -15.92 -14.13
N LYS D 131 -14.11 -14.76 -13.91
CA LYS D 131 -14.21 -13.64 -14.84
C LYS D 131 -13.04 -13.73 -15.83
N LEU D 132 -13.33 -13.58 -17.13
CA LEU D 132 -12.30 -13.57 -18.18
C LEU D 132 -11.99 -12.14 -18.53
N LEU D 133 -10.71 -11.76 -18.49
CA LEU D 133 -10.26 -10.40 -18.88
C LEU D 133 -9.34 -10.55 -20.06
N ILE D 134 -9.81 -10.11 -21.23
CA ILE D 134 -9.11 -10.28 -22.49
C ILE D 134 -8.29 -9.05 -22.78
N VAL D 135 -7.01 -9.26 -23.04
CA VAL D 135 -6.09 -8.15 -23.37
C VAL D 135 -5.56 -8.29 -24.79
N SER D 136 -5.35 -9.53 -25.22
CA SER D 136 -4.88 -9.82 -26.58
C SER D 136 -5.63 -9.07 -27.69
N ASN D 137 -4.91 -8.68 -28.74
CA ASN D 137 -5.47 -7.87 -29.81
C ASN D 137 -5.88 -8.66 -31.05
N PRO D 138 -6.80 -8.13 -31.86
CA PRO D 138 -7.55 -6.91 -31.58
C PRO D 138 -8.57 -7.17 -30.49
N VAL D 139 -8.47 -6.39 -29.41
CA VAL D 139 -9.10 -6.76 -28.15
C VAL D 139 -10.62 -6.86 -28.22
N ASP D 140 -11.24 -6.01 -29.02
CA ASP D 140 -12.69 -6.01 -29.14
C ASP D 140 -13.20 -7.28 -29.85
N ILE D 141 -12.51 -7.67 -30.90
CA ILE D 141 -12.85 -8.88 -31.62
C ILE D 141 -12.55 -10.08 -30.73
N LEU D 142 -11.39 -10.07 -30.07
CA LEU D 142 -11.06 -11.24 -29.25
C LEU D 142 -11.93 -11.36 -27.99
N THR D 143 -12.50 -10.26 -27.52
CA THR D 143 -13.44 -10.34 -26.39
C THR D 143 -14.73 -11.05 -26.85
N TYR D 144 -15.24 -10.67 -28.02
CA TYR D 144 -16.36 -11.40 -28.66
C TYR D 144 -16.07 -12.88 -28.78
N VAL D 145 -14.89 -13.19 -29.31
CA VAL D 145 -14.44 -14.54 -29.51
C VAL D 145 -14.41 -15.34 -28.21
N ALA D 146 -13.89 -14.75 -27.15
CA ALA D 146 -13.85 -15.43 -25.86
C ALA D 146 -15.27 -15.68 -25.33
N TRP D 147 -16.14 -14.71 -25.53
CA TRP D 147 -17.53 -14.85 -25.10
C TRP D 147 -18.23 -15.95 -25.89
N LYS D 148 -18.07 -15.96 -27.21
CA LYS D 148 -18.63 -17.04 -28.06
C LYS D 148 -18.15 -18.42 -27.65
N ILE D 149 -16.84 -18.60 -27.56
CA ILE D 149 -16.28 -19.91 -27.23
C ILE D 149 -16.61 -20.33 -25.80
N SER D 150 -16.52 -19.43 -24.84
CA SER D 150 -16.66 -19.80 -23.44
C SER D 150 -18.07 -20.19 -23.10
N GLY D 151 -19.05 -19.51 -23.71
CA GLY D 151 -20.46 -19.66 -23.29
C GLY D 151 -20.80 -18.91 -22.03
N PHE D 152 -19.85 -18.13 -21.50
CA PHE D 152 -20.08 -17.33 -20.31
C PHE D 152 -21.15 -16.26 -20.54
N PRO D 153 -21.84 -15.89 -19.45
CA PRO D 153 -22.71 -14.72 -19.57
C PRO D 153 -21.90 -13.42 -19.82
N LYS D 154 -22.59 -12.40 -20.32
CA LYS D 154 -21.97 -11.19 -20.84
C LYS D 154 -21.13 -10.51 -19.75
N ASN D 155 -21.65 -10.54 -18.52
CA ASN D 155 -20.98 -9.83 -17.39
C ASN D 155 -19.59 -10.37 -17.08
N ARG D 156 -19.31 -11.61 -17.49
CA ARG D 156 -18.05 -12.24 -17.09
C ARG D 156 -16.99 -12.31 -18.19
N VAL D 157 -17.16 -11.54 -19.25
CA VAL D 157 -16.20 -11.49 -20.35
C VAL D 157 -15.95 -10.01 -20.61
N ILE D 158 -14.77 -9.58 -20.19
CA ILE D 158 -14.39 -8.19 -20.16
C ILE D 158 -13.17 -8.04 -21.05
N GLY D 159 -13.18 -7.04 -21.93
CA GLY D 159 -12.00 -6.73 -22.74
C GLY D 159 -11.34 -5.49 -22.19
N SER D 160 -10.02 -5.48 -22.15
CA SER D 160 -9.25 -4.33 -21.70
C SER D 160 -9.69 -3.07 -22.42
N GLY D 161 -10.02 -3.19 -23.71
CA GLY D 161 -10.73 -2.12 -24.39
C GLY D 161 -10.00 -0.78 -24.38
N CYS D 162 -10.73 0.29 -24.08
CA CYS D 162 -10.14 1.63 -24.04
C CYS D 162 -9.57 2.05 -22.69
N ASN D 163 -9.25 1.09 -21.85
CA ASN D 163 -8.79 1.44 -20.53
C ASN D 163 -7.42 2.10 -20.64
N LEU D 164 -6.55 1.52 -21.47
CA LEU D 164 -5.24 2.12 -21.70
C LEU D 164 -5.32 3.43 -22.46
N ASP D 165 -6.14 3.47 -23.52
CA ASP D 165 -6.36 4.66 -24.32
C ASP D 165 -6.74 5.86 -23.43
N SER D 166 -7.65 5.62 -22.51
CA SER D 166 -8.17 6.66 -21.64
C SER D 166 -7.10 7.11 -20.63
N ALA D 167 -6.30 6.17 -20.16
CA ALA D 167 -5.19 6.46 -19.24
C ALA D 167 -4.13 7.34 -19.93
N ARG D 168 -3.82 7.00 -21.19
CA ARG D 168 -2.90 7.81 -22.00
C ARG D 168 -3.46 9.20 -22.23
N PHE D 169 -4.73 9.24 -22.59
CA PHE D 169 -5.45 10.48 -22.72
C PHE D 169 -5.34 11.38 -21.48
N ARG D 170 -5.54 10.79 -20.33
CA ARG D 170 -5.53 11.50 -19.04
C ARG D 170 -4.13 11.97 -18.63
N TYR D 171 -3.11 11.18 -18.96
CA TYR D 171 -1.71 11.57 -18.82
C TYR D 171 -1.41 12.83 -19.64
N LEU D 172 -1.83 12.82 -20.90
CA LEU D 172 -1.55 13.92 -21.82
C LEU D 172 -2.30 15.19 -21.44
N MET D 173 -3.55 15.02 -21.04
CA MET D 173 -4.39 16.13 -20.54
C MET D 173 -3.76 16.78 -19.32
N GLY D 174 -3.27 15.95 -18.42
CA GLY D 174 -2.63 16.39 -17.19
C GLY D 174 -1.35 17.14 -17.44
N GLU D 175 -0.58 16.68 -18.42
CA GLU D 175 0.62 17.39 -18.85
C GLU D 175 0.35 18.80 -19.39
N ARG D 176 -0.69 18.96 -20.21
CA ARG D 176 -1.06 20.31 -20.69
C ARG D 176 -1.61 21.20 -19.60
N LEU D 177 -2.28 20.62 -18.59
CA LEU D 177 -2.94 21.45 -17.57
C LEU D 177 -2.09 21.66 -16.32
N GLY D 178 -1.03 20.88 -16.15
CA GLY D 178 -0.27 20.87 -14.90
C GLY D 178 -1.09 20.32 -13.74
N VAL D 179 -1.88 19.27 -14.00
CA VAL D 179 -2.72 18.62 -12.99
C VAL D 179 -2.50 17.13 -13.05
N HIS D 180 -2.54 16.48 -11.89
CA HIS D 180 -2.37 15.04 -11.83
C HIS D 180 -3.46 14.34 -12.68
N PRO D 181 -3.10 13.28 -13.42
CA PRO D 181 -4.06 12.58 -14.28
C PRO D 181 -5.30 12.08 -13.53
N LEU D 182 -5.15 11.70 -12.27
CA LEU D 182 -6.29 11.39 -11.39
C LEU D 182 -7.37 12.46 -11.33
N SER D 183 -6.98 13.74 -11.43
CA SER D 183 -7.93 14.87 -11.32
C SER D 183 -8.34 15.42 -12.68
N CYS D 184 -7.82 14.82 -13.76
CA CYS D 184 -8.18 15.17 -15.13
C CYS D 184 -9.08 14.09 -15.67
N HIS D 185 -10.36 14.39 -15.89
CA HIS D 185 -11.31 13.35 -16.29
C HIS D 185 -11.64 13.47 -17.78
N GLY D 186 -11.72 12.32 -18.45
CA GLY D 186 -12.04 12.28 -19.86
C GLY D 186 -12.07 10.85 -20.31
N TRP D 187 -12.91 10.56 -21.30
CA TRP D 187 -13.21 9.18 -21.69
C TRP D 187 -12.93 8.96 -23.16
N VAL D 188 -12.13 7.97 -23.50
CA VAL D 188 -11.91 7.54 -24.87
C VAL D 188 -12.68 6.23 -24.93
N LEU D 189 -13.64 6.14 -25.85
CA LEU D 189 -14.54 5.01 -25.96
C LEU D 189 -14.54 4.40 -27.35
N GLY D 190 -15.38 3.38 -27.54
CA GLY D 190 -15.55 2.72 -28.82
C GLY D 190 -14.49 1.64 -29.03
N GLU D 191 -13.95 1.60 -30.24
CA GLU D 191 -12.99 0.60 -30.62
C GLU D 191 -11.61 0.90 -30.05
N HIS D 192 -10.99 -0.05 -29.37
CA HIS D 192 -9.63 0.18 -28.88
C HIS D 192 -8.69 0.49 -30.03
N GLY D 193 -7.79 1.47 -29.82
CA GLY D 193 -6.69 1.71 -30.77
C GLY D 193 -6.96 2.82 -31.77
N ASP D 194 -6.68 2.54 -33.05
CA ASP D 194 -6.69 3.56 -34.13
C ASP D 194 -8.02 4.34 -34.23
N SER D 195 -9.14 3.64 -34.04
CA SER D 195 -10.47 4.20 -34.26
C SER D 195 -11.24 4.63 -32.99
N SER D 196 -10.55 4.81 -31.89
CA SER D 196 -11.19 5.24 -30.66
C SER D 196 -11.76 6.66 -30.75
N VAL D 197 -12.73 6.91 -29.87
CA VAL D 197 -13.49 8.14 -29.90
C VAL D 197 -13.29 8.91 -28.61
N PRO D 198 -12.69 10.12 -28.68
CA PRO D 198 -12.62 10.94 -27.48
C PRO D 198 -13.93 11.68 -27.28
N VAL D 199 -14.54 11.57 -26.09
CA VAL D 199 -15.84 12.17 -25.84
C VAL D 199 -15.59 13.55 -25.24
N TRP D 200 -15.54 14.56 -26.11
CA TRP D 200 -15.15 15.92 -25.68
C TRP D 200 -16.04 16.49 -24.57
N SER D 201 -17.33 16.20 -24.63
CA SER D 201 -18.31 16.67 -23.66
C SER D 201 -18.04 16.26 -22.20
N GLY D 202 -17.35 15.14 -22.00
CA GLY D 202 -17.05 14.65 -20.67
C GLY D 202 -15.74 15.15 -20.09
N MET D 203 -14.91 15.82 -20.88
CA MET D 203 -13.60 16.25 -20.42
CA MET D 203 -13.62 16.23 -20.38
C MET D 203 -13.74 17.36 -19.39
N ASN D 204 -13.17 17.17 -18.21
CA ASN D 204 -13.38 18.13 -17.14
C ASN D 204 -12.36 18.02 -16.05
N VAL D 205 -12.17 19.11 -15.34
CA VAL D 205 -11.42 19.14 -14.07
C VAL D 205 -12.39 19.72 -13.08
N ALA D 206 -12.59 19.02 -11.97
CA ALA D 206 -13.49 19.48 -10.88
C ALA D 206 -14.91 19.75 -11.32
N GLY D 207 -15.41 18.95 -12.26
CA GLY D 207 -16.76 19.12 -12.82
C GLY D 207 -16.92 20.31 -13.76
N VAL D 208 -15.79 20.95 -14.08
CA VAL D 208 -15.82 22.07 -15.00
C VAL D 208 -15.54 21.55 -16.39
N SER D 209 -16.56 21.59 -17.24
CA SER D 209 -16.47 21.11 -18.62
C SER D 209 -15.56 21.98 -19.48
N LEU D 210 -14.50 21.37 -19.98
CA LEU D 210 -13.57 22.05 -20.87
C LEU D 210 -14.27 22.54 -22.16
N LYS D 211 -15.12 21.68 -22.74
CA LYS D 211 -15.93 22.04 -23.92
C LYS D 211 -16.84 23.26 -23.71
N THR D 212 -17.40 23.41 -22.52
CA THR D 212 -18.26 24.56 -22.22
C THR D 212 -17.45 25.84 -22.12
N LEU D 213 -16.30 25.76 -21.45
CA LEU D 213 -15.36 26.87 -21.40
C LEU D 213 -14.83 27.24 -22.79
N HIS D 214 -14.64 26.24 -23.64
CA HIS D 214 -13.92 26.39 -24.90
C HIS D 214 -14.67 25.64 -25.99
N PRO D 215 -15.73 26.24 -26.52
CA PRO D 215 -16.64 25.55 -27.48
C PRO D 215 -15.99 24.93 -28.71
N ASP D 216 -14.87 25.48 -29.18
CA ASP D 216 -14.13 24.95 -30.32
C ASP D 216 -13.33 23.67 -29.98
N LEU D 217 -13.26 23.31 -28.70
CA LEU D 217 -12.54 22.13 -28.26
C LEU D 217 -12.86 20.88 -29.09
N GLY D 218 -11.82 20.24 -29.61
CA GLY D 218 -11.97 19.03 -30.41
C GLY D 218 -12.37 19.25 -31.86
N THR D 219 -12.54 20.52 -32.28
CA THR D 219 -12.95 20.85 -33.66
C THR D 219 -11.73 21.38 -34.39
N ASP D 220 -11.80 21.41 -35.73
CA ASP D 220 -10.68 21.91 -36.54
C ASP D 220 -10.43 23.41 -36.33
N LYS D 221 -11.47 24.14 -35.92
CA LYS D 221 -11.33 25.58 -35.60
C LYS D 221 -10.61 25.90 -34.28
N ASP D 222 -10.29 24.88 -33.48
CA ASP D 222 -9.63 25.10 -32.19
C ASP D 222 -8.20 25.58 -32.38
N LYS D 223 -7.91 26.81 -31.93
CA LYS D 223 -6.56 27.39 -32.05
C LYS D 223 -5.51 26.75 -31.15
N GLU D 224 -5.93 26.10 -30.07
CA GLU D 224 -5.03 25.36 -29.18
C GLU D 224 -4.92 23.88 -29.54
N GLN D 225 -5.60 23.47 -30.61
CA GLN D 225 -5.50 22.12 -31.20
C GLN D 225 -5.64 20.99 -30.18
N TRP D 226 -6.59 21.12 -29.26
CA TRP D 226 -6.84 20.04 -28.28
C TRP D 226 -7.13 18.67 -28.88
N LYS D 227 -7.65 18.64 -30.11
CA LYS D 227 -7.84 17.41 -30.86
C LYS D 227 -6.53 16.61 -31.01
N GLU D 228 -5.39 17.29 -30.91
CA GLU D 228 -4.08 16.63 -30.98
C GLU D 228 -3.81 15.73 -29.78
N VAL D 229 -4.42 16.06 -28.64
CA VAL D 229 -4.33 15.20 -27.47
C VAL D 229 -4.83 13.79 -27.81
N HIS D 230 -6.02 13.67 -28.40
CA HIS D 230 -6.47 12.31 -28.82
C HIS D 230 -5.59 11.71 -29.90
N LYS D 231 -5.20 12.52 -30.88
CA LYS D 231 -4.29 12.04 -31.93
C LYS D 231 -2.97 11.53 -31.31
N GLN D 232 -2.50 12.24 -30.29
CA GLN D 232 -1.29 11.84 -29.58
C GLN D 232 -1.49 10.59 -28.79
N VAL D 233 -2.72 10.26 -28.37
CA VAL D 233 -2.99 8.93 -27.77
C VAL D 233 -2.61 7.85 -28.79
N VAL D 234 -3.08 8.02 -30.02
CA VAL D 234 -2.78 7.10 -31.11
C VAL D 234 -1.28 7.14 -31.45
N GLU D 235 -0.75 8.34 -31.70
CA GLU D 235 0.69 8.49 -32.04
C GLU D 235 1.64 7.93 -30.95
N SER D 236 1.36 8.25 -29.67
CA SER D 236 2.09 7.70 -28.49
C SER D 236 2.33 6.22 -28.64
N ALA D 237 1.26 5.50 -28.99
CA ALA D 237 1.31 4.03 -29.03
C ALA D 237 2.29 3.55 -30.09
N TYR D 238 2.18 4.10 -31.30
CA TYR D 238 3.10 3.73 -32.39
C TYR D 238 4.53 4.10 -32.02
N GLU D 239 4.69 5.22 -31.33
CA GLU D 239 6.02 5.72 -31.01
C GLU D 239 6.72 4.81 -30.01
N VAL D 240 5.97 4.29 -29.03
CA VAL D 240 6.56 3.37 -28.04
C VAL D 240 7.03 2.08 -28.70
N ILE D 241 6.22 1.57 -29.62
CA ILE D 241 6.62 0.38 -30.39
C ILE D 241 7.89 0.65 -31.20
N LYS D 242 7.95 1.80 -31.85
CA LYS D 242 9.14 2.17 -32.61
C LYS D 242 10.36 2.21 -31.69
N LEU D 243 10.19 2.76 -30.49
CA LEU D 243 11.33 3.06 -29.63
C LEU D 243 11.87 1.87 -28.86
N LYS D 244 10.97 1.05 -28.31
CA LYS D 244 11.38 -0.10 -27.49
C LYS D 244 10.85 -1.46 -27.98
N GLY D 245 9.97 -1.46 -28.98
CA GLY D 245 9.51 -2.68 -29.63
C GLY D 245 8.13 -3.13 -29.19
N TYR D 246 7.64 -2.59 -28.08
CA TYR D 246 6.43 -3.12 -27.44
C TYR D 246 6.00 -2.22 -26.29
N THR D 247 4.76 -2.42 -25.85
CA THR D 247 4.22 -1.77 -24.65
C THR D 247 4.08 -2.84 -23.58
N SER D 248 4.43 -2.47 -22.36
CA SER D 248 4.36 -3.39 -21.25
C SER D 248 3.90 -2.72 -19.97
N TRP D 249 4.62 -1.71 -19.49
CA TRP D 249 4.35 -1.12 -18.18
C TRP D 249 2.96 -0.47 -18.08
N ALA D 250 2.59 0.35 -19.06
CA ALA D 250 1.31 1.04 -18.98
C ALA D 250 0.13 0.04 -19.01
N ILE D 251 0.22 -0.90 -19.92
CA ILE D 251 -0.87 -1.89 -20.05
C ILE D 251 -0.95 -2.75 -18.80
N GLY D 252 0.19 -3.13 -18.23
CA GLY D 252 0.22 -3.91 -17.01
C GLY D 252 -0.41 -3.19 -15.84
N LEU D 253 -0.05 -1.92 -15.66
CA LEU D 253 -0.69 -1.06 -14.62
C LEU D 253 -2.22 -0.90 -14.81
N SER D 254 -2.62 -0.73 -16.06
CA SER D 254 -4.02 -0.54 -16.41
CA SER D 254 -4.01 -0.56 -16.44
C SER D 254 -4.80 -1.82 -16.13
N VAL D 255 -4.20 -2.98 -16.43
CA VAL D 255 -4.86 -4.24 -16.19
C VAL D 255 -4.97 -4.53 -14.69
N ALA D 256 -3.95 -4.15 -13.92
CA ALA D 256 -3.98 -4.36 -12.50
C ALA D 256 -5.06 -3.51 -11.85
N ASP D 257 -5.32 -2.30 -12.40
CA ASP D 257 -6.40 -1.47 -11.89
C ASP D 257 -7.78 -2.13 -12.10
N LEU D 258 -8.00 -2.73 -13.27
CA LEU D 258 -9.21 -3.50 -13.53
C LEU D 258 -9.35 -4.69 -12.60
N ALA D 259 -8.26 -5.44 -12.44
CA ALA D 259 -8.23 -6.57 -11.51
C ALA D 259 -8.58 -6.11 -10.09
N GLU D 260 -8.12 -4.92 -9.71
CA GLU D 260 -8.41 -4.42 -8.40
C GLU D 260 -9.91 -4.25 -8.17
N SER D 261 -10.56 -3.57 -9.10
CA SER D 261 -12.00 -3.35 -9.00
C SER D 261 -12.74 -4.67 -8.93
N ILE D 262 -12.33 -5.64 -9.74
CA ILE D 262 -13.02 -6.95 -9.81
C ILE D 262 -12.80 -7.79 -8.53
N MET D 263 -11.55 -7.89 -8.10
CA MET D 263 -11.21 -8.73 -6.94
C MET D 263 -11.78 -8.18 -5.65
N LYS D 264 -11.82 -6.86 -5.52
CA LYS D 264 -12.23 -6.20 -4.30
C LYS D 264 -13.70 -5.75 -4.41
N ASN D 265 -14.40 -6.11 -5.49
CA ASN D 265 -15.81 -5.75 -5.71
C ASN D 265 -16.11 -4.26 -5.54
N LEU D 266 -15.25 -3.45 -6.15
CA LEU D 266 -15.31 -2.02 -5.91
C LEU D 266 -16.50 -1.32 -6.58
N ARG D 267 -16.98 -1.83 -7.71
CA ARG D 267 -18.01 -1.12 -8.50
C ARG D 267 -17.53 0.27 -8.89
N ARG D 268 -16.27 0.35 -9.28
CA ARG D 268 -15.76 1.55 -9.92
C ARG D 268 -16.10 1.44 -11.39
N VAL D 269 -16.05 2.58 -12.08
CA VAL D 269 -16.41 2.66 -13.51
C VAL D 269 -15.14 2.78 -14.35
N HIS D 270 -15.00 1.89 -15.31
CA HIS D 270 -13.85 1.84 -16.21
C HIS D 270 -14.29 1.74 -17.66
N PRO D 271 -13.51 2.33 -18.59
CA PRO D 271 -13.80 2.16 -20.02
C PRO D 271 -13.21 0.83 -20.49
N VAL D 272 -14.08 -0.17 -20.60
CA VAL D 272 -13.68 -1.52 -21.00
C VAL D 272 -14.68 -2.00 -22.07
N SER D 273 -14.34 -3.09 -22.73
CA SER D 273 -15.10 -3.56 -23.86
C SER D 273 -16.14 -4.59 -23.43
N THR D 274 -17.38 -4.34 -23.82
CA THR D 274 -18.49 -5.15 -23.39
C THR D 274 -19.43 -5.23 -24.57
N MET D 275 -20.40 -6.13 -24.47
CA MET D 275 -21.35 -6.42 -25.56
C MET D 275 -22.27 -5.22 -25.70
N ILE D 276 -22.15 -4.50 -26.80
CA ILE D 276 -22.85 -3.22 -26.89
C ILE D 276 -24.18 -3.30 -27.71
N LYS D 277 -24.57 -4.48 -28.12
CA LYS D 277 -25.84 -4.69 -28.84
C LYS D 277 -27.01 -4.07 -28.08
N GLY D 278 -27.79 -3.22 -28.76
CA GLY D 278 -28.89 -2.47 -28.15
C GLY D 278 -28.61 -0.98 -27.92
N LEU D 279 -27.34 -0.54 -28.00
CA LEU D 279 -27.02 0.88 -27.92
C LEU D 279 -26.60 1.47 -29.26
N TYR D 280 -26.82 2.77 -29.41
CA TYR D 280 -26.30 3.55 -30.53
C TYR D 280 -26.74 3.02 -31.90
N GLY D 281 -27.92 2.39 -31.92
CA GLY D 281 -28.48 1.86 -33.16
C GLY D 281 -27.79 0.58 -33.59
N ILE D 282 -26.98 0.03 -32.69
CA ILE D 282 -26.17 -1.16 -33.01
C ILE D 282 -27.05 -2.35 -32.69
N LYS D 283 -27.25 -3.22 -33.69
CA LYS D 283 -28.05 -4.43 -33.53
C LYS D 283 -27.25 -5.71 -33.67
N ASP D 284 -25.94 -5.64 -33.89
CA ASP D 284 -25.11 -6.86 -33.98
C ASP D 284 -24.35 -7.17 -32.69
N ASP D 285 -23.88 -8.41 -32.58
CA ASP D 285 -23.16 -8.92 -31.41
C ASP D 285 -21.73 -8.40 -31.41
N VAL D 286 -21.57 -7.13 -31.09
CA VAL D 286 -20.23 -6.52 -31.07
C VAL D 286 -19.92 -6.00 -29.66
N PHE D 287 -18.62 -6.04 -29.36
CA PHE D 287 -18.04 -5.56 -28.12
C PHE D 287 -17.28 -4.29 -28.42
N LEU D 288 -17.56 -3.24 -27.66
CA LEU D 288 -16.90 -1.93 -27.79
C LEU D 288 -16.83 -1.33 -26.41
N SER D 289 -15.96 -0.34 -26.22
CA SER D 289 -15.81 0.24 -24.89
C SER D 289 -16.85 1.31 -24.60
N VAL D 290 -17.53 1.12 -23.47
CA VAL D 290 -18.31 2.16 -22.84
C VAL D 290 -17.92 2.15 -21.37
N PRO D 291 -18.39 3.13 -20.56
CA PRO D 291 -18.03 3.01 -19.15
C PRO D 291 -18.86 1.93 -18.43
N CYS D 292 -18.16 1.00 -17.77
CA CYS D 292 -18.75 -0.16 -17.14
C CYS D 292 -18.46 -0.21 -15.66
N ILE D 293 -19.45 -0.61 -14.87
CA ILE D 293 -19.25 -0.82 -13.44
CA ILE D 293 -19.24 -0.82 -13.44
C ILE D 293 -18.64 -2.20 -13.26
N LEU D 294 -17.45 -2.25 -12.65
CA LEU D 294 -16.74 -3.52 -12.45
C LEU D 294 -16.71 -3.94 -10.99
N GLY D 295 -16.95 -5.21 -10.78
CA GLY D 295 -17.01 -5.77 -9.45
C GLY D 295 -16.86 -7.25 -9.52
N GLN D 296 -17.32 -7.93 -8.47
CA GLN D 296 -17.07 -9.35 -8.32
C GLN D 296 -17.84 -10.23 -9.31
N ASN D 297 -18.86 -9.68 -9.98
CA ASN D 297 -19.54 -10.44 -11.05
C ASN D 297 -19.07 -9.96 -12.42
N GLY D 298 -18.01 -9.14 -12.46
CA GLY D 298 -17.48 -8.62 -13.71
C GLY D 298 -18.16 -7.33 -14.04
N ILE D 299 -18.77 -7.24 -15.23
CA ILE D 299 -19.50 -6.04 -15.66
C ILE D 299 -20.97 -6.21 -15.28
N SER D 300 -21.41 -5.55 -14.21
CA SER D 300 -22.77 -5.70 -13.71
C SER D 300 -23.73 -4.66 -14.29
N ASP D 301 -23.16 -3.55 -14.76
CA ASP D 301 -23.92 -2.43 -15.26
C ASP D 301 -23.04 -1.66 -16.25
N LEU D 302 -23.65 -0.87 -17.13
CA LEU D 302 -22.87 0.03 -17.98
C LEU D 302 -23.52 1.40 -18.02
N VAL D 303 -22.70 2.41 -18.24
CA VAL D 303 -23.17 3.78 -18.26
C VAL D 303 -23.57 4.11 -19.68
N LYS D 304 -24.72 4.77 -19.82
CA LYS D 304 -25.23 5.22 -21.13
C LYS D 304 -24.78 6.66 -21.37
N VAL D 305 -23.69 6.82 -22.10
CA VAL D 305 -23.12 8.13 -22.40
C VAL D 305 -23.91 8.78 -23.57
N THR D 306 -24.31 10.04 -23.41
CA THR D 306 -24.88 10.82 -24.51
C THR D 306 -23.73 11.20 -25.46
N LEU D 307 -23.84 10.78 -26.71
CA LEU D 307 -22.81 11.05 -27.72
C LEU D 307 -23.34 12.03 -28.75
N THR D 308 -22.44 12.82 -29.34
CA THR D 308 -22.81 13.68 -30.46
C THR D 308 -23.16 12.79 -31.66
N SER D 309 -23.78 13.38 -32.67
CA SER D 309 -24.10 12.69 -33.91
C SER D 309 -22.83 12.06 -34.51
N GLU D 310 -21.77 12.85 -34.55
CA GLU D 310 -20.48 12.39 -35.04
C GLU D 310 -19.90 11.23 -34.19
N GLU D 311 -19.87 11.37 -32.87
CA GLU D 311 -19.28 10.32 -32.00
C GLU D 311 -20.03 9.01 -32.18
N GLU D 312 -21.35 9.10 -32.23
CA GLU D 312 -22.21 7.95 -32.45
C GLU D 312 -21.96 7.32 -33.82
N ALA D 313 -21.79 8.14 -34.86
CA ALA D 313 -21.46 7.61 -36.19
C ALA D 313 -20.19 6.76 -36.19
N ARG D 314 -19.16 7.21 -35.45
CA ARG D 314 -17.89 6.47 -35.36
C ARG D 314 -18.02 5.10 -34.67
N LEU D 315 -18.80 5.06 -33.59
CA LEU D 315 -19.05 3.80 -32.90
C LEU D 315 -19.79 2.84 -33.82
N LYS D 316 -20.77 3.39 -34.50
CA LYS D 316 -21.63 2.64 -35.42
C LYS D 316 -20.79 2.05 -36.56
N LYS D 317 -19.91 2.89 -37.11
CA LYS D 317 -18.95 2.47 -38.14
C LYS D 317 -18.02 1.34 -37.65
N SER D 318 -17.45 1.51 -36.46
CA SER D 318 -16.67 0.44 -35.86
C SER D 318 -17.48 -0.83 -35.69
N ALA D 319 -18.70 -0.69 -35.18
CA ALA D 319 -19.55 -1.87 -34.95
C ALA D 319 -19.82 -2.61 -36.27
N ASP D 320 -20.10 -1.85 -37.32
CA ASP D 320 -20.27 -2.41 -38.67
C ASP D 320 -19.04 -3.17 -39.16
N THR D 321 -17.86 -2.59 -38.98
CA THR D 321 -16.65 -3.25 -39.43
C THR D 321 -16.39 -4.51 -38.63
N LEU D 322 -16.48 -4.40 -37.31
CA LEU D 322 -16.23 -5.53 -36.43
C LEU D 322 -17.19 -6.67 -36.76
N TRP D 323 -18.48 -6.35 -36.89
CA TRP D 323 -19.45 -7.41 -37.19
C TRP D 323 -19.18 -8.04 -38.57
N GLY D 324 -18.77 -7.22 -39.55
CA GLY D 324 -18.29 -7.69 -40.86
C GLY D 324 -17.18 -8.72 -40.79
N ILE D 325 -16.22 -8.54 -39.89
CA ILE D 325 -15.15 -9.53 -39.65
C ILE D 325 -15.72 -10.75 -38.90
N GLN D 326 -16.47 -10.48 -37.83
CA GLN D 326 -16.94 -11.53 -36.93
C GLN D 326 -17.93 -12.51 -37.58
N LYS D 327 -18.79 -12.02 -38.48
CA LYS D 327 -19.81 -12.90 -39.09
C LYS D 327 -19.21 -14.03 -39.94
N GLU D 328 -17.99 -13.82 -40.44
CA GLU D 328 -17.26 -14.81 -41.21
C GLU D 328 -16.36 -15.74 -40.38
N LEU D 329 -16.22 -15.49 -39.07
CA LEU D 329 -15.43 -16.37 -38.22
C LEU D 329 -16.13 -17.73 -38.07
N GLN D 330 -15.34 -18.80 -38.18
CA GLN D 330 -15.86 -20.17 -38.08
C GLN D 330 -15.53 -20.73 -36.69
N PHE D 331 -16.55 -21.22 -35.98
CA PHE D 331 -16.38 -21.82 -34.63
C PHE D 331 -16.71 -23.30 -34.62
PA NAD E . -14.65 -0.62 25.84
O1A NAD E . -15.32 -0.76 27.18
O2A NAD E . -14.24 0.76 25.47
O5B NAD E . -15.59 -1.20 24.71
C5B NAD E . -16.18 -2.45 24.79
C4B NAD E . -17.37 -2.67 23.99
O4B NAD E . -17.89 -3.95 24.25
C3B NAD E . -18.46 -1.68 24.31
O3B NAD E . -18.77 -0.93 23.17
C2B NAD E . -19.53 -2.50 24.75
O2B NAD E . -20.81 -2.03 24.48
C1B NAD E . -19.25 -3.80 24.03
N9A NAD E . -20.05 -4.90 24.53
C8A NAD E . -20.32 -5.20 25.82
N7A NAD E . -21.13 -6.28 25.86
C5A NAD E . -21.39 -6.67 24.59
C6A NAD E . -22.14 -7.69 23.99
N6A NAD E . -22.88 -8.65 24.77
N1A NAD E . -22.19 -7.79 22.64
C2A NAD E . -21.51 -6.92 21.87
N3A NAD E . -20.77 -5.94 22.39
C4A NAD E . -20.70 -5.78 23.75
O3 NAD E . -13.35 -1.56 26.02
PN NAD E . -12.02 -1.52 25.11
O1N NAD E . -12.46 -1.34 23.65
O2N NAD E . -10.99 -0.52 25.56
O5D NAD E . -11.43 -2.97 25.26
C5D NAD E . -12.26 -4.06 25.25
C4D NAD E . -11.67 -5.32 25.57
O4D NAD E . -10.41 -5.34 24.83
C3D NAD E . -11.35 -5.46 27.02
O3D NAD E . -11.62 -6.77 27.40
C2D NAD E . -9.89 -5.14 27.06
O2D NAD E . -9.22 -5.65 28.13
C1D NAD E . -9.49 -5.80 25.77
N1N NAD E . -8.08 -5.73 25.41
C2N NAD E . -7.11 -6.69 25.14
C3N NAD E . -5.86 -6.38 24.44
C7N NAD E . -4.97 -7.58 24.22
O7N NAD E . -3.76 -7.44 24.02
N7N NAD E . -5.54 -8.90 24.25
C4N NAD E . -5.33 -4.98 24.53
C5N NAD E . -6.37 -3.96 24.88
C6N NAD E . -7.74 -4.35 25.31
N1 EPE F . -13.70 -30.42 18.75
C2 EPE F . -14.52 -31.18 19.75
C3 EPE F . -16.04 -31.13 19.61
N4 EPE F . -16.49 -30.34 18.43
C5 EPE F . -15.65 -30.58 17.24
C6 EPE F . -14.35 -29.84 17.54
C7 EPE F . -17.94 -30.48 18.18
C8 EPE F . -18.66 -29.63 19.23
O8 EPE F . -19.75 -28.92 18.64
C9 EPE F . -12.66 -29.57 19.34
C10 EPE F . -11.45 -30.52 19.21
S EPE F . -9.94 -29.81 19.12
O1S EPE F . -9.76 -30.15 17.71
O2S EPE F . -10.38 -28.44 19.45
O3S EPE F . -9.35 -30.60 20.20
S SO4 G . 9.74 -11.87 12.74
O1 SO4 G . 8.33 -11.55 13.06
O2 SO4 G . 9.79 -13.18 12.04
O3 SO4 G . 10.27 -10.82 11.85
O4 SO4 G . 10.54 -11.93 13.99
C4 D3S H . 0.93 -6.09 30.74
C14 D3S H . -6.20 -2.22 29.58
C5 D3S H . -0.40 -5.74 30.86
C6 D3S H . -1.20 -5.51 29.72
C7 D3S H . -0.65 -5.61 28.42
C9 D3S H . -3.11 -4.45 27.65
C10 D3S H . -4.23 -5.12 28.02
C12 D3S H . -5.42 -4.40 28.56
C13 D3S H . -4.99 -3.13 29.31
C3 D3S H . 1.48 -6.21 29.46
CL1 D3S H . 1.58 -6.17 26.77
C2 D3S H . 0.72 -5.98 28.30
S8 D3S H . -1.72 -5.26 26.98
O11 D3S H . -4.32 -6.44 27.88
C15 D3S H . -6.59 -1.85 30.90
C16 D3S H . -7.69 -1.00 31.11
C17 D3S H . -8.44 -0.50 30.04
C18 D3S H . -8.07 -0.85 28.75
C19 D3S H . -6.96 -1.70 28.51
O20 D3S H . -6.63 -2.01 27.23
C21 D3S H . -4.23 -3.54 30.58
C22 D3S H . -4.62 -4.68 31.32
C23 D3S H . -3.94 -5.07 32.47
C24 D3S H . -2.85 -4.31 32.90
C25 D3S H . -2.44 -3.17 32.20
C26 D3S H . -3.13 -2.79 31.04
O27 D3S H . -4.15 -2.40 28.36
C28 D3S H . -3.04 -3.01 27.80
O29 D3S H . -2.03 -2.41 27.47
PA NAD I . -11.18 17.14 21.26
O1A NAD I . -11.77 17.89 22.40
O2A NAD I . -11.31 15.65 21.38
O5B NAD I . -9.65 17.48 21.16
C5B NAD I . -9.12 18.75 21.10
C4B NAD I . -7.75 18.85 21.60
O4B NAD I . -7.26 20.15 21.45
C3B NAD I . -7.68 18.51 23.06
O3B NAD I . -6.80 17.44 23.26
C2B NAD I . -7.22 19.68 23.69
O2B NAD I . -6.42 19.46 24.80
C1B NAD I . -6.44 20.29 22.57
N9A NAD I . -6.05 21.67 22.80
C8A NAD I . -6.84 22.64 23.33
N7A NAD I . -6.14 23.77 23.40
C5A NAD I . -4.90 23.52 22.93
C6A NAD I . -3.76 24.30 22.77
N6A NAD I . -3.77 25.70 23.14
N1A NAD I . -2.64 23.77 22.23
C2A NAD I . -2.62 22.46 21.86
N3A NAD I . -3.71 21.69 22.01
C4A NAD I . -4.84 22.18 22.56
O3 NAD I . -11.85 17.81 19.95
PN NAD I . -11.99 17.05 18.52
O1N NAD I . -10.66 16.38 18.21
O2N NAD I . -13.17 16.15 18.44
O5D NAD I . -12.22 18.22 17.49
C5D NAD I . -11.33 19.27 17.43
C4D NAD I . -11.61 20.29 16.50
O4D NAD I . -11.74 19.65 15.17
C3D NAD I . -12.90 20.95 16.82
O3D NAD I . -12.76 22.30 16.53
C2D NAD I . -13.86 20.30 15.91
O2D NAD I . -14.92 21.10 15.64
C1D NAD I . -12.96 20.12 14.71
N1N NAD I . -13.49 19.45 13.53
C2N NAD I . -13.55 19.80 12.19
C3N NAD I . -13.90 18.85 11.13
C7N NAD I . -13.77 19.37 9.73
O7N NAD I . -14.39 18.85 8.79
N7N NAD I . -12.95 20.52 9.49
C4N NAD I . -14.44 17.52 11.47
C5N NAD I . -14.37 17.16 12.93
C6N NAD I . -13.97 18.17 13.95
N1 EPE J . 1.57 38.48 2.95
C2 EPE J . 1.14 38.68 4.37
C3 EPE J . 2.10 39.45 5.30
N4 EPE J . 3.27 40.11 4.63
C5 EPE J . 3.12 40.23 3.17
C6 EPE J . 3.00 38.77 2.71
C7 EPE J . 3.77 41.35 5.31
C8 EPE J . 2.80 42.54 5.42
O8 EPE J . 2.47 42.77 6.81
C9 EPE J . 1.04 37.28 2.27
C10 EPE J . 0.02 37.89 1.29
S EPE J . -1.06 36.91 0.45
O1S EPE J . -2.07 37.96 0.37
O2S EPE J . -1.14 35.83 1.41
O3S EPE J . -0.19 36.72 -0.70
S SO4 K . -12.25 13.52 -8.40
O1 SO4 K . -13.67 13.94 -8.68
O2 SO4 K . -12.08 12.07 -8.62
O3 SO4 K . -11.30 14.23 -9.29
O4 SO4 K . -11.87 13.83 -6.99
C LAC L . -17.84 17.61 10.63
CA LAC L . -17.96 18.67 11.71
CB LAC L . -17.65 18.11 13.10
O LAC L . -18.23 17.95 9.47
OHN LAC L . -17.06 19.76 11.43
OXT LAC L . -17.38 16.47 10.88
PA NAD M . 21.31 -5.49 -19.84
O1A NAD M . 22.42 -5.68 -20.85
O2A NAD M . 19.99 -5.98 -20.42
O5B NAD M . 21.20 -3.95 -19.52
C5B NAD M . 22.27 -3.11 -19.26
C4B NAD M . 22.07 -1.73 -19.66
O4B NAD M . 23.16 -0.93 -19.34
C3B NAD M . 21.89 -1.67 -21.14
O3B NAD M . 20.66 -1.06 -21.39
C2B NAD M . 22.99 -0.89 -21.59
O2B NAD M . 22.68 -0.12 -22.71
C1B NAD M . 23.26 -0.04 -20.39
N9A NAD M . 24.55 0.64 -20.40
C8A NAD M . 25.74 0.13 -20.80
N7A NAD M . 26.69 1.08 -20.69
C5A NAD M . 26.11 2.21 -20.21
C6A NAD M . 26.56 3.49 -19.89
N6A NAD M . 27.96 3.86 -20.07
N1A NAD M . 25.68 4.43 -19.43
C2A NAD M . 24.37 4.11 -19.27
N3A NAD M . 23.90 2.89 -19.57
C4A NAD M . 24.74 1.92 -20.04
O3 NAD M . 21.75 -6.25 -18.50
PN NAD M . 20.79 -6.49 -17.24
O1N NAD M . 19.76 -5.35 -17.22
O2N NAD M . 20.17 -7.86 -17.31
O5D NAD M . 21.79 -6.44 -16.06
C5D NAD M . 22.63 -5.36 -15.87
C4D NAD M . 23.61 -5.53 -14.85
O4D NAD M . 22.88 -5.92 -13.65
C3D NAD M . 24.57 -6.62 -15.14
O3D NAD M . 25.82 -6.27 -14.67
C2D NAD M . 24.08 -7.75 -14.37
O2D NAD M . 25.07 -8.62 -14.07
C1D NAD M . 23.62 -7.01 -13.14
N1N NAD M . 23.04 -7.83 -12.08
C2N NAD M . 23.38 -8.12 -10.74
C3N NAD M . 22.38 -8.62 -9.76
C7N NAD M . 22.80 -8.67 -8.32
O7N NAD M . 22.24 -9.46 -7.50
N7N NAD M . 23.88 -7.83 -7.85
C4N NAD M . 21.28 -9.49 -10.29
C5N NAD M . 21.09 -9.39 -11.76
C6N NAD M . 21.89 -8.44 -12.61
N1 EPE N . 36.96 10.00 1.90
C2 EPE N . 38.17 10.15 1.05
C3 EPE N . 38.07 11.09 -0.15
N4 EPE N . 36.95 12.07 -0.18
C5 EPE N . 36.15 12.31 1.05
C6 EPE N . 35.96 11.11 1.96
C7 EPE N . 37.33 13.36 -0.84
C8 EPE N . 36.88 13.11 -2.27
O8 EPE N . 37.16 14.18 -3.18
C9 EPE N . 36.37 8.63 1.85
C10 EPE N . 36.76 8.03 3.22
S EPE N . 36.28 6.44 3.57
O1S EPE N . 35.86 6.39 4.96
O2S EPE N . 35.36 6.24 2.49
O3S EPE N . 37.56 5.82 3.59
S SO4 O . 14.69 -10.22 8.93
O1 SO4 O . 13.22 -10.52 8.99
O2 SO4 O . 15.04 -9.58 7.66
O3 SO4 O . 15.10 -9.21 9.94
O4 SO4 O . 15.40 -11.53 9.07
C4 D3S P . 24.90 -17.15 -7.68
C14 D3S P . 23.11 -12.90 -14.63
C5 D3S P . 25.06 -16.48 -8.90
C6 D3S P . 24.28 -15.34 -9.17
C7 D3S P . 23.34 -14.87 -8.23
C9 D3S P . 22.61 -13.15 -10.37
C10 D3S P . 23.64 -12.39 -10.86
C12 D3S P . 23.82 -12.12 -12.34
C13 D3S P . 23.26 -13.30 -13.16
C3 D3S P . 23.98 -16.67 -6.74
CL1 D3S P . 22.06 -15.07 -5.72
C2 D3S P . 23.19 -15.55 -6.99
S8 D3S P . 22.35 -13.44 -8.65
O11 D3S P . 24.53 -11.84 -10.03
C15 D3S P . 23.90 -13.51 -15.62
C16 D3S P . 23.76 -13.18 -16.97
C17 D3S P . 22.80 -12.24 -17.37
C18 D3S P . 22.00 -11.62 -16.40
C19 D3S P . 22.14 -11.94 -15.04
O20 D3S P . 21.33 -11.30 -14.14
C21 D3S P . 24.18 -14.52 -12.95
C22 D3S P . 25.57 -14.38 -12.90
C23 D3S P . 26.39 -15.48 -12.67
C24 D3S P . 25.82 -16.74 -12.52
C25 D3S P . 24.44 -16.92 -12.56
C26 D3S P . 23.62 -15.81 -12.77
O27 D3S P . 21.90 -13.58 -12.66
C28 D3S P . 21.67 -13.76 -11.31
O29 D3S P . 20.75 -14.45 -10.90
PA NAD Q . 4.53 -11.35 -26.66
O1A NAD Q . 4.86 -11.97 -27.99
O2A NAD Q . 5.68 -10.67 -25.93
O5B NAD Q . 3.99 -12.52 -25.76
C5B NAD Q . 3.01 -13.42 -26.12
C4B NAD Q . 3.03 -14.61 -25.31
O4B NAD Q . 1.90 -15.40 -25.61
C3B NAD Q . 4.28 -15.42 -25.59
O3B NAD Q . 4.94 -15.78 -24.40
C2B NAD Q . 3.76 -16.54 -26.27
O2B NAD Q . 4.56 -17.69 -26.17
C1B NAD Q . 2.40 -16.70 -25.65
N9A NAD Q . 1.51 -17.63 -26.35
C8A NAD Q . 1.45 -17.86 -27.68
N7A NAD Q . 0.53 -18.82 -27.93
C5A NAD Q . 0.00 -19.23 -26.79
C6A NAD Q . -0.97 -20.17 -26.42
N6A NAD Q . -1.66 -20.97 -27.40
N1A NAD Q . -1.29 -20.35 -25.12
C2A NAD Q . -0.67 -19.62 -24.17
N3A NAD Q . 0.25 -18.70 -24.48
C4A NAD Q . 0.62 -18.48 -25.77
O3 NAD Q . 3.30 -10.34 -26.87
PN NAD Q . 3.03 -9.11 -25.88
O1N NAD Q . 3.19 -9.58 -24.45
O2N NAD Q . 3.91 -7.93 -26.19
O5D NAD Q . 1.53 -8.72 -26.19
C5D NAD Q . 0.49 -9.62 -26.02
C4D NAD Q . -0.79 -9.26 -26.55
O4D NAD Q . -1.25 -8.11 -25.78
C3D NAD Q . -0.78 -8.81 -27.98
O3D NAD Q . -1.95 -9.22 -28.60
C2D NAD Q . -0.73 -7.34 -27.89
O2D NAD Q . -1.18 -6.72 -28.99
C1D NAD Q . -1.66 -7.15 -26.72
N1N NAD Q . -1.91 -5.82 -26.19
C2N NAD Q . -3.07 -5.12 -25.93
C3N NAD Q . -3.13 -3.85 -25.20
C7N NAD Q . -4.50 -3.26 -25.10
O7N NAD Q . -4.64 -2.09 -24.73
N7N NAD Q . -5.67 -4.03 -25.43
C4N NAD Q . -1.88 -3.04 -25.09
C5N NAD Q . -0.63 -3.77 -25.48
C6N NAD Q . -0.64 -5.20 -25.92
C4 D3S R . -3.68 3.47 -30.71
C14 D3S R . 1.44 -2.99 -30.12
C5 D3S R . -3.07 2.25 -30.99
C6 D3S R . -2.75 1.35 -29.98
C7 D3S R . -3.03 1.64 -28.63
C9 D3S R . -1.45 -0.66 -28.05
C10 D3S R . -1.87 -1.83 -28.61
C12 D3S R . -0.92 -2.82 -29.22
C13 D3S R . 0.28 -2.05 -29.79
C3 D3S R . -3.97 3.79 -29.38
CL1 D3S R . -4.05 3.32 -26.72
C2 D3S R . -3.65 2.88 -28.36
S8 D3S R . -2.58 0.48 -27.33
O11 D3S R . -3.17 -2.13 -28.62
C15 D3S R . 1.90 -3.18 -31.44
C16 D3S R . 2.97 -4.04 -31.71
C17 D3S R . 3.62 -4.71 -30.65
C18 D3S R . 3.18 -4.54 -29.33
C19 D3S R . 2.10 -3.68 -29.05
O20 D3S R . 1.67 -3.51 -27.76
C21 D3S R . -0.19 -1.21 -30.98
C22 D3S R . -1.15 -1.69 -31.89
C23 D3S R . -1.61 -0.92 -32.97
C24 D3S R . -1.10 0.38 -33.16
C25 D3S R . -0.16 0.88 -32.25
C26 D3S R . 0.30 0.10 -31.17
O27 D3S R . 0.80 -1.26 -28.66
C28 D3S R . -0.02 -0.35 -28.06
O29 D3S R . 0.44 0.67 -27.56
S SO4 S . -12.38 8.74 -12.89
O1 SO4 S . -13.63 8.23 -12.30
O2 SO4 S . -12.66 9.73 -13.97
O3 SO4 S . -11.65 7.53 -13.40
O4 SO4 S . -11.58 9.41 -11.83
#